data_5QGG
# 
_entry.id   5QGG 
# 
_audit_conform.dict_name       mmcif_pdbx.dic 
_audit_conform.dict_version    5.381 
_audit_conform.dict_location   http://mmcif.pdb.org/dictionaries/ascii/mmcif_pdbx.dic 
# 
loop_
_database_2.database_id 
_database_2.database_code 
_database_2.pdbx_database_accession 
_database_2.pdbx_DOI 
PDB   5QGG         pdb_00005qgg 10.2210/pdb5qgg/pdb 
WWPDB D_1001401917 ?            ?                   
# 
_pdbx_database_status.entry_id                        5QGG 
_pdbx_database_status.status_code                     REL 
_pdbx_database_status.status_code_sf                  REL 
_pdbx_database_status.status_code_mr                  ? 
_pdbx_database_status.status_code_cs                  ? 
_pdbx_database_status.recvd_initial_deposition_date   2018-05-15 
_pdbx_database_status.deposit_site                    RCSB 
_pdbx_database_status.process_site                    RCSB 
_pdbx_database_status.SG_entry                        ? 
_pdbx_database_status.pdb_format_compatible           Y 
_pdbx_database_status.methods_development_category    ? 
_pdbx_database_status.status_code_nmr_data            ? 
# 
loop_
_audit_author.name 
_audit_author.pdbx_ordinal 
_audit_author.identifier_ORCID 
'Krojer, T.'         1  ? 
'Talon, R.'          2  ? 
'Fairhead, M.'       3  ? 
'Diaz Saez, L.'      4  ? 
'Bradley, A.R.'      5  ? 
'Aimon, A.'          6  ? 
'Collins, P.'        7  ? 
'Brandao-Neto, J.'   8  ? 
'Douangamath, A.'    9  ? 
'Ruda, G.F.'         10 ? 
'Szommer, T.'        11 ? 
'Srikannathasan, V.' 12 ? 
'Elkins, J.'         13 ? 
'Spencer, J.'        14 ? 
'London, N.'         15 ? 
'Nelson, A.'         16 ? 
'Brennan, P.E.'      17 ? 
'Huber, K.'          18 ? 
'Bountra, C.'        19 ? 
'Arrowsmith, C.H.'   20 ? 
'Edwards, A.'        21 ? 
'von Delft, F.'      22 ? 
# 
_citation.id                        primary 
_citation.title                     'PanDDA analysis group deposition of models with modelled events (e.g. bound ligands)' 
_citation.journal_abbrev            'To Be Published' 
_citation.journal_volume            ? 
_citation.page_first                ? 
_citation.page_last                 ? 
_citation.year                      ? 
_citation.journal_id_ASTM           ? 
_citation.country                   ? 
_citation.journal_id_ISSN           ? 
_citation.journal_id_CSD            0353 
_citation.book_publisher            ? 
_citation.pdbx_database_id_PubMed   ? 
_citation.pdbx_database_id_DOI      ? 
# 
loop_
_citation_author.citation_id 
_citation_author.name 
_citation_author.identifier_ORCID 
_citation_author.ordinal 
primary 'Krojer, T.'         ? 1  
primary 'Talon, R.'          ? 2  
primary 'Fairhead, M.'       ? 3  
primary 'Diaz Saez, L.'      ? 4  
primary 'Bradley, A.R.'      ? 5  
primary 'Aimon, A.'          ? 6  
primary 'Collins, P.'        ? 7  
primary 'Brandao-Neto, J.'   ? 8  
primary 'Douangamath, A.'    ? 9  
primary 'Ruda, G.F.'         ? 10 
primary 'Szommer, T.'        ? 11 
primary 'Srikannathasan, V.' ? 12 
primary 'Elkins, J.'         ? 13 
primary 'Spencer, J.'        ? 14 
primary 'London, N.'         ? 15 
primary 'Nelson, A.'         ? 16 
primary 'Brennan, P.E.'      ? 17 
primary 'Huber, K.'          ? 18 
primary 'Bountra, C.'        ? 19 
primary 'Arrowsmith, C.H.'   ? 20 
primary 'Edwards, A.'        ? 21 
primary 'von Delft, F.'      ? 22 
# 
_cell.entry_id           5QGG 
_cell.length_a           125.882 
_cell.length_b           125.882 
_cell.length_c           41.660 
_cell.angle_alpha        90.000 
_cell.angle_beta         90.000 
_cell.angle_gamma        120.000 
_cell.Z_PDB              6 
_cell.pdbx_unique_axis   ? 
# 
_symmetry.entry_id                         5QGG 
_symmetry.space_group_name_H-M             'P 3 2 1' 
_symmetry.pdbx_full_space_group_name_H-M   ? 
_symmetry.cell_setting                     ? 
_symmetry.Int_Tables_number                150 
# 
loop_
_entity.id 
_entity.type 
_entity.src_method 
_entity.pdbx_description 
_entity.formula_weight 
_entity.pdbx_number_of_molecules 
_entity.pdbx_ec 
_entity.pdbx_mutation 
_entity.pdbx_fragment 
_entity.details 
1 polymer     man 'Peroxisomal coenzyme A diphosphatase NUDT7'               22197.600 1   3.6.1.- ? ? ? 
2 non-polymer syn 'ACETATE ION'                                              59.044    2   ?       ? ? ? 
3 non-polymer syn 'DIMETHYL SULFOXIDE'                                       78.133    2   ?       ? ? ? 
4 non-polymer syn '(2S)-1-{[(5-methylthiophen-2-yl)methyl]amino}propan-2-ol' 185.286   1   ?       ? ? ? 
5 water       nat water                                                      18.015    166 ?       ? ? ? 
# 
_entity_name_com.entity_id   1 
_entity_name_com.name        'Nucleoside diphosphate-linked moiety X motif 7,Nudix motif 7' 
# 
_entity_poly.entity_id                      1 
_entity_poly.type                           'polypeptide(L)' 
_entity_poly.nstd_linkage                   no 
_entity_poly.nstd_monomer                   yes 
_entity_poly.pdbx_seq_one_letter_code       
;SMLDDAKARLRKYDIGGKYSHLPYNKYSVLLPLVAKEGKLHLLFTVRSEKLRRAPGEVCFPGGKRDPTDMDDAATALREA
QEEVGLR(HYP)HQVEVV(CSO)CLVPCLIDTDTLITPFVGLIDHNFQAQPNPAEVKDVFLVPLAYFLHPQVHDQHYVTR
LGHRFINHIFEYTNPEDGVTYQIKGMTANLAVLVAFIILEKKPT
;
_entity_poly.pdbx_seq_one_letter_code_can   
;SMLDDAKARLRKYDIGGKYSHLPYNKYSVLLPLVAKEGKLHLLFTVRSEKLRRAPGEVCFPGGKRDPTDMDDAATALREA
QEEVGLRPHQVEVVCCLVPCLIDTDTLITPFVGLIDHNFQAQPNPAEVKDVFLVPLAYFLHPQVHDQHYVTRLGHRFINH
IFEYTNPEDGVTYQIKGMTANLAVLVAFIILEKKPT
;
_entity_poly.pdbx_strand_id                 A 
_entity_poly.pdbx_target_identifier         ? 
# 
loop_
_entity_poly_seq.entity_id 
_entity_poly_seq.num 
_entity_poly_seq.mon_id 
_entity_poly_seq.hetero 
1 1   SER n 
1 2   MET n 
1 3   LEU n 
1 4   ASP n 
1 5   ASP n 
1 6   ALA n 
1 7   LYS n 
1 8   ALA n 
1 9   ARG n 
1 10  LEU n 
1 11  ARG n 
1 12  LYS n 
1 13  TYR n 
1 14  ASP n 
1 15  ILE n 
1 16  GLY n 
1 17  GLY n 
1 18  LYS n 
1 19  TYR n 
1 20  SER n 
1 21  HIS n 
1 22  LEU n 
1 23  PRO n 
1 24  TYR n 
1 25  ASN n 
1 26  LYS n 
1 27  TYR n 
1 28  SER n 
1 29  VAL n 
1 30  LEU n 
1 31  LEU n 
1 32  PRO n 
1 33  LEU n 
1 34  VAL n 
1 35  ALA n 
1 36  LYS n 
1 37  GLU n 
1 38  GLY n 
1 39  LYS n 
1 40  LEU n 
1 41  HIS n 
1 42  LEU n 
1 43  LEU n 
1 44  PHE n 
1 45  THR n 
1 46  VAL n 
1 47  ARG n 
1 48  SER n 
1 49  GLU n 
1 50  LYS n 
1 51  LEU n 
1 52  ARG n 
1 53  ARG n 
1 54  ALA n 
1 55  PRO n 
1 56  GLY n 
1 57  GLU n 
1 58  VAL n 
1 59  CYS n 
1 60  PHE n 
1 61  PRO n 
1 62  GLY n 
1 63  GLY n 
1 64  LYS n 
1 65  ARG n 
1 66  ASP n 
1 67  PRO n 
1 68  THR n 
1 69  ASP n 
1 70  MET n 
1 71  ASP n 
1 72  ASP n 
1 73  ALA n 
1 74  ALA n 
1 75  THR n 
1 76  ALA n 
1 77  LEU n 
1 78  ARG n 
1 79  GLU n 
1 80  ALA n 
1 81  GLN n 
1 82  GLU n 
1 83  GLU n 
1 84  VAL n 
1 85  GLY n 
1 86  LEU n 
1 87  ARG n 
1 88  HYP n 
1 89  HIS n 
1 90  GLN n 
1 91  VAL n 
1 92  GLU n 
1 93  VAL n 
1 94  VAL n 
1 95  CSO n 
1 96  CYS n 
1 97  LEU n 
1 98  VAL n 
1 99  PRO n 
1 100 CYS n 
1 101 LEU n 
1 102 ILE n 
1 103 ASP n 
1 104 THR n 
1 105 ASP n 
1 106 THR n 
1 107 LEU n 
1 108 ILE n 
1 109 THR n 
1 110 PRO n 
1 111 PHE n 
1 112 VAL n 
1 113 GLY n 
1 114 LEU n 
1 115 ILE n 
1 116 ASP n 
1 117 HIS n 
1 118 ASN n 
1 119 PHE n 
1 120 GLN n 
1 121 ALA n 
1 122 GLN n 
1 123 PRO n 
1 124 ASN n 
1 125 PRO n 
1 126 ALA n 
1 127 GLU n 
1 128 VAL n 
1 129 LYS n 
1 130 ASP n 
1 131 VAL n 
1 132 PHE n 
1 133 LEU n 
1 134 VAL n 
1 135 PRO n 
1 136 LEU n 
1 137 ALA n 
1 138 TYR n 
1 139 PHE n 
1 140 LEU n 
1 141 HIS n 
1 142 PRO n 
1 143 GLN n 
1 144 VAL n 
1 145 HIS n 
1 146 ASP n 
1 147 GLN n 
1 148 HIS n 
1 149 TYR n 
1 150 VAL n 
1 151 THR n 
1 152 ARG n 
1 153 LEU n 
1 154 GLY n 
1 155 HIS n 
1 156 ARG n 
1 157 PHE n 
1 158 ILE n 
1 159 ASN n 
1 160 HIS n 
1 161 ILE n 
1 162 PHE n 
1 163 GLU n 
1 164 TYR n 
1 165 THR n 
1 166 ASN n 
1 167 PRO n 
1 168 GLU n 
1 169 ASP n 
1 170 GLY n 
1 171 VAL n 
1 172 THR n 
1 173 TYR n 
1 174 GLN n 
1 175 ILE n 
1 176 LYS n 
1 177 GLY n 
1 178 MET n 
1 179 THR n 
1 180 ALA n 
1 181 ASN n 
1 182 LEU n 
1 183 ALA n 
1 184 VAL n 
1 185 LEU n 
1 186 VAL n 
1 187 ALA n 
1 188 PHE n 
1 189 ILE n 
1 190 ILE n 
1 191 LEU n 
1 192 GLU n 
1 193 LYS n 
1 194 LYS n 
1 195 PRO n 
1 196 THR n 
# 
_entity_src_gen.entity_id                          1 
_entity_src_gen.pdbx_src_id                        1 
_entity_src_gen.pdbx_alt_source_flag               sample 
_entity_src_gen.pdbx_seq_type                      'Biological sequence' 
_entity_src_gen.pdbx_beg_seq_num                   1 
_entity_src_gen.pdbx_end_seq_num                   196 
_entity_src_gen.gene_src_common_name               Human 
_entity_src_gen.gene_src_genus                     ? 
_entity_src_gen.pdbx_gene_src_gene                 NUDT7 
_entity_src_gen.gene_src_species                   ? 
_entity_src_gen.gene_src_strain                    ? 
_entity_src_gen.gene_src_tissue                    ? 
_entity_src_gen.gene_src_tissue_fraction           ? 
_entity_src_gen.gene_src_details                   ? 
_entity_src_gen.pdbx_gene_src_fragment             ? 
_entity_src_gen.pdbx_gene_src_scientific_name      'Homo sapiens' 
_entity_src_gen.pdbx_gene_src_ncbi_taxonomy_id     9606 
_entity_src_gen.pdbx_gene_src_variant              ? 
_entity_src_gen.pdbx_gene_src_cell_line            ? 
_entity_src_gen.pdbx_gene_src_atcc                 ? 
_entity_src_gen.pdbx_gene_src_organ                ? 
_entity_src_gen.pdbx_gene_src_organelle            ? 
_entity_src_gen.pdbx_gene_src_cell                 ? 
_entity_src_gen.pdbx_gene_src_cellular_location    ? 
_entity_src_gen.host_org_common_name               ? 
_entity_src_gen.pdbx_host_org_scientific_name      'Escherichia coli' 
_entity_src_gen.pdbx_host_org_ncbi_taxonomy_id     562 
_entity_src_gen.host_org_genus                     ? 
_entity_src_gen.pdbx_host_org_gene                 ? 
_entity_src_gen.pdbx_host_org_organ                ? 
_entity_src_gen.host_org_species                   ? 
_entity_src_gen.pdbx_host_org_tissue               ? 
_entity_src_gen.pdbx_host_org_tissue_fraction      ? 
_entity_src_gen.pdbx_host_org_strain               ? 
_entity_src_gen.pdbx_host_org_variant              ? 
_entity_src_gen.pdbx_host_org_cell_line            ? 
_entity_src_gen.pdbx_host_org_atcc                 ? 
_entity_src_gen.pdbx_host_org_culture_collection   ? 
_entity_src_gen.pdbx_host_org_cell                 ? 
_entity_src_gen.pdbx_host_org_organelle            ? 
_entity_src_gen.pdbx_host_org_cellular_location    ? 
_entity_src_gen.pdbx_host_org_vector_type          ? 
_entity_src_gen.pdbx_host_org_vector               ? 
_entity_src_gen.host_org_details                   ? 
_entity_src_gen.expression_system_id               ? 
_entity_src_gen.plasmid_name                       ? 
_entity_src_gen.plasmid_details                    ? 
_entity_src_gen.pdbx_description                   ? 
# 
_struct_ref.id                         1 
_struct_ref.db_name                    UNP 
_struct_ref.db_code                    NUDT7_HUMAN 
_struct_ref.pdbx_db_accession          P0C024 
_struct_ref.pdbx_db_isoform            ? 
_struct_ref.entity_id                  1 
_struct_ref.pdbx_seq_one_letter_code   
;SLLDDAKARLRKYDIGGKYSHLPYNKYSVLLPLVAKEGKLHLLFTVRSEKLRRAPGEVCFPGGKRDPTDMDDAATALREA
QEEVGLRPHQVEVVCCLVPCLIDTDTLITPFVGLIDHNFQAQPNPAEVKDVFLVPLAYFLHPQVHDQHYVTRLGHRFINH
IFEYTNPEDGVTYQIKGMTANLAVLVAFIILEKKPT
;
_struct_ref.pdbx_align_begin           14 
# 
_struct_ref_seq.align_id                      1 
_struct_ref_seq.ref_id                        1 
_struct_ref_seq.pdbx_PDB_id_code              5QGG 
_struct_ref_seq.pdbx_strand_id                A 
_struct_ref_seq.seq_align_beg                 1 
_struct_ref_seq.pdbx_seq_align_beg_ins_code   ? 
_struct_ref_seq.seq_align_end                 196 
_struct_ref_seq.pdbx_seq_align_end_ins_code   ? 
_struct_ref_seq.pdbx_db_accession             P0C024 
_struct_ref_seq.db_align_beg                  14 
_struct_ref_seq.pdbx_db_align_beg_ins_code    ? 
_struct_ref_seq.db_align_end                  209 
_struct_ref_seq.pdbx_db_align_end_ins_code    ? 
_struct_ref_seq.pdbx_auth_seq_align_beg       15 
_struct_ref_seq.pdbx_auth_seq_align_end       210 
# 
_struct_ref_seq_dif.align_id                     1 
_struct_ref_seq_dif.pdbx_pdb_id_code             5QGG 
_struct_ref_seq_dif.mon_id                       MET 
_struct_ref_seq_dif.pdbx_pdb_strand_id           A 
_struct_ref_seq_dif.seq_num                      2 
_struct_ref_seq_dif.pdbx_pdb_ins_code            ? 
_struct_ref_seq_dif.pdbx_seq_db_name             UNP 
_struct_ref_seq_dif.pdbx_seq_db_accession_code   P0C024 
_struct_ref_seq_dif.db_mon_id                    LEU 
_struct_ref_seq_dif.pdbx_seq_db_seq_num          15 
_struct_ref_seq_dif.details                      conflict 
_struct_ref_seq_dif.pdbx_auth_seq_num            16 
_struct_ref_seq_dif.pdbx_ordinal                 1 
# 
loop_
_chem_comp.id 
_chem_comp.type 
_chem_comp.mon_nstd_flag 
_chem_comp.name 
_chem_comp.pdbx_synonyms 
_chem_comp.formula 
_chem_comp.formula_weight 
ACT non-polymer         . 'ACETATE ION'                                              ?              'C2 H3 O2 -1'    59.044  
ALA 'L-peptide linking' y ALANINE                                                    ?              'C3 H7 N O2'     89.093  
ARG 'L-peptide linking' y ARGININE                                                   ?              'C6 H15 N4 O2 1' 175.209 
ASN 'L-peptide linking' y ASPARAGINE                                                 ?              'C4 H8 N2 O3'    132.118 
ASP 'L-peptide linking' y 'ASPARTIC ACID'                                            ?              'C4 H7 N O4'     133.103 
CSO 'L-peptide linking' n S-HYDROXYCYSTEINE                                          ?              'C3 H7 N O3 S'   137.158 
CYS 'L-peptide linking' y CYSTEINE                                                   ?              'C3 H7 N O2 S'   121.158 
DMS non-polymer         . 'DIMETHYL SULFOXIDE'                                       ?              'C2 H6 O S'      78.133  
GLN 'L-peptide linking' y GLUTAMINE                                                  ?              'C5 H10 N2 O3'   146.144 
GLU 'L-peptide linking' y 'GLUTAMIC ACID'                                            ?              'C5 H9 N O4'     147.129 
GLY 'peptide linking'   y GLYCINE                                                    ?              'C2 H5 N O2'     75.067  
H2G non-polymer         . '(2S)-1-{[(5-methylthiophen-2-yl)methyl]amino}propan-2-ol' ?              'C9 H15 N O S'   185.286 
HIS 'L-peptide linking' y HISTIDINE                                                  ?              'C6 H10 N3 O2 1' 156.162 
HOH non-polymer         . WATER                                                      ?              'H2 O'           18.015  
HYP 'L-peptide linking' n 4-HYDROXYPROLINE                                           HYDROXYPROLINE 'C5 H9 N O3'     131.130 
ILE 'L-peptide linking' y ISOLEUCINE                                                 ?              'C6 H13 N O2'    131.173 
LEU 'L-peptide linking' y LEUCINE                                                    ?              'C6 H13 N O2'    131.173 
LYS 'L-peptide linking' y LYSINE                                                     ?              'C6 H15 N2 O2 1' 147.195 
MET 'L-peptide linking' y METHIONINE                                                 ?              'C5 H11 N O2 S'  149.211 
PHE 'L-peptide linking' y PHENYLALANINE                                              ?              'C9 H11 N O2'    165.189 
PRO 'L-peptide linking' y PROLINE                                                    ?              'C5 H9 N O2'     115.130 
SER 'L-peptide linking' y SERINE                                                     ?              'C3 H7 N O3'     105.093 
THR 'L-peptide linking' y THREONINE                                                  ?              'C4 H9 N O3'     119.119 
TYR 'L-peptide linking' y TYROSINE                                                   ?              'C9 H11 N O3'    181.189 
VAL 'L-peptide linking' y VALINE                                                     ?              'C5 H11 N O2'    117.146 
# 
_exptl.crystals_number   1 
_exptl.entry_id          5QGG 
_exptl.method            'X-RAY DIFFRACTION' 
# 
_exptl_crystal.id                    1 
_exptl_crystal.pdbx_mosaicity        0.050 
_exptl_crystal.pdbx_mosaicity_esd    ? 
_exptl_crystal.density_Matthews      4.29 
_exptl_crystal.density_diffrn        ? 
_exptl_crystal.density_meas          ? 
_exptl_crystal.density_meas_temp     ? 
_exptl_crystal.density_percent_sol   71.35 
_exptl_crystal.size_max              ? 
_exptl_crystal.size_mid              ? 
_exptl_crystal.size_min              ? 
_exptl_crystal.size_rad              ? 
_exptl_crystal.description           ? 
# 
_exptl_crystal_grow.crystal_id      1 
_exptl_crystal_grow.method          'VAPOR DIFFUSION, SITTING DROP' 
_exptl_crystal_grow.pH              5.5 
_exptl_crystal_grow.temp            293 
_exptl_crystal_grow.pdbx_details    '0.1M bis-tris pH 5.5 -- 0.1M ammonium acetate -- 5%(w/v) PEG10K' 
_exptl_crystal_grow.temp_details    ? 
_exptl_crystal_grow.pdbx_pH_range   ? 
# 
_diffrn.id                     1 
_diffrn.ambient_temp           100 
_diffrn.crystal_id             1 
_diffrn.ambient_temp_details   ? 
# 
_diffrn_detector.detector               PIXEL 
_diffrn_detector.type                   'DECTRIS PILATUS 6M' 
_diffrn_detector.pdbx_collection_date   2017-05-11 
_diffrn_detector.diffrn_id              1 
_diffrn_detector.details                ? 
# 
_diffrn_radiation.diffrn_id                        1 
_diffrn_radiation.wavelength_id                    1 
_diffrn_radiation.pdbx_diffrn_protocol             'SINGLE WAVELENGTH' 
_diffrn_radiation.pdbx_monochromatic_or_laue_m_l   ? 
_diffrn_radiation.monochromator                    ? 
_diffrn_radiation.pdbx_scattering_type             x-ray 
# 
_diffrn_radiation_wavelength.id           1 
_diffrn_radiation_wavelength.wavelength   0.92819 
_diffrn_radiation_wavelength.wt           1.0 
# 
_diffrn_source.diffrn_id                   1 
_diffrn_source.source                      SYNCHROTRON 
_diffrn_source.type                        'DIAMOND BEAMLINE I04-1' 
_diffrn_source.pdbx_wavelength_list        0.92819 
_diffrn_source.pdbx_synchrotron_site       Diamond 
_diffrn_source.pdbx_synchrotron_beamline   I04-1 
_diffrn_source.pdbx_wavelength             ? 
# 
_reflns.entry_id                     5QGG 
_reflns.pdbx_diffrn_id               1 
_reflns.pdbx_ordinal                 1 
_reflns.observed_criterion_sigma_I   ? 
_reflns.observed_criterion_sigma_F   ? 
_reflns.d_resolution_low             29.300 
_reflns.d_resolution_high            1.910 
_reflns.number_obs                   29666 
_reflns.number_all                   ? 
_reflns.percent_possible_obs         99.900 
_reflns.pdbx_Rmerge_I_obs            0.080 
_reflns.pdbx_Rsym_value              ? 
_reflns.pdbx_netI_over_sigmaI        18.200 
_reflns.B_iso_Wilson_estimate        ? 
_reflns.pdbx_redundancy              10.200 
_reflns.pdbx_Rrim_I_all              0.084 
_reflns.pdbx_Rpim_I_all              0.026 
_reflns.pdbx_CC_half                 0.999 
_reflns.pdbx_netI_over_av_sigmaI     ? 
_reflns.pdbx_number_measured_all     302407 
_reflns.pdbx_scaling_rejects         0 
_reflns.pdbx_chi_squared             ? 
_reflns.Rmerge_F_all                 ? 
_reflns.Rmerge_F_obs                 ? 
_reflns.observed_criterion_F_max     ? 
_reflns.observed_criterion_F_min     ? 
_reflns.observed_criterion_I_max     ? 
_reflns.observed_criterion_I_min     ? 
_reflns.pdbx_d_res_high_opt          ? 
_reflns.pdbx_d_res_low_opt           ? 
_reflns.details                      ? 
# 
loop_
_reflns_shell.pdbx_diffrn_id 
_reflns_shell.pdbx_ordinal 
_reflns_shell.d_res_high 
_reflns_shell.d_res_low 
_reflns_shell.number_measured_obs 
_reflns_shell.number_measured_all 
_reflns_shell.number_unique_obs 
_reflns_shell.pdbx_rejects 
_reflns_shell.Rmerge_I_obs 
_reflns_shell.meanI_over_sigI_obs 
_reflns_shell.pdbx_Rsym_value 
_reflns_shell.pdbx_chi_squared 
_reflns_shell.pdbx_redundancy 
_reflns_shell.percent_possible_obs 
_reflns_shell.pdbx_netI_over_sigmaI_obs 
_reflns_shell.number_possible 
_reflns_shell.number_unique_all 
_reflns_shell.Rmerge_F_all 
_reflns_shell.Rmerge_F_obs 
_reflns_shell.Rmerge_I_all 
_reflns_shell.meanI_over_sigI_all 
_reflns_shell.percent_possible_all 
_reflns_shell.pdbx_Rrim_I_all 
_reflns_shell.pdbx_Rpim_I_all 
_reflns_shell.pdbx_CC_half 
1 1 1.910 1.960  ? 22084 ? ? 0.930 ? ? ? 10.200 ? 2.400  ? 2155 ? ? ? ? 99.400 0.979 0.303 0.850 
1 2 8.540 29.300 ? 3542  ? ? 0.034 ? ? ? 9.800  ? 62.500 ? 362  ? ? ? ? 97.600 0.036 0.012 0.998 
# 
_refine.entry_id                                 5QGG 
_refine.pdbx_refine_id                           'X-RAY DIFFRACTION' 
_refine.ls_d_res_high                            1.9100 
_refine.ls_d_res_low                             109.0900 
_refine.pdbx_ls_sigma_F                          0.000 
_refine.pdbx_data_cutoff_high_absF               ? 
_refine.pdbx_data_cutoff_low_absF                ? 
_refine.ls_percent_reflns_obs                    99.8900 
_refine.ls_number_reflns_obs                     28185 
_refine.ls_number_reflns_all                     ? 
_refine.pdbx_ls_cross_valid_method               THROUGHOUT 
_refine.ls_matrix_type                           ? 
_refine.pdbx_R_Free_selection_details            RANDOM 
_refine.details                                  
'HYDROGENS HAVE BEEN ADDED IN THE RIDING POSITIONS U VALUES      : REFINED INDIVIDUALLY' 
_refine.ls_R_factor_all                          ? 
_refine.ls_R_factor_obs                          0.1918 
_refine.ls_R_factor_R_work                       0.1901 
_refine.ls_wR_factor_R_work                      ? 
_refine.ls_R_factor_R_free                       0.2236 
_refine.ls_wR_factor_R_free                      ? 
_refine.ls_percent_reflns_R_free                 5.0000 
_refine.ls_number_reflns_R_free                  1479 
_refine.ls_number_reflns_R_work                  ? 
_refine.ls_R_factor_R_free_error                 ? 
_refine.B_iso_mean                               36.7710 
_refine.solvent_model_param_bsol                 ? 
_refine.solvent_model_param_ksol                 ? 
_refine.pdbx_isotropic_thermal_model             ? 
_refine.aniso_B[1][1]                            0.2800 
_refine.aniso_B[2][2]                            0.2800 
_refine.aniso_B[3][3]                            -0.9200 
_refine.aniso_B[1][2]                            0.1400 
_refine.aniso_B[1][3]                            0.0000 
_refine.aniso_B[2][3]                            -0.0000 
_refine.correlation_coeff_Fo_to_Fc               0.9570 
_refine.correlation_coeff_Fo_to_Fc_free          0.9430 
_refine.overall_SU_R_Cruickshank_DPI             ? 
_refine.pdbx_overall_SU_R_free_Cruickshank_DPI   ? 
_refine.pdbx_overall_SU_R_Blow_DPI               ? 
_refine.pdbx_overall_SU_R_free_Blow_DPI          ? 
_refine.overall_SU_R_free                        ? 
_refine.pdbx_overall_ESU_R                       0.1030 
_refine.pdbx_overall_ESU_R_Free                  0.1060 
_refine.overall_SU_ML                            0.0750 
_refine.overall_SU_B                             2.5680 
_refine.solvent_model_details                    MASK 
_refine.pdbx_solvent_vdw_probe_radii             1.2000 
_refine.pdbx_solvent_ion_probe_radii             0.8000 
_refine.pdbx_solvent_shrinkage_radii             0.8000 
_refine.ls_number_parameters                     ? 
_refine.ls_number_restraints                     ? 
_refine.pdbx_starting_model                      5T3P 
_refine.pdbx_method_to_determine_struct          'FOURIER SYNTHESIS' 
_refine.pdbx_stereochemistry_target_values       'MAXIMUM LIKELIHOOD' 
_refine.pdbx_stereochem_target_val_spec_case     ? 
_refine.overall_FOM_work_R_set                   ? 
_refine.B_iso_max                                115.130 
_refine.B_iso_min                                19.660 
_refine.pdbx_overall_phase_error                 ? 
_refine.occupancy_max                            ? 
_refine.occupancy_min                            ? 
_refine.pdbx_diffrn_id                           1 
_refine.pdbx_TLS_residual_ADP_flag               ? 
_refine.pdbx_ls_sigma_I                          ? 
_refine.pdbx_data_cutoff_high_rms_absF           ? 
_refine.ls_R_factor_R_free_error_details         ? 
# 
_refine_hist.cycle_id                         final 
_refine_hist.pdbx_refine_id                   'X-RAY DIFFRACTION' 
_refine_hist.d_res_high                       1.9100 
_refine_hist.d_res_low                        109.0900 
_refine_hist.pdbx_number_atoms_ligand         28 
_refine_hist.number_atoms_solvent             166 
_refine_hist.number_atoms_total               1661 
_refine_hist.pdbx_number_residues_total       186 
_refine_hist.pdbx_B_iso_mean_ligand           53.58 
_refine_hist.pdbx_B_iso_mean_solvent          46.98 
_refine_hist.pdbx_number_atoms_protein        1467 
_refine_hist.pdbx_number_atoms_nucleic_acid   0 
# 
loop_
_refine_ls_restr.pdbx_refine_id 
_refine_ls_restr.type 
_refine_ls_restr.number 
_refine_ls_restr.dev_ideal 
_refine_ls_restr.dev_ideal_target 
_refine_ls_restr.weight 
_refine_ls_restr.pdbx_restraint_function 
'X-RAY DIFFRACTION' r_bond_refined_d       1534 0.014  0.019  ? ? 
'X-RAY DIFFRACTION' r_bond_other_d         1466 0.002  0.020  ? ? 
'X-RAY DIFFRACTION' r_angle_refined_deg    2081 1.688  2.004  ? ? 
'X-RAY DIFFRACTION' r_angle_other_deg      3399 0.974  3.000  ? ? 
'X-RAY DIFFRACTION' r_dihedral_angle_1_deg 186  5.858  5.000  ? ? 
'X-RAY DIFFRACTION' r_dihedral_angle_2_deg 66   30.913 24.242 ? ? 
'X-RAY DIFFRACTION' r_dihedral_angle_3_deg 255  13.365 15.000 ? ? 
'X-RAY DIFFRACTION' r_dihedral_angle_4_deg 8    16.783 15.000 ? ? 
'X-RAY DIFFRACTION' r_chiral_restr         239  0.108  0.200  ? ? 
'X-RAY DIFFRACTION' r_gen_planes_refined   1696 0.007  0.021  ? ? 
'X-RAY DIFFRACTION' r_gen_planes_other     288  0.001  0.020  ? ? 
'X-RAY DIFFRACTION' r_mcbond_it            749  2.555  3.274  ? ? 
'X-RAY DIFFRACTION' r_mcbond_other         746  2.552  3.261  ? ? 
'X-RAY DIFFRACTION' r_mcangle_it           932  3.711  4.860  ? ? 
# 
_refine_ls_shell.d_res_high                       1.9090 
_refine_ls_shell.d_res_low                        1.9590 
_refine_ls_shell.pdbx_total_number_of_bins_used   20 
_refine_ls_shell.percent_reflns_obs               99.3500 
_refine_ls_shell.number_reflns_R_work             2026 
_refine_ls_shell.R_factor_all                     ? 
_refine_ls_shell.R_factor_R_work                  0.2690 
_refine_ls_shell.R_factor_R_free                  0.3340 
_refine_ls_shell.percent_reflns_R_free            ? 
_refine_ls_shell.number_reflns_R_free             126 
_refine_ls_shell.R_factor_R_free_error            ? 
_refine_ls_shell.number_reflns_all                2152 
_refine_ls_shell.number_reflns_obs                ? 
_refine_ls_shell.pdbx_refine_id                   'X-RAY DIFFRACTION' 
# 
_struct.entry_id                  5QGG 
_struct.title                     
;PanDDA analysis group deposition of models with modelled events (e.g. bound ligands) -- Crystal Structure of NUDT7 in complex with FMOPL000693a
;
_struct.pdbx_model_details        ? 
_struct.pdbx_CASP_flag            ? 
_struct.pdbx_model_type_details   ? 
# 
_struct_keywords.entry_id        5QGG 
_struct_keywords.text            'PanDDA, SGC - Diamond I04-1 fragment screening, NUDIX domain, XChemExplorer, HYDROLASE' 
_struct_keywords.pdbx_keywords   HYDROLASE 
# 
loop_
_struct_asym.id 
_struct_asym.pdbx_blank_PDB_chainid_flag 
_struct_asym.pdbx_modified 
_struct_asym.entity_id 
_struct_asym.details 
A N N 1 ? 
B N N 2 ? 
C N N 2 ? 
D N N 3 ? 
E N N 3 ? 
F N N 4 ? 
G N N 5 ? 
# 
loop_
_struct_conf.conf_type_id 
_struct_conf.id 
_struct_conf.pdbx_PDB_helix_id 
_struct_conf.beg_label_comp_id 
_struct_conf.beg_label_asym_id 
_struct_conf.beg_label_seq_id 
_struct_conf.pdbx_beg_PDB_ins_code 
_struct_conf.end_label_comp_id 
_struct_conf.end_label_asym_id 
_struct_conf.end_label_seq_id 
_struct_conf.pdbx_end_PDB_ins_code 
_struct_conf.beg_auth_comp_id 
_struct_conf.beg_auth_asym_id 
_struct_conf.beg_auth_seq_id 
_struct_conf.end_auth_comp_id 
_struct_conf.end_auth_asym_id 
_struct_conf.end_auth_seq_id 
_struct_conf.pdbx_PDB_helix_class 
_struct_conf.details 
_struct_conf.pdbx_PDB_helix_length 
HELX_P HELX_P1 AA1 SER A 1   ? LYS A 12  ? SER A 15  LYS A 26  1 ? 12 
HELX_P HELX_P2 AA2 ASP A 71  ? GLY A 85  ? ASP A 85  GLY A 99  1 ? 15 
HELX_P HELX_P3 AA3 ARG A 87  ? HIS A 89  ? ARG A 101 HIS A 103 5 ? 3  
HELX_P HELX_P4 AA4 ALA A 137 ? HIS A 141 ? ALA A 151 HIS A 155 5 ? 5  
HELX_P HELX_P5 AA5 LYS A 176 ? GLU A 192 ? LYS A 190 GLU A 206 1 ? 17 
# 
_struct_conf_type.id          HELX_P 
_struct_conf_type.criteria    ? 
_struct_conf_type.reference   ? 
# 
loop_
_struct_conn.id 
_struct_conn.conn_type_id 
_struct_conn.pdbx_leaving_atom_flag 
_struct_conn.pdbx_PDB_id 
_struct_conn.ptnr1_label_asym_id 
_struct_conn.ptnr1_label_comp_id 
_struct_conn.ptnr1_label_seq_id 
_struct_conn.ptnr1_label_atom_id 
_struct_conn.pdbx_ptnr1_label_alt_id 
_struct_conn.pdbx_ptnr1_PDB_ins_code 
_struct_conn.pdbx_ptnr1_standard_comp_id 
_struct_conn.ptnr1_symmetry 
_struct_conn.ptnr2_label_asym_id 
_struct_conn.ptnr2_label_comp_id 
_struct_conn.ptnr2_label_seq_id 
_struct_conn.ptnr2_label_atom_id 
_struct_conn.pdbx_ptnr2_label_alt_id 
_struct_conn.pdbx_ptnr2_PDB_ins_code 
_struct_conn.ptnr1_auth_asym_id 
_struct_conn.ptnr1_auth_comp_id 
_struct_conn.ptnr1_auth_seq_id 
_struct_conn.ptnr2_auth_asym_id 
_struct_conn.ptnr2_auth_comp_id 
_struct_conn.ptnr2_auth_seq_id 
_struct_conn.ptnr2_symmetry 
_struct_conn.pdbx_ptnr3_label_atom_id 
_struct_conn.pdbx_ptnr3_label_seq_id 
_struct_conn.pdbx_ptnr3_label_comp_id 
_struct_conn.pdbx_ptnr3_label_asym_id 
_struct_conn.pdbx_ptnr3_label_alt_id 
_struct_conn.pdbx_ptnr3_PDB_ins_code 
_struct_conn.details 
_struct_conn.pdbx_dist_value 
_struct_conn.pdbx_value_order 
_struct_conn.pdbx_role 
covale1 covale both ? A ARG 87 C ? ? ? 1_555 A HYP 88 N ? ? A ARG 101 A HYP 102 1_555 ? ? ? ? ? ? ? 1.346 ? ? 
covale2 covale both ? A HYP 88 C ? ? ? 1_555 A HIS 89 N ? ? A HYP 102 A HIS 103 1_555 ? ? ? ? ? ? ? 1.333 ? ? 
covale3 covale both ? A VAL 94 C ? ? ? 1_555 A CSO 95 N ? ? A VAL 108 A CSO 109 1_555 ? ? ? ? ? ? ? 1.326 ? ? 
covale4 covale both ? A CSO 95 C ? ? ? 1_555 A CYS 96 N ? ? A CSO 109 A CYS 110 1_555 ? ? ? ? ? ? ? 1.319 ? ? 
# 
_struct_conn_type.id          covale 
_struct_conn_type.criteria    ? 
_struct_conn_type.reference   ? 
# 
loop_
_struct_sheet.id 
_struct_sheet.type 
_struct_sheet.number_strands 
_struct_sheet.details 
AA1 ? 4 ? 
AA2 ? 4 ? 
AA3 ? 3 ? 
AA4 ? 3 ? 
# 
loop_
_struct_sheet_order.sheet_id 
_struct_sheet_order.range_id_1 
_struct_sheet_order.range_id_2 
_struct_sheet_order.offset 
_struct_sheet_order.sense 
AA1 1 2 ? anti-parallel 
AA1 2 3 ? parallel      
AA1 3 4 ? anti-parallel 
AA2 1 2 ? anti-parallel 
AA2 2 3 ? parallel      
AA2 3 4 ? anti-parallel 
AA3 1 2 ? anti-parallel 
AA3 2 3 ? anti-parallel 
AA4 1 2 ? anti-parallel 
AA4 2 3 ? anti-parallel 
# 
loop_
_struct_sheet_range.sheet_id 
_struct_sheet_range.id 
_struct_sheet_range.beg_label_comp_id 
_struct_sheet_range.beg_label_asym_id 
_struct_sheet_range.beg_label_seq_id 
_struct_sheet_range.pdbx_beg_PDB_ins_code 
_struct_sheet_range.end_label_comp_id 
_struct_sheet_range.end_label_asym_id 
_struct_sheet_range.end_label_seq_id 
_struct_sheet_range.pdbx_end_PDB_ins_code 
_struct_sheet_range.beg_auth_comp_id 
_struct_sheet_range.beg_auth_asym_id 
_struct_sheet_range.beg_auth_seq_id 
_struct_sheet_range.end_auth_comp_id 
_struct_sheet_range.end_auth_asym_id 
_struct_sheet_range.end_auth_seq_id 
AA1 1 VAL A 91  ? CYS A 96  ? VAL A 105 CYS A 110 
AA1 2 THR A 106 ? ILE A 115 ? THR A 120 ILE A 129 
AA1 3 ASN A 25  ? LYS A 36  ? ASN A 39  LYS A 50  
AA1 4 LYS A 39  ? ARG A 47  ? LYS A 53  ARG A 61  
AA2 1 CYS A 100 ? ILE A 102 ? CYS A 114 ILE A 116 
AA2 2 THR A 106 ? ILE A 115 ? THR A 120 ILE A 129 
AA2 3 ASN A 25  ? LYS A 36  ? ASN A 39  LYS A 50  
AA2 4 GLY A 62  ? LYS A 64  ? GLY A 76  LYS A 78  
AA3 1 VAL A 128 ? PRO A 135 ? VAL A 142 PRO A 149 
AA3 2 LYS A 39  ? ARG A 47  ? LYS A 53  ARG A 61  
AA3 3 VAL A 58  ? CYS A 59  ? VAL A 72  CYS A 73  
AA4 1 VAL A 144 ? ASP A 146 ? VAL A 158 ASP A 160 
AA4 2 HIS A 160 ? THR A 165 ? HIS A 174 THR A 179 
AA4 3 THR A 172 ? ILE A 175 ? THR A 186 ILE A 189 
# 
loop_
_pdbx_struct_sheet_hbond.sheet_id 
_pdbx_struct_sheet_hbond.range_id_1 
_pdbx_struct_sheet_hbond.range_id_2 
_pdbx_struct_sheet_hbond.range_1_label_atom_id 
_pdbx_struct_sheet_hbond.range_1_label_comp_id 
_pdbx_struct_sheet_hbond.range_1_label_asym_id 
_pdbx_struct_sheet_hbond.range_1_label_seq_id 
_pdbx_struct_sheet_hbond.range_1_PDB_ins_code 
_pdbx_struct_sheet_hbond.range_1_auth_atom_id 
_pdbx_struct_sheet_hbond.range_1_auth_comp_id 
_pdbx_struct_sheet_hbond.range_1_auth_asym_id 
_pdbx_struct_sheet_hbond.range_1_auth_seq_id 
_pdbx_struct_sheet_hbond.range_2_label_atom_id 
_pdbx_struct_sheet_hbond.range_2_label_comp_id 
_pdbx_struct_sheet_hbond.range_2_label_asym_id 
_pdbx_struct_sheet_hbond.range_2_label_seq_id 
_pdbx_struct_sheet_hbond.range_2_PDB_ins_code 
_pdbx_struct_sheet_hbond.range_2_auth_atom_id 
_pdbx_struct_sheet_hbond.range_2_auth_comp_id 
_pdbx_struct_sheet_hbond.range_2_auth_asym_id 
_pdbx_struct_sheet_hbond.range_2_auth_seq_id 
AA1 1 2 N VAL A 94  ? N VAL A 108 O VAL A 112 ? O VAL A 126 
AA1 2 3 O PHE A 111 ? O PHE A 125 N LEU A 31  ? N LEU A 45  
AA1 3 4 N LYS A 36  ? N LYS A 50  O LYS A 39  ? O LYS A 53  
AA2 1 2 N CYS A 100 ? N CYS A 114 O ILE A 108 ? O ILE A 122 
AA2 2 3 O PHE A 111 ? O PHE A 125 N LEU A 31  ? N LEU A 45  
AA2 3 4 N SER A 28  ? N SER A 42  O GLY A 63  ? O GLY A 77  
AA3 1 2 O PHE A 132 ? O PHE A 146 N PHE A 44  ? N PHE A 58  
AA3 2 3 N THR A 45  ? N THR A 59  O CYS A 59  ? O CYS A 73  
AA4 1 2 N HIS A 145 ? N HIS A 159 O ILE A 161 ? O ILE A 175 
AA4 2 3 N TYR A 164 ? N TYR A 178 O TYR A 173 ? O TYR A 187 
# 
loop_
_struct_site.id 
_struct_site.pdbx_evidence_code 
_struct_site.pdbx_auth_asym_id 
_struct_site.pdbx_auth_comp_id 
_struct_site.pdbx_auth_seq_id 
_struct_site.pdbx_auth_ins_code 
_struct_site.pdbx_num_residues 
_struct_site.details 
AC1 Software A ACT 301 ? 5 'binding site for residue ACT A 301' 
AC2 Software A ACT 302 ? 4 'binding site for residue ACT A 302' 
AC3 Software A DMS 303 ? 6 'binding site for residue DMS A 303' 
AC4 Software A DMS 304 ? 3 'binding site for residue DMS A 304' 
AC5 Software A H2G 305 ? 7 'binding site for residue H2G A 305' 
# 
loop_
_struct_site_gen.id 
_struct_site_gen.site_id 
_struct_site_gen.pdbx_num_res 
_struct_site_gen.label_comp_id 
_struct_site_gen.label_asym_id 
_struct_site_gen.label_seq_id 
_struct_site_gen.pdbx_auth_ins_code 
_struct_site_gen.auth_comp_id 
_struct_site_gen.auth_asym_id 
_struct_site_gen.auth_seq_id 
_struct_site_gen.label_atom_id 
_struct_site_gen.label_alt_id 
_struct_site_gen.symmetry 
_struct_site_gen.details 
1  AC1 5 GLY A 56  ? GLY A 70  . ? 1_555 ? 
2  AC1 5 VAL A 58  ? VAL A 72  . ? 1_555 ? 
3  AC1 5 TYR A 173 ? TYR A 187 . ? 1_555 ? 
4  AC1 5 GLN A 174 ? GLN A 188 . ? 1_555 ? 
5  AC1 5 HOH G .   ? HOH A 489 . ? 1_555 ? 
6  AC2 4 HYP A 88  ? HYP A 102 . ? 1_555 ? 
7  AC2 4 HIS A 89  ? HIS A 103 . ? 1_555 ? 
8  AC2 4 VAL A 91  ? VAL A 105 . ? 1_555 ? 
9  AC2 4 HOH G .   ? HOH A 499 . ? 1_555 ? 
10 AC3 6 GLY A 85  ? GLY A 99  . ? 1_555 ? 
11 AC3 6 ARG A 87  ? ARG A 101 . ? 1_555 ? 
12 AC3 6 GLN A 90  ? GLN A 104 . ? 1_555 ? 
13 AC3 6 PHE A 119 ? PHE A 133 . ? 1_555 ? 
14 AC3 6 GLN A 120 ? GLN A 134 . ? 1_555 ? 
15 AC3 6 GLN A 122 ? GLN A 136 . ? 1_555 ? 
16 AC4 3 ASP A 116 ? ASP A 130 . ? 1_555 ? 
17 AC4 3 HIS A 117 ? HIS A 131 . ? 1_555 ? 
18 AC4 3 ASP A 130 ? ASP A 144 . ? 2_545 ? 
19 AC5 7 CYS A 59  ? CYS A 73  . ? 1_555 ? 
20 AC5 7 PHE A 60  ? PHE A 74  . ? 1_555 ? 
21 AC5 7 GLY A 62  ? GLY A 76  . ? 1_555 ? 
22 AC5 7 GLY A 63  ? GLY A 77  . ? 1_555 ? 
23 AC5 7 MET A 178 ? MET A 192 . ? 1_555 ? 
24 AC5 7 THR A 179 ? THR A 193 . ? 1_555 ? 
25 AC5 7 HOH G .   ? HOH A 529 . ? 1_555 ? 
# 
_atom_sites.entry_id                    5QGG 
_atom_sites.fract_transf_matrix[1][1]   0.00740511 
_atom_sites.fract_transf_matrix[1][2]   -0.00359751 
_atom_sites.fract_transf_matrix[1][3]   -0.00404484 
_atom_sites.fract_transf_matrix[2][1]   0.00833241 
_atom_sites.fract_transf_matrix[2][2]   0.00334324 
_atom_sites.fract_transf_matrix[2][3]   0.00188085 
_atom_sites.fract_transf_matrix[3][1]   0.00222563 
_atom_sites.fract_transf_matrix[3][2]   -0.01569004 
_atom_sites.fract_transf_matrix[3][3]   0.01802945 
_atom_sites.fract_transf_vector[1]      0.136405 
_atom_sites.fract_transf_vector[2]      -0.434815 
_atom_sites.fract_transf_vector[3]      1.979761 
# 
loop_
_atom_type.symbol 
C 
N 
O 
S 
# 
loop_
_atom_site.group_PDB 
_atom_site.id 
_atom_site.type_symbol 
_atom_site.label_atom_id 
_atom_site.label_alt_id 
_atom_site.label_comp_id 
_atom_site.label_asym_id 
_atom_site.label_entity_id 
_atom_site.label_seq_id 
_atom_site.pdbx_PDB_ins_code 
_atom_site.Cartn_x 
_atom_site.Cartn_y 
_atom_site.Cartn_z 
_atom_site.occupancy 
_atom_site.B_iso_or_equiv 
_atom_site.pdbx_formal_charge 
_atom_site.auth_seq_id 
_atom_site.auth_comp_id 
_atom_site.auth_asym_id 
_atom_site.auth_atom_id 
_atom_site.pdbx_PDB_model_num 
ATOM   1    N N   . SER A 1 1   ? -3.201  -22.720 -2.943  1.00 51.96  ? 15  SER A N   1 
ATOM   2    C CA  . SER A 1 1   ? -1.823  -22.162 -2.812  1.00 50.28  ? 15  SER A CA  1 
ATOM   3    C C   . SER A 1 1   ? -1.856  -20.868 -1.966  1.00 49.88  ? 15  SER A C   1 
ATOM   4    O O   . SER A 1 1   ? -2.943  -20.378 -1.647  1.00 49.91  ? 15  SER A O   1 
ATOM   5    C CB  . SER A 1 1   ? -1.225  -21.946 -4.216  1.00 50.58  ? 15  SER A CB  1 
ATOM   6    O OG  . SER A 1 1   ? -1.868  -20.884 -4.942  1.00 43.68  ? 15  SER A OG  1 
ATOM   7    N N   . MET A 1 2   ? -0.679  -20.380 -1.562  1.00 51.06  ? 16  MET A N   1 
ATOM   8    C CA  . MET A 1 2   ? -0.511  -19.103 -0.826  1.00 52.24  ? 16  MET A CA  1 
ATOM   9    C C   . MET A 1 2   ? -1.159  -17.901 -1.538  1.00 53.13  ? 16  MET A C   1 
ATOM   10   O O   . MET A 1 2   ? -1.866  -17.091 -0.924  1.00 45.03  ? 16  MET A O   1 
ATOM   11   C CB  . MET A 1 2   ? 0.987   -18.817 -0.578  1.00 54.28  ? 16  MET A CB  1 
ATOM   12   C CG  . MET A 1 2   ? 1.363   -17.383 -0.169  1.00 57.56  ? 16  MET A CG  1 
ATOM   13   S SD  . MET A 1 2   ? 3.124   -17.188 0.288   1.00 59.03  ? 16  MET A SD  1 
ATOM   14   C CE  . MET A 1 2   ? 3.950   -17.738 -1.184  1.00 58.90  ? 16  MET A CE  1 
ATOM   15   N N   . LEU A 1 3   ? -0.895  -17.770 -2.827  1.00 50.00  ? 17  LEU A N   1 
ATOM   16   C CA  . LEU A 1 3   ? -1.405  -16.609 -3.553  1.00 47.50  ? 17  LEU A CA  1 
ATOM   17   C C   . LEU A 1 3   ? -2.906  -16.700 -3.831  1.00 46.39  ? 17  LEU A C   1 
ATOM   18   O O   . LEU A 1 3   ? -3.603  -15.690 -3.810  1.00 45.07  ? 17  LEU A O   1 
ATOM   19   C CB  . LEU A 1 3   ? -0.657  -16.443 -4.848  1.00 48.77  ? 17  LEU A CB  1 
ATOM   20   C CG  . LEU A 1 3   ? 0.761   -15.916 -4.676  1.00 50.74  ? 17  LEU A CG  1 
ATOM   21   C CD1 . LEU A 1 3   ? 1.584   -16.331 -5.892  1.00 48.66  ? 17  LEU A CD1 1 
ATOM   22   C CD2 . LEU A 1 3   ? 0.748   -14.400 -4.509  1.00 53.77  ? 17  LEU A CD2 1 
ATOM   23   N N   . ASP A 1 4   ? -3.393  -17.908 -4.092  1.00 48.01  ? 18  ASP A N   1 
ATOM   24   C CA  . ASP A 1 4   ? -4.813  -18.120 -4.339  1.00 48.40  ? 18  ASP A CA  1 
ATOM   25   C C   . ASP A 1 4   ? -5.625  -17.951 -3.068  1.00 44.58  ? 18  ASP A C   1 
ATOM   26   O O   . ASP A 1 4   ? -6.762  -17.491 -3.123  1.00 40.78  ? 18  ASP A O   1 
ATOM   27   C CB  . ASP A 1 4   ? -5.084  -19.523 -4.911  1.00 52.90  ? 18  ASP A CB  1 
ATOM   28   C CG  . ASP A 1 4   ? -4.624  -19.679 -6.368  1.00 59.71  ? 18  ASP A CG  1 
ATOM   29   O OD1 . ASP A 1 4   ? -4.180  -18.701 -7.011  1.00 59.97  ? 18  ASP A OD1 1 
ATOM   30   O OD2 . ASP A 1 4   ? -4.727  -20.810 -6.873  1.00 69.51  ? 18  ASP A OD2 1 
ATOM   31   N N   . ASP A 1 5   ? -5.054  -18.383 -1.946  1.00 40.18  ? 19  ASP A N   1 
ATOM   32   C CA  . ASP A 1 5   ? -5.689  -18.240 -0.654  1.00 40.89  ? 19  ASP A CA  1 
ATOM   33   C C   . ASP A 1 5   ? -5.813  -16.747 -0.269  1.00 34.97  ? 19  ASP A C   1 
ATOM   34   O O   . ASP A 1 5   ? -6.862  -16.327 0.223   1.00 32.26  ? 19  ASP A O   1 
ATOM   35   C CB  . ASP A 1 5   ? -4.922  -19.030 0.409   1.00 45.15  ? 19  ASP A CB  1 
ATOM   36   C CG  . ASP A 1 5   ? -5.123  -20.558 0.292   1.00 51.89  ? 19  ASP A CG  1 
ATOM   37   O OD1 . ASP A 1 5   ? -6.158  -21.027 -0.260  1.00 54.13  ? 19  ASP A OD1 1 
ATOM   38   O OD2 . ASP A 1 5   ? -4.227  -21.294 0.771   1.00 62.48  ? 19  ASP A OD2 1 
ATOM   39   N N   . ALA A 1 6   ? -4.766  -15.970 -0.511  1.00 31.28  ? 20  ALA A N   1 
ATOM   40   C CA  . ALA A 1 6   ? -4.803  -14.516 -0.252  1.00 31.82  ? 20  ALA A CA  1 
ATOM   41   C C   . ALA A 1 6   ? -5.860  -13.794 -1.057  1.00 31.97  ? 20  ALA A C   1 
ATOM   42   O O   . ALA A 1 6   ? -6.616  -12.984 -0.491  1.00 25.76  ? 20  ALA A O   1 
ATOM   43   C CB  . ALA A 1 6   ? -3.461  -13.888 -0.490  1.00 31.73  ? 20  ALA A CB  1 
ATOM   44   N N   . LYS A 1 7   ? -5.931  -14.082 -2.365  1.00 28.04  ? 21  LYS A N   1 
ATOM   45   C CA  . LYS A 1 7   ? -6.906  -13.436 -3.229  1.00 31.18  ? 21  LYS A CA  1 
ATOM   46   C C   . LYS A 1 7   ? -8.358  -13.794 -2.813  1.00 30.36  ? 21  LYS A C   1 
ATOM   47   O O   . LYS A 1 7   ? -9.253  -12.927 -2.792  1.00 28.17  ? 21  LYS A O   1 
ATOM   48   C CB  . LYS A 1 7   ? -6.715  -13.827 -4.707  1.00 34.64  ? 21  LYS A CB  1 
ATOM   49   C CG  . LYS A 1 7   ? -5.403  -13.418 -5.312  1.00 43.40  ? 21  LYS A CG  1 
ATOM   50   C CD  . LYS A 1 7   ? -5.325  -13.682 -6.831  1.00 50.65  ? 21  LYS A CD  1 
ATOM   51   C CE  . LYS A 1 7   ? -4.542  -14.938 -7.184  1.00 52.32  ? 21  LYS A CE  1 
ATOM   52   N NZ  . LYS A 1 7   ? -4.411  -15.055 -8.672  1.00 56.50  ? 21  LYS A NZ  1 
ATOM   53   N N   . ALA A 1 8   ? -8.587  -15.054 -2.470  1.00 31.80  ? 22  ALA A N   1 
ATOM   54   C CA  . ALA A 1 8   ? -9.922  -15.500 -2.015  1.00 32.79  ? 22  ALA A CA  1 
ATOM   55   C C   . ALA A 1 8   ? -10.358 -14.783 -0.704  1.00 31.35  ? 22  ALA A C   1 
ATOM   56   O O   . ALA A 1 8   ? -11.521 -14.380 -0.582  1.00 30.51  ? 22  ALA A O   1 
ATOM   57   C CB  . ALA A 1 8   ? -9.963  -17.019 -1.856  1.00 36.05  ? 22  ALA A CB  1 
ATOM   58   N N   . ARG A 1 9   ? -9.415  -14.581 0.225   1.00 28.59  ? 23  ARG A N   1 
ATOM   59   C CA  . ARG A 1 9   ? -9.679  -13.822 1.469   1.00 27.58  ? 23  ARG A CA  1 
ATOM   60   C C   . ARG A 1 9   ? -10.009 -12.370 1.148   1.00 27.80  ? 23  ARG A C   1 
ATOM   61   O O   . ARG A 1 9   ? -10.997 -11.833 1.674   1.00 25.45  ? 23  ARG A O   1 
ATOM   62   C CB  . ARG A 1 9   ? -8.477  -13.824 2.435   1.00 30.49  ? 23  ARG A CB  1 
ATOM   63   C CG  . ARG A 1 9   ? -8.142  -15.134 3.156   1.00 33.74  ? 23  ARG A CG  1 
ATOM   64   C CD  . ARG A 1 9   ? -9.225  -15.506 4.142   1.00 38.97  ? 23  ARG A CD  1 
ATOM   65   N NE  . ARG A 1 9   ? -8.809  -16.656 4.984   1.00 41.83  ? 23  ARG A NE  1 
ATOM   66   C CZ  . ARG A 1 9   ? -8.041  -16.599 6.082   1.00 40.03  ? 23  ARG A CZ  1 
ATOM   67   N NH1 . ARG A 1 9   ? -7.553  -15.440 6.556   1.00 33.52  ? 23  ARG A NH1 1 
ATOM   68   N NH2 . ARG A 1 9   ? -7.795  -17.734 6.757   1.00 41.95  ? 23  ARG A NH2 1 
ATOM   69   N N   . LEU A 1 10  ? -9.160  -11.742 0.321   1.00 23.65  ? 24  LEU A N   1 
ATOM   70   C CA  . LEU A 1 10  ? -9.316  -10.335 -0.056  1.00 24.67  ? 24  LEU A CA  1 
ATOM   71   C C   . LEU A 1 10  ? -10.641 -10.004 -0.705  1.00 26.15  ? 24  LEU A C   1 
ATOM   72   O O   . LEU A 1 10  ? -11.230 -8.963  -0.400  1.00 25.20  ? 24  LEU A O   1 
ATOM   73   C CB  . LEU A 1 10  ? -8.153  -9.862  -0.953  1.00 24.58  ? 24  LEU A CB  1 
ATOM   74   C CG  . LEU A 1 10  ? -6.779  -9.741  -0.270  1.00 24.13  ? 24  LEU A CG  1 
ATOM   75   C CD1 . LEU A 1 10  ? -5.660  -9.725  -1.312  1.00 25.86  ? 24  LEU A CD1 1 
ATOM   76   C CD2 . LEU A 1 10  ? -6.682  -8.488  0.576   1.00 24.92  ? 24  LEU A CD2 1 
ATOM   77   N N   . ARG A 1 11  ? -11.130 -10.885 -1.561  1.00 26.17  ? 25  ARG A N   1 
ATOM   78   C CA  . ARG A 1 11  ? -12.395 -10.658 -2.267  1.00 29.05  ? 25  ARG A CA  1 
ATOM   79   C C   . ARG A 1 11  ? -13.609 -10.522 -1.353  1.00 31.60  ? 25  ARG A C   1 
ATOM   80   O O   . ARG A 1 11  ? -14.555 -9.784  -1.693  1.00 32.10  ? 25  ARG A O   1 
ATOM   81   C CB  . ARG A 1 11  ? -12.622 -11.731 -3.335  1.00 32.27  ? 25  ARG A CB  1 
ATOM   82   C CG  . ARG A 1 11  ? -11.652 -11.561 -4.507  1.00 38.66  ? 25  ARG A CG  1 
ATOM   83   C CD  . ARG A 1 11  ? -11.849 -12.629 -5.574  1.00 44.71  ? 25  ARG A CD  1 
ATOM   84   N NE  . ARG A 1 11  ? -10.714 -12.670 -6.511  1.00 50.52  ? 25  ARG A NE  1 
ATOM   85   C CZ  . ARG A 1 11  ? -9.925  -13.735 -6.768  1.00 57.04  ? 25  ARG A CZ  1 
ATOM   86   N NH1 . ARG A 1 11  ? -10.112 -14.934 -6.163  1.00 56.90  ? 25  ARG A NH1 1 
ATOM   87   N NH2 . ARG A 1 11  ? -8.918  -13.600 -7.651  1.00 54.45  ? 25  ARG A NH2 1 
ATOM   88   N N   . LYS A 1 12  ? -13.554 -11.148 -0.176  1.00 29.85  ? 26  LYS A N   1 
ATOM   89   C CA  . LYS A 1 12  ? -14.634 -11.029 0.797   1.00 32.47  ? 26  LYS A CA  1 
ATOM   90   C C   . LYS A 1 12  ? -14.798 -9.627  1.397   1.00 30.08  ? 26  LYS A C   1 
ATOM   91   O O   . LYS A 1 12  ? -15.845 -9.343  1.969   1.00 30.68  ? 26  LYS A O   1 
ATOM   92   C CB  . LYS A 1 12  ? -14.455 -12.056 1.916   1.00 35.16  ? 26  LYS A CB  1 
ATOM   93   C CG  . LYS A 1 12  ? -14.465 -13.510 1.435   1.00 40.80  ? 26  LYS A CG  1 
ATOM   94   C CD  . LYS A 1 12  ? -14.544 -14.472 2.616   1.00 47.06  ? 26  LYS A CD  1 
ATOM   95   C CE  . LYS A 1 12  ? -14.007 -15.849 2.281   1.00 54.26  ? 26  LYS A CE  1 
ATOM   96   N NZ  . LYS A 1 12  ? -14.843 -16.545 1.277   1.00 56.44  ? 26  LYS A NZ  1 
ATOM   97   N N   . TYR A 1 13  ? -13.774 -8.767  1.305   1.00 26.16  ? 27  TYR A N   1 
ATOM   98   C CA  . TYR A 1 13  ? -13.817 -7.430  1.867   1.00 24.24  ? 27  TYR A CA  1 
ATOM   99   C C   . TYR A 1 13  ? -13.931 -6.318  0.801   1.00 25.92  ? 27  TYR A C   1 
ATOM   100  O O   . TYR A 1 13  ? -13.842 -5.157  1.155   1.00 28.89  ? 27  TYR A O   1 
ATOM   101  C CB  . TYR A 1 13  ? -12.589 -7.198  2.752   1.00 24.29  ? 27  TYR A CB  1 
ATOM   102  C CG  . TYR A 1 13  ? -12.491 -8.183  3.901   1.00 24.17  ? 27  TYR A CG  1 
ATOM   103  C CD1 . TYR A 1 13  ? -11.956 -9.459  3.687   1.00 25.30  ? 27  TYR A CD1 1 
ATOM   104  C CD2 . TYR A 1 13  ? -12.986 -7.875  5.173   1.00 26.11  ? 27  TYR A CD2 1 
ATOM   105  C CE1 . TYR A 1 13  ? -11.858 -10.392 4.721   1.00 27.06  ? 27  TYR A CE1 1 
ATOM   106  C CE2 . TYR A 1 13  ? -12.914 -8.816  6.222   1.00 28.04  ? 27  TYR A CE2 1 
ATOM   107  C CZ  . TYR A 1 13  ? -12.345 -10.071 5.973   1.00 29.57  ? 27  TYR A CZ  1 
ATOM   108  O OH  . TYR A 1 13  ? -12.230 -11.019 6.955   1.00 32.35  ? 27  TYR A OH  1 
ATOM   109  N N   . ASP A 1 14  ? -14.096 -6.695  -0.463  1.00 26.27  ? 28  ASP A N   1 
ATOM   110  C CA  . ASP A 1 14  ? -14.155 -5.771  -1.608  1.00 28.30  ? 28  ASP A CA  1 
ATOM   111  C C   . ASP A 1 14  ? -15.464 -4.999  -1.526  1.00 32.90  ? 28  ASP A C   1 
ATOM   112  O O   . ASP A 1 14  ? -16.540 -5.599  -1.501  1.00 34.58  ? 28  ASP A O   1 
ATOM   113  C CB  . ASP A 1 14  ? -14.127 -6.567  -2.905  1.00 29.44  ? 28  ASP A CB  1 
ATOM   114  C CG  . ASP A 1 14  ? -13.980 -5.708  -4.181  1.00 33.67  ? 28  ASP A CG  1 
ATOM   115  O OD1 . ASP A 1 14  ? -13.552 -4.536  -4.172  1.00 31.01  ? 28  ASP A OD1 1 
ATOM   116  O OD2 . ASP A 1 14  ? -14.233 -6.293  -5.235  1.00 41.20  ? 28  ASP A OD2 1 
ATOM   117  N N   . ILE A 1 15  ? -15.371 -3.691  -1.408  1.00 34.55  ? 29  ILE A N   1 
ATOM   118  C CA  . ILE A 1 15  ? -16.588 -2.869  -1.514  1.00 41.62  ? 29  ILE A CA  1 
ATOM   119  C C   . ILE A 1 15  ? -16.906 -2.471  -2.969  1.00 40.88  ? 29  ILE A C   1 
ATOM   120  O O   . ILE A 1 15  ? -17.979 -1.985  -3.236  1.00 43.04  ? 29  ILE A O   1 
ATOM   121  C CB  . ILE A 1 15  ? -16.546 -1.665  -0.568  1.00 45.04  ? 29  ILE A CB  1 
ATOM   122  C CG1 . ILE A 1 15  ? -15.555 -0.606  -1.020  1.00 45.46  ? 29  ILE A CG1 1 
ATOM   123  C CG2 . ILE A 1 15  ? -16.212 -2.116  0.865   1.00 49.22  ? 29  ILE A CG2 1 
ATOM   124  C CD1 . ILE A 1 15  ? -16.015 0.777   -0.609  1.00 50.39  ? 29  ILE A CD1 1 
ATOM   125  N N   . GLY A 1 16  ? -15.966 -2.688  -3.898  1.00 44.28  ? 30  GLY A N   1 
ATOM   126  C CA  . GLY A 1 16  ? -16.141 -2.290  -5.310  1.00 43.97  ? 30  GLY A CA  1 
ATOM   127  C C   . GLY A 1 16  ? -16.312 -0.782  -5.503  1.00 42.86  ? 30  GLY A C   1 
ATOM   128  O O   . GLY A 1 16  ? -15.599 0.016   -4.871  1.00 40.98  ? 30  GLY A O   1 
ATOM   129  N N   . GLY A 1 17  ? -17.288 -0.394  -6.336  1.00 43.14  ? 31  GLY A N   1 
ATOM   130  C CA  . GLY A 1 17  ? -17.483 1.011   -6.738  1.00 38.97  ? 31  GLY A CA  1 
ATOM   131  C C   . GLY A 1 17  ? -18.506 1.812   -5.943  1.00 39.20  ? 31  GLY A C   1 
ATOM   132  O O   . GLY A 1 17  ? -18.776 2.976   -6.256  1.00 34.01  ? 31  GLY A O   1 
ATOM   133  N N   . LYS A 1 18  ? -19.060 1.175   -4.918  1.00 39.41  ? 32  LYS A N   1 
ATOM   134  C CA  . LYS A 1 18  ? -20.068 1.734   -4.019  1.00 39.31  ? 32  LYS A CA  1 
ATOM   135  C C   . LYS A 1 18  ? -19.890 3.245   -3.634  1.00 36.28  ? 32  LYS A C   1 
ATOM   136  O O   . LYS A 1 18  ? -20.786 4.054   -3.868  1.00 38.36  ? 32  LYS A O   1 
ATOM   137  C CB  . LYS A 1 18  ? -20.160 0.765   -2.800  1.00 40.63  ? 32  LYS A CB  1 
ATOM   138  C CG  . LYS A 1 18  ? -21.409 0.891   -1.961  1.00 44.33  ? 32  LYS A CG  1 
ATOM   139  C CD  . LYS A 1 18  ? -21.626 -0.292  -1.027  1.00 44.83  ? 32  LYS A CD  1 
ATOM   140  C CE  . LYS A 1 18  ? -22.354 -1.424  -1.733  1.00 48.87  ? 32  LYS A CE  1 
ATOM   141  N NZ  . LYS A 1 18  ? -22.833 -2.418  -0.735  1.00 53.22  ? 32  LYS A NZ  1 
ATOM   142  N N   . TYR A 1 19  ? -18.699 3.640   -3.188  1.00 32.88  ? 33  TYR A N   1 
ATOM   143  C CA  . TYR A 1 19  ? -18.400 5.033   -2.773  1.00 31.49  ? 33  TYR A CA  1 
ATOM   144  C C   . TYR A 1 19  ? -17.668 5.912   -3.854  1.00 33.42  ? 33  TYR A C   1 
ATOM   145  O O   . TYR A 1 19  ? -17.397 7.114   -3.629  1.00 30.12  ? 33  TYR A O   1 
ATOM   146  C CB  . TYR A 1 19  ? -17.564 4.995   -1.482  1.00 31.00  ? 33  TYR A CB  1 
ATOM   147  C CG  . TYR A 1 19  ? -18.390 4.590   -0.252  1.00 28.07  ? 33  TYR A CG  1 
ATOM   148  C CD1 . TYR A 1 19  ? -18.893 3.296   -0.116  1.00 29.91  ? 33  TYR A CD1 1 
ATOM   149  C CD2 . TYR A 1 19  ? -18.684 5.510   0.752   1.00 27.73  ? 33  TYR A CD2 1 
ATOM   150  C CE1 . TYR A 1 19  ? -19.670 2.918   1.009   1.00 28.98  ? 33  TYR A CE1 1 
ATOM   151  C CE2 . TYR A 1 19  ? -19.433 5.146   1.879   1.00 28.09  ? 33  TYR A CE2 1 
ATOM   152  C CZ  . TYR A 1 19  ? -19.925 3.866   2.004   1.00 27.70  ? 33  TYR A CZ  1 
ATOM   153  O OH  . TYR A 1 19  ? -20.655 3.503   3.106   1.00 28.96  ? 33  TYR A OH  1 
ATOM   154  N N   . SER A 1 20  ? -17.432 5.335   -5.033  1.00 31.01  ? 34  SER A N   1 
ATOM   155  C CA  . SER A 1 20  ? -16.539 5.964   -6.037  1.00 31.79  ? 34  SER A CA  1 
ATOM   156  C C   . SER A 1 20  ? -17.082 7.221   -6.749  1.00 32.66  ? 34  SER A C   1 
ATOM   157  O O   . SER A 1 20  ? -16.294 8.009   -7.266  1.00 33.17  ? 34  SER A O   1 
ATOM   158  C CB  . SER A 1 20  ? -16.183 4.917   -7.093  1.00 36.83  ? 34  SER A CB  1 
ATOM   159  O OG  . SER A 1 20  ? -17.337 4.527   -7.851  1.00 36.68  ? 34  SER A OG  1 
ATOM   160  N N   . HIS A 1 21  ? -18.396 7.390   -6.817  1.00 32.32  ? 35  HIS A N   1 
ATOM   161  C CA  . HIS A 1 21  ? -18.998 8.553   -7.524  1.00 36.46  ? 35  HIS A CA  1 
ATOM   162  C C   . HIS A 1 21  ? -19.217 9.801   -6.628  1.00 36.69  ? 35  HIS A C   1 
ATOM   163  O O   . HIS A 1 21  ? -19.515 10.910  -7.146  1.00 33.70  ? 35  HIS A O   1 
ATOM   164  C CB  . HIS A 1 21  ? -20.347 8.180   -8.152  1.00 43.12  ? 35  HIS A CB  1 
ATOM   165  C CG  . HIS A 1 21  ? -21.509 8.442   -7.240  1.00 53.97  ? 35  HIS A CG  1 
ATOM   166  N ND1 . HIS A 1 21  ? -21.932 7.528   -6.295  1.00 55.81  ? 35  HIS A ND1 1 
ATOM   167  C CD2 . HIS A 1 21  ? -22.293 9.541   -7.079  1.00 58.92  ? 35  HIS A CD2 1 
ATOM   168  C CE1 . HIS A 1 21  ? -22.936 8.040   -5.607  1.00 54.02  ? 35  HIS A CE1 1 
ATOM   169  N NE2 . HIS A 1 21  ? -23.175 9.260   -6.061  1.00 59.94  ? 35  HIS A NE2 1 
ATOM   170  N N   . LEU A 1 22  ? -19.085 9.653   -5.309  1.00 28.74  ? 36  LEU A N   1 
ATOM   171  C CA  . LEU A 1 22  ? -19.332 10.785  -4.402  1.00 28.82  ? 36  LEU A CA  1 
ATOM   172  C C   . LEU A 1 22  ? -18.416 11.986  -4.701  1.00 30.89  ? 36  LEU A C   1 
ATOM   173  O O   . LEU A 1 22  ? -17.236 11.799  -5.111  1.00 28.92  ? 36  LEU A O   1 
ATOM   174  C CB  . LEU A 1 22  ? -19.188 10.333  -2.949  1.00 28.56  ? 36  LEU A CB  1 
ATOM   175  C CG  . LEU A 1 22  ? -20.277 9.370   -2.478  1.00 28.80  ? 36  LEU A CG  1 
ATOM   176  C CD1 . LEU A 1 22  ? -19.830 8.681   -1.218  1.00 31.13  ? 36  LEU A CD1 1 
ATOM   177  C CD2 . LEU A 1 22  ? -21.605 10.068  -2.235  1.00 31.40  ? 36  LEU A CD2 1 
ATOM   178  N N   . PRO A 1 23  ? -18.912 13.227  -4.463  1.00 30.25  ? 37  PRO A N   1 
ATOM   179  C CA  . PRO A 1 23  ? -18.192 14.438  -4.949  1.00 30.73  ? 37  PRO A CA  1 
ATOM   180  C C   . PRO A 1 23  ? -17.028 14.968  -4.076  1.00 30.68  ? 37  PRO A C   1 
ATOM   181  O O   . PRO A 1 23  ? -17.027 16.117  -3.625  1.00 31.93  ? 37  PRO A O   1 
ATOM   182  C CB  . PRO A 1 23  ? -19.354 15.472  -5.096  1.00 34.44  ? 37  PRO A CB  1 
ATOM   183  C CG  . PRO A 1 23  ? -20.303 15.093  -4.000  1.00 32.81  ? 37  PRO A CG  1 
ATOM   184  C CD  . PRO A 1 23  ? -20.258 13.574  -3.937  1.00 31.95  ? 37  PRO A CD  1 
ATOM   185  N N   . TYR A 1 24  ? -16.012 14.131  -3.858  1.00 28.05  ? 38  TYR A N   1 
ATOM   186  C CA  . TYR A 1 24  ? -14.838 14.486  -3.075  1.00 25.60  ? 38  TYR A CA  1 
ATOM   187  C C   . TYR A 1 24  ? -13.645 14.884  -3.967  1.00 23.82  ? 38  TYR A C   1 
ATOM   188  O O   . TYR A 1 24  ? -13.653 14.579  -5.151  1.00 25.02  ? 38  TYR A O   1 
ATOM   189  C CB  . TYR A 1 24  ? -14.433 13.251  -2.258  1.00 26.12  ? 38  TYR A CB  1 
ATOM   190  C CG  . TYR A 1 24  ? -15.347 12.974  -1.069  1.00 25.54  ? 38  TYR A CG  1 
ATOM   191  C CD1 . TYR A 1 24  ? -15.193 13.674  0.089   1.00 27.68  ? 38  TYR A CD1 1 
ATOM   192  C CD2 . TYR A 1 24  ? -16.312 11.981  -1.107  1.00 25.71  ? 38  TYR A CD2 1 
ATOM   193  C CE1 . TYR A 1 24  ? -15.991 13.433  1.207   1.00 29.53  ? 38  TYR A CE1 1 
ATOM   194  C CE2 . TYR A 1 24  ? -17.113 11.708  0.027   1.00 26.38  ? 38  TYR A CE2 1 
ATOM   195  C CZ  . TYR A 1 24  ? -16.953 12.447  1.163   1.00 26.78  ? 38  TYR A CZ  1 
ATOM   196  O OH  . TYR A 1 24  ? -17.755 12.232  2.282   1.00 28.58  ? 38  TYR A OH  1 
ATOM   197  N N   . ASN A 1 25  ? -12.638 15.501  -3.371  1.00 23.95  ? 39  ASN A N   1 
ATOM   198  C CA  . ASN A 1 25  ? -11.245 15.494  -3.920  1.00 27.64  ? 39  ASN A CA  1 
ATOM   199  C C   . ASN A 1 25  ? -10.733 14.047  -3.803  1.00 26.29  ? 39  ASN A C   1 
ATOM   200  O O   . ASN A 1 25  ? -10.685 13.517  -2.693  1.00 24.40  ? 39  ASN A O   1 
ATOM   201  C CB  . ASN A 1 25  ? -10.343 16.412  -3.132  1.00 28.82  ? 39  ASN A CB  1 
ATOM   202  C CG  . ASN A 1 25  ? -10.738 17.882  -3.285  1.00 37.14  ? 39  ASN A CG  1 
ATOM   203  O OD1 . ASN A 1 25  ? -10.985 18.355  -4.392  1.00 43.46  ? 39  ASN A OD1 1 
ATOM   204  N ND2 . ASN A 1 25  ? -10.839 18.583  -2.174  1.00 37.62  ? 39  ASN A ND2 1 
ATOM   205  N N   . LYS A 1 26  ? -10.431 13.407  -4.934  1.00 27.18  ? 40  LYS A N   1 
ATOM   206  C CA  . LYS A 1 26  ? -10.176 11.957  -4.973  1.00 25.63  ? 40  LYS A CA  1 
ATOM   207  C C   . LYS A 1 26  ? -8.699  11.569  -5.156  1.00 25.83  ? 40  LYS A C   1 
ATOM   208  O O   . LYS A 1 26  ? -7.994  12.070  -6.070  1.00 22.47  ? 40  LYS A O   1 
ATOM   209  C CB  . LYS A 1 26  ? -11.059 11.317  -6.023  1.00 28.34  ? 40  LYS A CB  1 
ATOM   210  C CG  . LYS A 1 26  ? -12.553 11.362  -5.643  1.00 30.50  ? 40  LYS A CG  1 
ATOM   211  C CD  . LYS A 1 26  ? -13.451 10.932  -6.776  1.00 32.69  ? 40  LYS A CD  1 
ATOM   212  C CE  . LYS A 1 26  ? -13.333 9.442   -7.097  1.00 32.75  ? 40  LYS A CE  1 
ATOM   213  N NZ  . LYS A 1 26  ? -13.481 8.481   -5.949  1.00 32.02  ? 40  LYS A NZ  1 
ATOM   214  N N   . TYR A 1 27  ? -8.233  10.680  -4.270  1.00 26.16  ? 41  TYR A N   1 
ATOM   215  C CA  . TYR A 1 27  ? -6.863  10.079  -4.327  1.00 23.78  ? 41  TYR A CA  1 
ATOM   216  C C   . TYR A 1 27  ? -7.011  8.575   -4.217  1.00 23.87  ? 41  TYR A C   1 
ATOM   217  O O   . TYR A 1 27  ? -7.927  8.100   -3.515  1.00 20.06  ? 41  TYR A O   1 
ATOM   218  C CB  . TYR A 1 27  ? -5.980  10.528  -3.163  1.00 25.71  ? 41  TYR A CB  1 
ATOM   219  C CG  . TYR A 1 27  ? -5.658  11.968  -3.147  1.00 28.85  ? 41  TYR A CG  1 
ATOM   220  C CD1 . TYR A 1 27  ? -6.653  12.921  -2.838  1.00 31.16  ? 41  TYR A CD1 1 
ATOM   221  C CD2 . TYR A 1 27  ? -4.372  12.421  -3.462  1.00 29.79  ? 41  TYR A CD2 1 
ATOM   222  C CE1 . TYR A 1 27  ? -6.358  14.279  -2.836  1.00 31.32  ? 41  TYR A CE1 1 
ATOM   223  C CE2 . TYR A 1 27  ? -4.065  13.772  -3.459  1.00 31.56  ? 41  TYR A CE2 1 
ATOM   224  C CZ  . TYR A 1 27  ? -5.054  14.690  -3.143  1.00 33.87  ? 41  TYR A CZ  1 
ATOM   225  O OH  . TYR A 1 27  ? -4.750  16.021  -3.151  1.00 34.56  ? 41  TYR A OH  1 
ATOM   226  N N   . SER A 1 28  ? -6.117  7.821   -4.904  1.00 22.91  ? 42  SER A N   1 
ATOM   227  C CA  . SER A 1 28  ? -6.050  6.359   -4.787  1.00 21.93  ? 42  SER A CA  1 
ATOM   228  C C   . SER A 1 28  ? -4.623  5.923   -4.344  1.00 21.55  ? 42  SER A C   1 
ATOM   229  O O   . SER A 1 28  ? -3.633  6.617   -4.656  1.00 20.87  ? 42  SER A O   1 
ATOM   230  C CB  . SER A 1 28  ? -6.368  5.686   -6.112  1.00 23.74  ? 42  SER A CB  1 
ATOM   231  O OG  . SER A 1 28  ? -7.717  5.866   -6.537  1.00 24.03  ? 42  SER A OG  1 
ATOM   232  N N   . VAL A 1 29  ? -4.549  4.798   -3.623  1.00 20.94  ? 43  VAL A N   1 
ATOM   233  C CA  . VAL A 1 29  ? -3.283  4.146   -3.269  1.00 20.97  ? 43  VAL A CA  1 
ATOM   234  C C   . VAL A 1 29  ? -3.317  2.670   -3.658  1.00 20.90  ? 43  VAL A C   1 
ATOM   235  O O   . VAL A 1 29  ? -4.403  2.047   -3.780  1.00 20.35  ? 43  VAL A O   1 
ATOM   236  C CB  . VAL A 1 29  ? -2.859  4.328   -1.801  1.00 22.25  ? 43  VAL A CB  1 
ATOM   237  C CG1 . VAL A 1 29  ? -2.575  5.790   -1.474  1.00 25.93  ? 43  VAL A CG1 1 
ATOM   238  C CG2 . VAL A 1 29  ? -3.892  3.749   -0.845  1.00 23.49  ? 43  VAL A CG2 1 
ATOM   239  N N   . LEU A 1 30  ? -2.122  2.136   -3.960  1.00 21.52  ? 44  LEU A N   1 
ATOM   240  C CA  . LEU A 1 30  ? -1.966  0.724   -4.279  1.00 22.53  ? 44  LEU A CA  1 
ATOM   241  C C   . LEU A 1 30  ? -1.236  0.070   -3.118  1.00 21.36  ? 44  LEU A C   1 
ATOM   242  O O   . LEU A 1 30  ? -0.182  0.550   -2.748  1.00 21.49  ? 44  LEU A O   1 
ATOM   243  C CB  . LEU A 1 30  ? -1.166  0.510   -5.567  1.00 22.17  ? 44  LEU A CB  1 
ATOM   244  C CG  . LEU A 1 30  ? -0.989  -0.951  -6.000  1.00 22.33  ? 44  LEU A CG  1 
ATOM   245  C CD1 . LEU A 1 30  ? -2.316  -1.571  -6.449  1.00 23.32  ? 44  LEU A CD1 1 
ATOM   246  C CD2 . LEU A 1 30  ? 0.011   -1.037  -7.149  1.00 24.11  ? 44  LEU A CD2 1 
ATOM   247  N N   . LEU A 1 31  ? -1.806  -0.999  -2.557  1.00 20.55  ? 45  LEU A N   1 
ATOM   248  C CA  . LEU A 1 31  ? -1.154  -1.791  -1.505  1.00 21.75  ? 45  LEU A CA  1 
ATOM   249  C C   . LEU A 1 31  ? -0.522  -3.020  -2.223  1.00 20.92  ? 45  LEU A C   1 
ATOM   250  O O   . LEU A 1 31  ? -1.249  -3.958  -2.560  1.00 20.64  ? 45  LEU A O   1 
ATOM   251  C CB  . LEU A 1 31  ? -2.168  -2.240  -0.451  1.00 23.53  ? 45  LEU A CB  1 
ATOM   252  C CG  . LEU A 1 31  ? -2.516  -1.204  0.643   1.00 26.86  ? 45  LEU A CG  1 
ATOM   253  C CD1 . LEU A 1 31  ? -2.812  0.184   0.167   1.00 27.08  ? 45  LEU A CD1 1 
ATOM   254  C CD2 . LEU A 1 31  ? -3.687  -1.720  1.502   1.00 32.28  ? 45  LEU A CD2 1 
ATOM   255  N N   . PRO A 1 32  ? 0.791   -2.971  -2.537  1.00 20.21  ? 46  PRO A N   1 
ATOM   256  C CA  . PRO A 1 32  ? 1.338   -3.997  -3.429  1.00 20.16  ? 46  PRO A CA  1 
ATOM   257  C C   . PRO A 1 32  ? 1.858   -5.221  -2.638  1.00 20.60  ? 46  PRO A C   1 
ATOM   258  O O   . PRO A 1 32  ? 2.721   -5.062  -1.751  1.00 19.87  ? 46  PRO A O   1 
ATOM   259  C CB  . PRO A 1 32  ? 2.494   -3.262  -4.136  1.00 20.78  ? 46  PRO A CB  1 
ATOM   260  C CG  . PRO A 1 32  ? 2.450   -1.821  -3.645  1.00 20.70  ? 46  PRO A CG  1 
ATOM   261  C CD  . PRO A 1 32  ? 1.825   -1.953  -2.287  1.00 21.48  ? 46  PRO A CD  1 
ATOM   262  N N   . LEU A 1 33  ? 1.330   -6.392  -2.962  1.00 20.58  ? 47  LEU A N   1 
ATOM   263  C CA  . LEU A 1 33  ? 1.708   -7.655  -2.280  1.00 22.51  ? 47  LEU A CA  1 
ATOM   264  C C   . LEU A 1 33  ? 2.708   -8.391  -3.149  1.00 23.57  ? 47  LEU A C   1 
ATOM   265  O O   . LEU A 1 33  ? 2.404   -8.680  -4.296  1.00 22.99  ? 47  LEU A O   1 
ATOM   266  C CB  . LEU A 1 33  ? 0.513   -8.572  -2.064  1.00 23.35  ? 47  LEU A CB  1 
ATOM   267  C CG  . LEU A 1 33  ? -0.426  -8.243  -0.908  1.00 28.18  ? 47  LEU A CG  1 
ATOM   268  C CD1 . LEU A 1 33  ? -1.670  -9.128  -1.025  1.00 30.26  ? 47  LEU A CD1 1 
ATOM   269  C CD2 . LEU A 1 33  ? 0.251   -8.457  0.460   1.00 28.66  ? 47  LEU A CD2 1 
ATOM   270  N N   . VAL A 1 34  ? 3.850   -8.704  -2.560  1.00 24.54  ? 48  VAL A N   1 
ATOM   271  C CA  . VAL A 1 34  ? 4.993   -9.349  -3.219  1.00 23.56  ? 48  VAL A CA  1 
ATOM   272  C C   . VAL A 1 34  ? 5.309   -10.657 -2.473  1.00 25.50  ? 48  VAL A C   1 
ATOM   273  O O   . VAL A 1 34  ? 5.505   -10.612 -1.248  1.00 27.51  ? 48  VAL A O   1 
ATOM   274  C CB  . VAL A 1 34  ? 6.212   -8.422  -3.094  1.00 26.45  ? 48  VAL A CB  1 
ATOM   275  C CG1 . VAL A 1 34  ? 7.465   -9.068  -3.674  1.00 28.64  ? 48  VAL A CG1 1 
ATOM   276  C CG2 . VAL A 1 34  ? 5.939   -7.077  -3.797  1.00 28.91  ? 48  VAL A CG2 1 
ATOM   277  N N   . ALA A 1 35  ? 5.388   -11.796 -3.177  1.00 25.13  ? 49  ALA A N   1 
ATOM   278  C CA  . ALA A 1 35  ? 5.788   -13.056 -2.527  1.00 26.97  ? 49  ALA A CA  1 
ATOM   279  C C   . ALA A 1 35  ? 7.301   -13.259 -2.660  1.00 32.68  ? 49  ALA A C   1 
ATOM   280  O O   . ALA A 1 35  ? 7.809   -13.179 -3.782  1.00 33.17  ? 49  ALA A O   1 
ATOM   281  C CB  . ALA A 1 35  ? 5.019   -14.191 -3.128  1.00 29.35  ? 49  ALA A CB  1 
ATOM   282  N N   . LYS A 1 36  ? 8.019   -13.424 -1.540  1.00 32.68  ? 50  LYS A N   1 
ATOM   283  C CA  . LYS A 1 36  ? 9.498   -13.654 -1.528  1.00 36.96  ? 50  LYS A CA  1 
ATOM   284  C C   . LYS A 1 36  ? 9.793   -14.688 -0.466  1.00 37.37  ? 50  LYS A C   1 
ATOM   285  O O   . LYS A 1 36  ? 9.257   -14.607 0.647   1.00 31.09  ? 50  LYS A O   1 
ATOM   286  C CB  . LYS A 1 36  ? 10.338  -12.422 -1.127  1.00 39.30  ? 50  LYS A CB  1 
ATOM   287  C CG  . LYS A 1 36  ? 10.361  -11.226 -2.052  1.00 49.56  ? 50  LYS A CG  1 
ATOM   288  C CD  . LYS A 1 36  ? 10.946  -11.490 -3.437  1.00 51.51  ? 50  LYS A CD  1 
ATOM   289  C CE  . LYS A 1 36  ? 11.143  -10.184 -4.209  1.00 55.69  ? 50  LYS A CE  1 
ATOM   290  N NZ  . LYS A 1 36  ? 11.150  -10.386 -5.690  1.00 61.00  ? 50  LYS A NZ  1 
ATOM   291  N N   . GLU A 1 37  ? 10.651  -15.653 -0.790  1.00 37.84  ? 51  GLU A N   1 
ATOM   292  C CA  . GLU A 1 37  ? 11.110  -16.643 0.187   1.00 37.10  ? 51  GLU A CA  1 
ATOM   293  C C   . GLU A 1 37  ? 9.965   -17.328 0.907   1.00 32.92  ? 51  GLU A C   1 
ATOM   294  O O   . GLU A 1 37  ? 10.017  -17.560 2.111   1.00 34.31  ? 51  GLU A O   1 
ATOM   295  C CB  . GLU A 1 37  ? 12.066  -15.977 1.190   1.00 46.18  ? 51  GLU A CB  1 
ATOM   296  C CG  . GLU A 1 37  ? 13.239  -15.255 0.531   1.00 53.60  ? 51  GLU A CG  1 
ATOM   297  C CD  . GLU A 1 37  ? 14.256  -14.705 1.517   1.00 65.95  ? 51  GLU A CD  1 
ATOM   298  O OE1 . GLU A 1 37  ? 14.987  -13.762 1.140   1.00 76.69  ? 51  GLU A OE1 1 
ATOM   299  O OE2 . GLU A 1 37  ? 14.338  -15.201 2.665   1.00 76.67  ? 51  GLU A OE2 1 
ATOM   300  N N   . GLY A 1 38  ? 8.927   -17.665 0.153   1.00 27.78  ? 52  GLY A N   1 
ATOM   301  C CA  . GLY A 1 38  ? 7.780   -18.372 0.656   1.00 29.47  ? 52  GLY A CA  1 
ATOM   302  C C   . GLY A 1 38  ? 6.807   -17.559 1.529   1.00 32.07  ? 52  GLY A C   1 
ATOM   303  O O   . GLY A 1 38  ? 5.897   -18.150 2.116   1.00 32.42  ? 52  GLY A O   1 
ATOM   304  N N   . LYS A 1 39  ? 6.959   -16.229 1.611   1.00 28.20  ? 53  LYS A N   1 
ATOM   305  C CA  . LYS A 1 39  ? 6.083   -15.402 2.480   1.00 28.99  ? 53  LYS A CA  1 
ATOM   306  C C   . LYS A 1 39  ? 5.593   -14.154 1.711   1.00 27.42  ? 53  LYS A C   1 
ATOM   307  O O   . LYS A 1 39  ? 6.262   -13.715 0.769   1.00 24.97  ? 53  LYS A O   1 
ATOM   308  C CB  . LYS A 1 39  ? 6.895   -14.920 3.654   1.00 32.76  ? 53  LYS A CB  1 
ATOM   309  C CG  . LYS A 1 39  ? 7.373   -16.032 4.605   1.00 39.53  ? 53  LYS A CG  1 
ATOM   310  C CD  . LYS A 1 39  ? 8.434   -15.572 5.611   1.00 46.22  ? 53  LYS A CD  1 
ATOM   311  C CE  . LYS A 1 39  ? 9.094   -14.203 5.317   1.00 51.80  ? 53  LYS A CE  1 
ATOM   312  N NZ  . LYS A 1 39  ? 9.710   -13.556 6.513   1.00 53.60  ? 53  LYS A NZ  1 
ATOM   313  N N   . LEU A 1 40  ? 4.468   -13.579 2.142   1.00 24.14  ? 54  LEU A N   1 
ATOM   314  C CA  . LEU A 1 40  ? 3.952   -12.328 1.543   1.00 22.90  ? 54  LEU A CA  1 
ATOM   315  C C   . LEU A 1 40  ? 4.579   -11.114 2.220   1.00 21.20  ? 54  LEU A C   1 
ATOM   316  O O   . LEU A 1 40  ? 4.880   -11.153 3.418   1.00 21.57  ? 54  LEU A O   1 
ATOM   317  C CB  . LEU A 1 40  ? 2.420   -12.273 1.646   1.00 26.94  ? 54  LEU A CB  1 
ATOM   318  C CG  . LEU A 1 40  ? 1.657   -13.320 0.812   1.00 29.75  ? 54  LEU A CG  1 
ATOM   319  C CD1 . LEU A 1 40  ? 0.195   -13.379 1.230   1.00 31.56  ? 54  LEU A CD1 1 
ATOM   320  C CD2 . LEU A 1 40  ? 1.794   -13.009 -0.660  1.00 30.30  ? 54  LEU A CD2 1 
ATOM   321  N N   . HIS A 1 41  ? 4.842   -10.070 1.428   1.00 20.52  ? 55  HIS A N   1 
ATOM   322  C CA  . HIS A 1 41  ? 5.435   -8.825  1.859   1.00 20.93  ? 55  HIS A CA  1 
ATOM   323  C C   . HIS A 1 41  ? 4.558   -7.680  1.269   1.00 21.95  ? 55  HIS A C   1 
ATOM   324  O O   . HIS A 1 41  ? 3.898   -7.870  0.248   1.00 22.84  ? 55  HIS A O   1 
ATOM   325  C CB  . HIS A 1 41  ? 6.859   -8.638  1.340   1.00 22.39  ? 55  HIS A CB  1 
ATOM   326  C CG  . HIS A 1 41  ? 7.821   -9.656  1.858   1.00 21.75  ? 55  HIS A CG  1 
ATOM   327  N ND1 . HIS A 1 41  ? 7.792   -10.964 1.452   1.00 26.47  ? 55  HIS A ND1 1 
ATOM   328  C CD2 . HIS A 1 41  ? 8.822   -9.557  2.753   1.00 25.85  ? 55  HIS A CD2 1 
ATOM   329  C CE1 . HIS A 1 41  ? 8.741   -11.641 2.095   1.00 26.94  ? 55  HIS A CE1 1 
ATOM   330  N NE2 . HIS A 1 41  ? 9.382   -10.806 2.882   1.00 28.26  ? 55  HIS A NE2 1 
ATOM   331  N N   . LEU A 1 42  ? 4.545   -6.541  1.949   1.00 20.73  ? 56  LEU A N   1 
ATOM   332  C CA  . LEU A 1 42  ? 4.028   -5.280  1.377   1.00 20.26  ? 56  LEU A CA  1 
ATOM   333  C C   . LEU A 1 42  ? 5.182   -4.357  0.953   1.00 19.66  ? 56  LEU A C   1 
ATOM   334  O O   . LEU A 1 42  ? 6.161   -4.243  1.654   1.00 23.07  ? 56  LEU A O   1 
ATOM   335  C CB  . LEU A 1 42  ? 3.147   -4.553  2.398   1.00 21.65  ? 56  LEU A CB  1 
ATOM   336  C CG  . LEU A 1 42  ? 1.710   -5.083  2.596   1.00 21.93  ? 56  LEU A CG  1 
ATOM   337  C CD1 . LEU A 1 42  ? 1.115   -4.451  3.861   1.00 23.85  ? 56  LEU A CD1 1 
ATOM   338  C CD2 . LEU A 1 42  ? 0.848   -4.737  1.378   1.00 22.29  ? 56  LEU A CD2 1 
ATOM   339  N N   . LEU A 1 43  ? 4.997   -3.666  -0.163  1.00 21.30  ? 57  LEU A N   1 
ATOM   340  C CA  . LEU A 1 43  ? 5.948   -2.694  -0.709  1.00 22.52  ? 57  LEU A CA  1 
ATOM   341  C C   . LEU A 1 43  ? 5.530   -1.284  -0.307  1.00 23.24  ? 57  LEU A C   1 
ATOM   342  O O   . LEU A 1 43  ? 4.350   -0.906  -0.481  1.00 22.72  ? 57  LEU A O   1 
ATOM   343  C CB  . LEU A 1 43  ? 5.982   -2.817  -2.229  1.00 23.42  ? 57  LEU A CB  1 
ATOM   344  C CG  . LEU A 1 43  ? 7.007   -1.889  -2.952  1.00 25.43  ? 57  LEU A CG  1 
ATOM   345  C CD1 . LEU A 1 43  ? 7.500   -2.504  -4.259  1.00 29.84  ? 57  LEU A CD1 1 
ATOM   346  C CD2 . LEU A 1 43  ? 6.411   -0.527  -3.236  1.00 25.96  ? 57  LEU A CD2 1 
ATOM   347  N N   . PHE A 1 44  ? 6.491   -0.551  0.256   1.00 21.94  ? 58  PHE A N   1 
ATOM   348  C CA  . PHE A 1 44  ? 6.341   0.818   0.709   1.00 22.25  ? 58  PHE A CA  1 
ATOM   349  C C   . PHE A 1 44  ? 7.335   1.733   -0.005  1.00 26.45  ? 58  PHE A C   1 
ATOM   350  O O   . PHE A 1 44  ? 8.395   1.268   -0.509  1.00 25.54  ? 58  PHE A O   1 
ATOM   351  C CB  . PHE A 1 44  ? 6.599   0.927   2.214   1.00 23.19  ? 58  PHE A CB  1 
ATOM   352  C CG  . PHE A 1 44  ? 5.649   0.136   3.081   1.00 24.06  ? 58  PHE A CG  1 
ATOM   353  C CD1 . PHE A 1 44  ? 5.889   -1.223  3.366   1.00 21.56  ? 58  PHE A CD1 1 
ATOM   354  C CD2 . PHE A 1 44  ? 4.507   0.750   3.648   1.00 22.93  ? 58  PHE A CD2 1 
ATOM   355  C CE1 . PHE A 1 44  ? 5.022   -1.946  4.181   1.00 22.89  ? 58  PHE A CE1 1 
ATOM   356  C CE2 . PHE A 1 44  ? 3.630   0.014   4.456   1.00 23.43  ? 58  PHE A CE2 1 
ATOM   357  C CZ  . PHE A 1 44  ? 3.886   -1.334  4.737   1.00 22.13  ? 58  PHE A CZ  1 
ATOM   358  N N   . THR A 1 45  ? 7.002   3.033   -0.046  1.00 25.51  ? 59  THR A N   1 
ATOM   359  C CA  . THR A 1 45  ? 7.920   4.093   -0.524  1.00 26.67  ? 59  THR A CA  1 
ATOM   360  C C   . THR A 1 45  ? 8.266   5.024   0.639   1.00 28.31  ? 59  THR A C   1 
ATOM   361  O O   . THR A 1 45  ? 7.539   5.091   1.631   1.00 27.52  ? 59  THR A O   1 
ATOM   362  C CB  . THR A 1 45  ? 7.333   4.938   -1.673  1.00 26.16  ? 59  THR A CB  1 
ATOM   363  O OG1 . THR A 1 45  ? 6.266   5.796   -1.207  1.00 28.12  ? 59  THR A OG1 1 
ATOM   364  C CG2 . THR A 1 45  ? 6.818   4.076   -2.796  1.00 27.14  ? 59  THR A CG2 1 
ATOM   365  N N   . VAL A 1 46  ? 9.396   5.714   0.517   1.00 29.02  ? 60  VAL A N   1 
ATOM   366  C CA  . VAL A 1 46  ? 9.690   6.911   1.306   1.00 29.90  ? 60  VAL A CA  1 
ATOM   367  C C   . VAL A 1 46  ? 9.584   8.090   0.340   1.00 30.78  ? 60  VAL A C   1 
ATOM   368  O O   . VAL A 1 46  ? 10.282  8.134   -0.692  1.00 30.62  ? 60  VAL A O   1 
ATOM   369  C CB  . VAL A 1 46  ? 11.109  6.851   1.944   1.00 31.91  ? 60  VAL A CB  1 
ATOM   370  C CG1 . VAL A 1 46  ? 11.406  8.121   2.775   1.00 33.08  ? 60  VAL A CG1 1 
ATOM   371  C CG2 . VAL A 1 46  ? 11.252  5.607   2.796   1.00 32.36  ? 60  VAL A CG2 1 
ATOM   372  N N   . ARG A 1 47  ? 8.687   9.025   0.632   1.00 31.26  ? 61  ARG A N   1 
ATOM   373  C CA  . ARG A 1 47  ? 8.466   10.158  -0.267  1.00 34.48  ? 61  ARG A CA  1 
ATOM   374  C C   . ARG A 1 47  ? 9.665   11.116  -0.255  1.00 37.56  ? 61  ARG A C   1 
ATOM   375  O O   . ARG A 1 47  ? 10.356  11.241  0.753   1.00 40.36  ? 61  ARG A O   1 
ATOM   376  C CB  . ARG A 1 47  ? 7.194   10.908  0.117   1.00 37.05  ? 61  ARG A CB  1 
ATOM   377  C CG  . ARG A 1 47  ? 5.958   10.121  -0.236  1.00 37.74  ? 61  ARG A CG  1 
ATOM   378  C CD  . ARG A 1 47  ? 4.715   10.698  0.386   1.00 44.33  ? 61  ARG A CD  1 
ATOM   379  N NE  . ARG A 1 47  ? 4.140   11.795  -0.387  1.00 46.55  ? 61  ARG A NE  1 
ATOM   380  C CZ  . ARG A 1 47  ? 3.343   11.653  -1.448  1.00 51.27  ? 61  ARG A CZ  1 
ATOM   381  N NH1 . ARG A 1 47  ? 3.018   10.454  -1.934  1.00 55.94  ? 61  ARG A NH1 1 
ATOM   382  N NH2 . ARG A 1 47  ? 2.868   12.742  -2.047  1.00 58.38  ? 61  ARG A NH2 1 
ATOM   383  N N   . SER A 1 48  ? 9.935   11.727  -1.395  1.00 40.07  ? 62  SER A N   1 
ATOM   384  C CA  . SER A 1 48  ? 10.988  12.732  -1.490  1.00 48.93  ? 62  SER A CA  1 
ATOM   385  C C   . SER A 1 48  ? 10.607  13.986  -0.691  1.00 49.61  ? 62  SER A C   1 
ATOM   386  O O   . SER A 1 48  ? 9.421   14.329  -0.568  1.00 48.39  ? 62  SER A O   1 
ATOM   387  C CB  . SER A 1 48  ? 11.235  13.138  -2.942  1.00 50.60  ? 62  SER A CB  1 
ATOM   388  O OG  . SER A 1 48  ? 11.848  14.417  -2.970  1.00 54.63  ? 62  SER A OG  1 
ATOM   389  N N   . GLU A 1 49  ? 11.626  14.689  -0.208  1.00 64.66  ? 63  GLU A N   1 
ATOM   390  C CA  . GLU A 1 49  ? 11.425  15.935  0.562   1.00 71.25  ? 63  GLU A CA  1 
ATOM   391  C C   . GLU A 1 49  ? 10.715  17.073  -0.181  1.00 70.89  ? 63  GLU A C   1 
ATOM   392  O O   . GLU A 1 49  ? 10.024  17.868  0.450   1.00 80.35  ? 63  GLU A O   1 
ATOM   393  C CB  . GLU A 1 49  ? 12.755  16.452  1.113   1.00 72.30  ? 63  GLU A CB  1 
ATOM   394  C CG  . GLU A 1 49  ? 13.469  15.492  2.055   1.00 74.54  ? 63  GLU A CG  1 
ATOM   395  C CD  . GLU A 1 49  ? 12.672  15.151  3.312   1.00 81.27  ? 63  GLU A CD  1 
ATOM   396  O OE1 . GLU A 1 49  ? 11.672  15.843  3.638   1.00 87.05  ? 63  GLU A OE1 1 
ATOM   397  O OE2 . GLU A 1 49  ? 13.060  14.176  3.997   1.00 81.11  ? 63  GLU A OE2 1 
ATOM   398  N N   . LYS A 1 50  ? 10.848  17.136  -1.502  1.00 72.33  ? 64  LYS A N   1 
ATOM   399  C CA  . LYS A 1 50  ? 10.284  18.250  -2.281  1.00 79.49  ? 64  LYS A CA  1 
ATOM   400  C C   . LYS A 1 50  ? 8.795   18.149  -2.665  1.00 81.34  ? 64  LYS A C   1 
ATOM   401  O O   . LYS A 1 50  ? 8.328   18.943  -3.482  1.00 85.55  ? 64  LYS A O   1 
ATOM   402  C CB  . LYS A 1 50  ? 11.142  18.497  -3.536  1.00 85.41  ? 64  LYS A CB  1 
ATOM   403  C CG  . LYS A 1 50  ? 11.020  17.468  -4.656  1.00 89.94  ? 64  LYS A CG  1 
ATOM   404  C CD  . LYS A 1 50  ? 11.920  17.807  -5.841  1.00 93.96  ? 64  LYS A CD  1 
ATOM   405  C CE  . LYS A 1 50  ? 13.386  17.458  -5.591  1.00 97.07  ? 64  LYS A CE  1 
ATOM   406  N NZ  . LYS A 1 50  ? 14.171  18.437  -4.783  1.00 100.51 ? 64  LYS A NZ  1 
ATOM   407  N N   . LEU A 1 51  ? 8.048   17.207  -2.089  1.00 81.21  ? 65  LEU A N   1 
ATOM   408  C CA  . LEU A 1 51  ? 6.629   17.029  -2.440  1.00 86.63  ? 65  LEU A CA  1 
ATOM   409  C C   . LEU A 1 51  ? 5.716   17.958  -1.617  1.00 90.51  ? 65  LEU A C   1 
ATOM   410  O O   . LEU A 1 51  ? 6.114   18.467  -0.560  1.00 82.56  ? 65  LEU A O   1 
ATOM   411  C CB  . LEU A 1 51  ? 6.198   15.559  -2.250  1.00 88.68  ? 65  LEU A CB  1 
ATOM   412  C CG  . LEU A 1 51  ? 6.562   14.519  -3.324  1.00 87.80  ? 65  LEU A CG  1 
ATOM   413  C CD1 . LEU A 1 51  ? 5.674   14.653  -4.554  1.00 86.69  ? 65  LEU A CD1 1 
ATOM   414  C CD2 . LEU A 1 51  ? 8.021   14.617  -3.721  1.00 86.30  ? 65  LEU A CD2 1 
ATOM   415  N N   . ARG A 1 52  ? 4.495   18.165  -2.116  1.00 93.65  ? 66  ARG A N   1 
ATOM   416  C CA  . ARG A 1 52  ? 3.441   18.843  -1.346  1.00 97.61  ? 66  ARG A CA  1 
ATOM   417  C C   . ARG A 1 52  ? 3.012   17.962  -0.174  1.00 91.44  ? 66  ARG A C   1 
ATOM   418  O O   . ARG A 1 52  ? 3.322   18.276  0.978   1.00 87.33  ? 66  ARG A O   1 
ATOM   419  C CB  . ARG A 1 52  ? 2.224   19.213  -2.223  1.00 103.80 ? 66  ARG A CB  1 
ATOM   420  C CG  . ARG A 1 52  ? 2.079   20.700  -2.493  1.00 107.80 ? 66  ARG A CG  1 
ATOM   421  C CD  . ARG A 1 52  ? 3.220   21.263  -3.326  1.00 109.35 ? 66  ARG A CD  1 
ATOM   422  N NE  . ARG A 1 52  ? 3.174   22.723  -3.352  1.00 110.86 ? 66  ARG A NE  1 
ATOM   423  C CZ  . ARG A 1 52  ? 4.011   23.507  -4.031  1.00 113.60 ? 66  ARG A CZ  1 
ATOM   424  N NH1 . ARG A 1 52  ? 4.992   22.993  -4.772  1.00 115.13 ? 66  ARG A NH1 1 
ATOM   425  N NH2 . ARG A 1 52  ? 3.861   24.828  -3.969  1.00 115.05 ? 66  ARG A NH2 1 
ATOM   426  N N   . ARG A 1 53  ? 2.324   16.861  -0.486  1.00 86.42  ? 67  ARG A N   1 
ATOM   427  C CA  . ARG A 1 53  ? 1.858   15.905  0.522   1.00 84.89  ? 67  ARG A CA  1 
ATOM   428  C C   . ARG A 1 53  ? 3.022   15.137  1.154   1.00 79.51  ? 67  ARG A C   1 
ATOM   429  O O   . ARG A 1 53  ? 3.974   14.758  0.468   1.00 73.18  ? 67  ARG A O   1 
ATOM   430  C CB  . ARG A 1 53  ? 0.874   14.884  -0.077  1.00 88.93  ? 67  ARG A CB  1 
ATOM   431  C CG  . ARG A 1 53  ? -0.457  15.454  -0.532  1.00 92.45  ? 67  ARG A CG  1 
ATOM   432  C CD  . ARG A 1 53  ? -1.642  14.621  -0.058  1.00 96.32  ? 67  ARG A CD  1 
ATOM   433  N NE  . ARG A 1 53  ? -2.861  15.434  -0.048  1.00 99.48  ? 67  ARG A NE  1 
ATOM   434  C CZ  . ARG A 1 53  ? -3.906  15.280  0.771   1.00 98.91  ? 67  ARG A CZ  1 
ATOM   435  N NH1 . ARG A 1 53  ? -3.945  14.318  1.697   1.00 97.82  ? 67  ARG A NH1 1 
ATOM   436  N NH2 . ARG A 1 53  ? -4.939  16.111  0.660   1.00 96.56  ? 67  ARG A NH2 1 
ATOM   437  N N   . ALA A 1 54  ? 2.920   14.947  2.469   1.00 76.49  ? 68  ALA A N   1 
ATOM   438  C CA  . ALA A 1 54  ? 3.754   14.034  3.263   1.00 72.16  ? 68  ALA A CA  1 
ATOM   439  C C   . ALA A 1 54  ? 5.237   13.914  2.851   1.00 69.92  ? 68  ALA A C   1 
ATOM   440  O O   . ALA A 1 54  ? 5.690   12.824  2.521   1.00 65.42  ? 68  ALA A O   1 
ATOM   441  C CB  . ALA A 1 54  ? 3.081   12.662  3.273   1.00 74.94  ? 68  ALA A CB  1 
ATOM   442  N N   . PRO A 1 55  ? 5.995   15.034  2.870   1.00 64.24  ? 69  PRO A N   1 
ATOM   443  C CA  . PRO A 1 55  ? 7.424   14.987  2.489   1.00 58.95  ? 69  PRO A CA  1 
ATOM   444  C C   . PRO A 1 55  ? 8.244   14.102  3.405   1.00 55.62  ? 69  PRO A C   1 
ATOM   445  O O   . PRO A 1 55  ? 8.169   14.274  4.607   1.00 55.96  ? 69  PRO A O   1 
ATOM   446  C CB  . PRO A 1 55  ? 7.905   16.442  2.647   1.00 62.75  ? 69  PRO A CB  1 
ATOM   447  C CG  . PRO A 1 55  ? 6.687   17.274  2.822   1.00 64.98  ? 69  PRO A CG  1 
ATOM   448  C CD  . PRO A 1 55  ? 5.546   16.393  3.230   1.00 64.87  ? 69  PRO A CD  1 
ATOM   449  N N   . GLY A 1 56  ? 9.018   13.165  2.854   1.00 48.19  ? 70  GLY A N   1 
ATOM   450  C CA  . GLY A 1 56  ? 9.849   12.274  3.682   1.00 46.12  ? 70  GLY A CA  1 
ATOM   451  C C   . GLY A 1 56  ? 9.143   11.150  4.442   1.00 40.76  ? 70  GLY A C   1 
ATOM   452  O O   . GLY A 1 56  ? 9.809   10.397  5.167   1.00 41.24  ? 70  GLY A O   1 
ATOM   453  N N   . GLU A 1 57  ? 7.820   11.009  4.286   1.00 39.28  ? 71  GLU A N   1 
ATOM   454  C CA  . GLU A 1 57  ? 7.060   9.992   5.045   1.00 38.23  ? 71  GLU A CA  1 
ATOM   455  C C   . GLU A 1 57  ? 7.054   8.642   4.320   1.00 33.56  ? 71  GLU A C   1 
ATOM   456  O O   . GLU A 1 57  ? 7.171   8.593   3.090   1.00 32.51  ? 71  GLU A O   1 
ATOM   457  C CB  . GLU A 1 57  ? 5.608   10.445  5.271   1.00 44.07  ? 71  GLU A CB  1 
ATOM   458  C CG  . GLU A 1 57  ? 5.439   11.507  6.355   1.00 49.27  ? 71  GLU A CG  1 
ATOM   459  C CD  . GLU A 1 57  ? 3.989   11.926  6.586   1.00 52.64  ? 71  GLU A CD  1 
ATOM   460  O OE1 . GLU A 1 57  ? 3.052   11.104  6.395   1.00 47.74  ? 71  GLU A OE1 1 
ATOM   461  O OE2 . GLU A 1 57  ? 3.779   13.101  6.970   1.00 54.36  ? 71  GLU A OE2 1 
ATOM   462  N N   . VAL A 1 58  ? 6.865   7.573   5.093   1.00 31.13  ? 72  VAL A N   1 
ATOM   463  C CA  . VAL A 1 58  ? 6.579   6.252   4.552   1.00 29.69  ? 72  VAL A CA  1 
ATOM   464  C C   . VAL A 1 58  ? 5.103   6.191   4.100   1.00 29.50  ? 72  VAL A C   1 
ATOM   465  O O   . VAL A 1 58  ? 4.206   6.356   4.928   1.00 28.05  ? 72  VAL A O   1 
ATOM   466  C CB  . VAL A 1 58  ? 6.897   5.150   5.580   1.00 29.83  ? 72  VAL A CB  1 
ATOM   467  C CG1 . VAL A 1 58  ? 6.412   3.797   5.112   1.00 31.14  ? 72  VAL A CG1 1 
ATOM   468  C CG2 . VAL A 1 58  ? 8.400   5.074   5.831   1.00 33.41  ? 72  VAL A CG2 1 
ATOM   469  N N   . CYS A 1 59  ? 4.871   5.919   2.810   1.00 26.58  ? 73  CYS A N   1 
ATOM   470  C CA  . CYS A 1 59  ? 3.531   5.819   2.232   1.00 27.62  ? 73  CYS A CA  1 
ATOM   471  C C   . CYS A 1 59  ? 3.456   4.666   1.206   1.00 27.70  ? 73  CYS A C   1 
ATOM   472  O O   . CYS A 1 59  ? 4.481   4.271   0.613   1.00 29.43  ? 73  CYS A O   1 
ATOM   473  C CB  . CYS A 1 59  ? 3.207   7.125   1.497   1.00 34.10  ? 73  CYS A CB  1 
ATOM   474  S SG  . CYS A 1 59  ? 3.166   8.613   2.555   1.00 41.03  ? 73  CYS A SG  1 
ATOM   475  N N   . PHE A 1 60  ? 2.246   4.209   0.918   1.00 21.79  ? 74  PHE A N   1 
ATOM   476  C CA  . PHE A 1 60  ? 1.998   3.365   -0.256  1.00 22.18  ? 74  PHE A CA  1 
ATOM   477  C C   . PHE A 1 60  ? 2.077   4.198   -1.539  1.00 24.10  ? 74  PHE A C   1 
ATOM   478  O O   . PHE A 1 60  ? 1.811   5.391   -1.509  1.00 24.98  ? 74  PHE A O   1 
ATOM   479  C CB  . PHE A 1 60  ? 0.647   2.666   -0.146  1.00 22.33  ? 74  PHE A CB  1 
ATOM   480  C CG  . PHE A 1 60  ? 0.600   1.630   0.954   1.00 21.91  ? 74  PHE A CG  1 
ATOM   481  C CD1 . PHE A 1 60  ? 1.411   0.476   0.861   1.00 21.62  ? 74  PHE A CD1 1 
ATOM   482  C CD2 . PHE A 1 60  ? -0.190  1.812   2.091   1.00 22.42  ? 74  PHE A CD2 1 
ATOM   483  C CE1 . PHE A 1 60  ? 1.405   -0.502  1.859   1.00 22.22  ? 74  PHE A CE1 1 
ATOM   484  C CE2 . PHE A 1 60  ? -0.210  0.837   3.105   1.00 21.96  ? 74  PHE A CE2 1 
ATOM   485  C CZ  . PHE A 1 60  ? 0.589   -0.316  2.998   1.00 23.13  ? 74  PHE A CZ  1 
ATOM   486  N N   . PRO A 1 61  ? 2.447   3.580   -2.672  1.00 23.07  ? 75  PRO A N   1 
ATOM   487  C CA  . PRO A 1 61  ? 2.370   4.309   -3.955  1.00 24.40  ? 75  PRO A CA  1 
ATOM   488  C C   . PRO A 1 61  ? 0.923   4.814   -4.238  1.00 25.18  ? 75  PRO A C   1 
ATOM   489  O O   . PRO A 1 61  ? -0.045  4.106   -3.919  1.00 22.00  ? 75  PRO A O   1 
ATOM   490  C CB  . PRO A 1 61  ? 2.728   3.235   -4.994  1.00 25.65  ? 75  PRO A CB  1 
ATOM   491  C CG  . PRO A 1 61  ? 3.314   2.100   -4.257  1.00 24.71  ? 75  PRO A CG  1 
ATOM   492  C CD  . PRO A 1 61  ? 2.924   2.193   -2.819  1.00 23.93  ? 75  PRO A CD  1 
ATOM   493  N N   . GLY A 1 62  ? 0.787   6.001   -4.815  1.00 24.07  ? 76  GLY A N   1 
ATOM   494  C CA  . GLY A 1 62  ? -0.545  6.582   -5.064  1.00 25.00  ? 76  GLY A CA  1 
ATOM   495  C C   . GLY A 1 62  ? -0.493  8.068   -5.331  1.00 26.23  ? 76  GLY A C   1 
ATOM   496  O O   . GLY A 1 62  ? 0.598   8.673   -5.399  1.00 24.19  ? 76  GLY A O   1 
ATOM   497  N N   . GLY A 1 63  ? -1.681  8.655   -5.508  1.00 26.94  ? 77  GLY A N   1 
ATOM   498  C CA  . GLY A 1 63  ? -1.788  10.070  -5.772  1.00 24.71  ? 77  GLY A CA  1 
ATOM   499  C C   . GLY A 1 63  ? -3.167  10.503  -6.205  1.00 24.02  ? 77  GLY A C   1 
ATOM   500  O O   . GLY A 1 63  ? -4.142  9.755   -6.096  1.00 21.88  ? 77  GLY A O   1 
ATOM   501  N N   . LYS A 1 64  ? -3.235  11.738  -6.703  1.00 24.90  ? 78  LYS A N   1 
ATOM   502  C CA  . LYS A 1 64  ? -4.513  12.395  -7.064  1.00 25.09  ? 78  LYS A CA  1 
ATOM   503  C C   . LYS A 1 64  ? -5.077  11.929  -8.388  1.00 24.33  ? 78  LYS A C   1 
ATOM   504  O O   . LYS A 1 64  ? -4.349  11.792  -9.378  1.00 24.79  ? 78  LYS A O   1 
ATOM   505  C CB  . LYS A 1 64  ? -4.323  13.925  -7.118  1.00 27.87  ? 78  LYS A CB  1 
ATOM   506  C CG  . LYS A 1 64  ? -5.645  14.673  -7.078  1.00 32.67  ? 78  LYS A CG  1 
ATOM   507  C CD  . LYS A 1 64  ? -5.477  16.174  -6.874  1.00 41.43  ? 78  LYS A CD  1 
ATOM   508  C CE  . LYS A 1 64  ? -6.798  16.912  -7.130  1.00 44.25  ? 78  LYS A CE  1 
ATOM   509  N NZ  . LYS A 1 64  ? -7.869  16.448  -6.222  1.00 54.35  ? 78  LYS A NZ  1 
ATOM   510  N N   . ARG A 1 65  ? -6.376  11.667  -8.435  1.00 22.79  ? 79  ARG A N   1 
ATOM   511  C CA  . ARG A 1 65  ? -7.019  11.298  -9.660  1.00 23.49  ? 79  ARG A CA  1 
ATOM   512  C C   . ARG A 1 65  ? -6.900  12.456  -10.664 1.00 25.80  ? 79  ARG A C   1 
ATOM   513  O O   . ARG A 1 65  ? -6.901  13.627  -10.258 1.00 24.89  ? 79  ARG A O   1 
ATOM   514  C CB  . ARG A 1 65  ? -8.476  10.939  -9.420  1.00 26.33  ? 79  ARG A CB  1 
ATOM   515  C CG  . ARG A 1 65  ? -9.245  10.621  -10.705 1.00 28.48  ? 79  ARG A CG  1 
ATOM   516  C CD  . ARG A 1 65  ? -10.429 9.713   -10.444 1.00 31.39  ? 79  ARG A CD  1 
ATOM   517  N NE  . ARG A 1 65  ? -11.239 9.463   -11.640 1.00 29.74  ? 79  ARG A NE  1 
ATOM   518  C CZ  . ARG A 1 65  ? -12.336 8.714   -11.658 1.00 32.90  ? 79  ARG A CZ  1 
ATOM   519  N NH1 . ARG A 1 65  ? -12.766 8.114   -10.549 1.00 32.37  ? 79  ARG A NH1 1 
ATOM   520  N NH2 . ARG A 1 65  ? -13.030 8.569   -12.787 1.00 33.79  ? 79  ARG A NH2 1 
ATOM   521  N N   . ASP A 1 66  ? -6.728  12.111  -11.932 1.00 25.61  ? 80  ASP A N   1 
ATOM   522  C CA  . ASP A 1 66  ? -6.731  13.113  -13.034 1.00 26.80  ? 80  ASP A CA  1 
ATOM   523  C C   . ASP A 1 66  ? -7.724  12.760  -14.124 1.00 25.78  ? 80  ASP A C   1 
ATOM   524  O O   . ASP A 1 66  ? -8.284  11.656  -14.122 1.00 26.39  ? 80  ASP A O   1 
ATOM   525  C CB  . ASP A 1 66  ? -5.283  13.420  -13.503 1.00 26.24  ? 80  ASP A CB  1 
ATOM   526  C CG  . ASP A 1 66  ? -4.752  12.480  -14.570 1.00 27.14  ? 80  ASP A CG  1 
ATOM   527  O OD1 . ASP A 1 66  ? -5.486  11.649  -15.165 1.00 27.35  ? 80  ASP A OD1 1 
ATOM   528  O OD2 . ASP A 1 66  ? -3.535  12.624  -14.846 1.00 30.59  ? 80  ASP A OD2 1 
ATOM   529  N N   . PRO A 1 67  ? -7.999  13.707  -15.090 1.00 27.99  ? 81  PRO A N   1 
ATOM   530  C CA  . PRO A 1 67  ? -9.046  13.451  -16.079 1.00 28.50  ? 81  PRO A CA  1 
ATOM   531  C C   . PRO A 1 67  ? -8.825  12.282  -16.978 1.00 26.12  ? 81  PRO A C   1 
ATOM   532  O O   . PRO A 1 67  ? -9.787  11.755  -17.486 1.00 27.70  ? 81  PRO A O   1 
ATOM   533  C CB  . PRO A 1 67  ? -9.107  14.778  -16.903 1.00 31.92  ? 81  PRO A CB  1 
ATOM   534  C CG  . PRO A 1 67  ? -8.600  15.807  -15.970 1.00 30.37  ? 81  PRO A CG  1 
ATOM   535  C CD  . PRO A 1 67  ? -7.556  15.118  -15.119 1.00 29.61  ? 81  PRO A CD  1 
ATOM   536  N N   . THR A 1 68  ? -7.574  11.838  -17.163 1.00 27.49  ? 82  THR A N   1 
ATOM   537  C CA  . THR A 1 68  ? -7.287  10.667  -18.004 1.00 26.98  ? 82  THR A CA  1 
ATOM   538  C C   . THR A 1 68  ? -7.764  9.306   -17.428 1.00 29.77  ? 82  THR A C   1 
ATOM   539  O O   . THR A 1 68  ? -8.027  8.349   -18.176 1.00 29.21  ? 82  THR A O   1 
ATOM   540  C CB  . THR A 1 68  ? -5.768  10.523  -18.343 1.00 29.74  ? 82  THR A CB  1 
ATOM   541  O OG1 . THR A 1 68  ? -5.014  10.064  -17.201 1.00 29.11  ? 82  THR A OG1 1 
ATOM   542  C CG2 . THR A 1 68  ? -5.180  11.839  -18.795 1.00 28.40  ? 82  THR A CG2 1 
ATOM   543  N N   . ASP A 1 69  ? -7.874  9.232   -16.103 1.00 29.63  ? 83  ASP A N   1 
ATOM   544  C CA  . ASP A 1 69  ? -8.129  7.948   -15.429 1.00 27.17  ? 83  ASP A CA  1 
ATOM   545  C C   . ASP A 1 69  ? -9.540  7.462   -15.728 1.00 26.70  ? 83  ASP A C   1 
ATOM   546  O O   . ASP A 1 69  ? -10.503 8.193   -15.482 1.00 28.28  ? 83  ASP A O   1 
ATOM   547  C CB  . ASP A 1 69  ? -7.950  8.138   -13.903 1.00 26.49  ? 83  ASP A CB  1 
ATOM   548  C CG  . ASP A 1 69  ? -6.545  8.461   -13.500 1.00 25.48  ? 83  ASP A CG  1 
ATOM   549  O OD1 . ASP A 1 69  ? -5.614  7.949   -14.155 1.00 28.26  ? 83  ASP A OD1 1 
ATOM   550  O OD2 . ASP A 1 69  ? -6.312  9.190   -12.507 1.00 27.05  ? 83  ASP A OD2 1 
ATOM   551  N N   . MET A 1 70  ? -9.676  6.239   -16.226 1.00 26.51  ? 84  MET A N   1 
ATOM   552  C CA  . MET A 1 70  ? -10.996 5.633   -16.459 1.00 30.56  ? 84  MET A CA  1 
ATOM   553  C C   . MET A 1 70  ? -11.780 5.403   -15.156 1.00 29.95  ? 84  MET A C   1 
ATOM   554  O O   . MET A 1 70  ? -13.000 5.445   -15.157 1.00 27.95  ? 84  MET A O   1 
ATOM   555  C CB  . MET A 1 70  ? -10.869 4.289   -17.205 1.00 34.79  ? 84  MET A CB  1 
ATOM   556  C CG  . MET A 1 70  ? -10.435 4.400   -18.665 1.00 43.41  ? 84  MET A CG  1 
ATOM   557  S SD  . MET A 1 70  ? -11.645 5.218   -19.739 1.00 49.13  ? 84  MET A SD  1 
ATOM   558  C CE  . MET A 1 70  ? -13.032 4.077   -19.718 1.00 50.08  ? 84  MET A CE  1 
ATOM   559  N N   . ASP A 1 71  ? -11.066 5.133   -14.064 1.00 27.41  ? 85  ASP A N   1 
ATOM   560  C CA  . ASP A 1 71  ? -11.667 4.846   -12.763 1.00 28.24  ? 85  ASP A CA  1 
ATOM   561  C C   . ASP A 1 71  ? -10.606 5.005   -11.655 1.00 26.05  ? 85  ASP A C   1 
ATOM   562  O O   . ASP A 1 71  ? -9.432  5.326   -11.936 1.00 24.28  ? 85  ASP A O   1 
ATOM   563  C CB  . ASP A 1 71  ? -12.349 3.458   -12.769 1.00 29.99  ? 85  ASP A CB  1 
ATOM   564  C CG  . ASP A 1 71  ? -11.398 2.305   -13.096 1.00 30.48  ? 85  ASP A CG  1 
ATOM   565  O OD1 . ASP A 1 71  ? -10.170 2.451   -13.007 1.00 29.65  ? 85  ASP A OD1 1 
ATOM   566  O OD2 . ASP A 1 71  ? -11.879 1.203   -13.398 1.00 33.34  ? 85  ASP A OD2 1 
ATOM   567  N N   . ASP A 1 72  ? -10.988 4.789   -10.394 1.00 24.11  ? 86  ASP A N   1 
ATOM   568  C CA  . ASP A 1 72  ? -10.051 4.954   -9.264  1.00 23.60  ? 86  ASP A CA  1 
ATOM   569  C C   . ASP A 1 72  ? -8.883  3.964   -9.278  1.00 20.85  ? 86  ASP A C   1 
ATOM   570  O O   . ASP A 1 72  ? -7.779  4.300   -8.862  1.00 22.90  ? 86  ASP A O   1 
ATOM   571  C CB  . ASP A 1 72  ? -10.801 4.911   -7.906  1.00 25.10  ? 86  ASP A CB  1 
ATOM   572  C CG  . ASP A 1 72  ? -11.738 6.124   -7.698  1.00 28.70  ? 86  ASP A CG  1 
ATOM   573  O OD1 . ASP A 1 72  ? -11.384 7.246   -8.142  1.00 26.30  ? 86  ASP A OD1 1 
ATOM   574  O OD2 . ASP A 1 72  ? -12.821 5.972   -7.052  1.00 28.79  ? 86  ASP A OD2 1 
ATOM   575  N N   . ALA A 1 73  ? -9.118  2.750   -9.742  1.00 23.07  ? 87  ALA A N   1 
ATOM   576  C CA  . ALA A 1 73  ? -8.016  1.749   -9.882  1.00 22.36  ? 87  ALA A CA  1 
ATOM   577  C C   . ALA A 1 73  ? -6.948  2.265   -10.858 1.00 23.57  ? 87  ALA A C   1 
ATOM   578  O O   . ALA A 1 73  ? -5.756  2.153   -10.584 1.00 21.39  ? 87  ALA A O   1 
ATOM   579  C CB  . ALA A 1 73  ? -8.566  0.417   -10.351 1.00 22.41  ? 87  ALA A CB  1 
ATOM   580  N N   . ALA A 1 74  ? -7.397  2.844   -11.981 1.00 23.35  ? 88  ALA A N   1 
ATOM   581  C CA  . ALA A 1 74  ? -6.455  3.481   -12.946 1.00 24.51  ? 88  ALA A CA  1 
ATOM   582  C C   . ALA A 1 74  ? -5.540  4.533   -12.340 1.00 22.68  ? 88  ALA A C   1 
ATOM   583  O O   . ALA A 1 74  ? -4.344  4.540   -12.635 1.00 23.83  ? 88  ALA A O   1 
ATOM   584  C CB  . ALA A 1 74  ? -7.205  4.045   -14.150 1.00 25.48  ? 88  ALA A CB  1 
ATOM   585  N N   . THR A 1 75  ? -6.062  5.388   -11.444 1.00 22.48  ? 89  THR A N   1 
ATOM   586  C CA  . THR A 1 75  ? -5.247  6.349   -10.700 1.00 21.36  ? 89  THR A CA  1 
ATOM   587  C C   . THR A 1 75  ? -4.103  5.673   -9.960  1.00 21.98  ? 89  THR A C   1 
ATOM   588  O O   . THR A 1 75  ? -2.927  6.102   -10.034 1.00 20.95  ? 89  THR A O   1 
ATOM   589  C CB  . THR A 1 75  ? -6.099  7.147   -9.663  1.00 22.81  ? 89  THR A CB  1 
ATOM   590  O OG1 . THR A 1 75  ? -7.237  7.721   -10.303 1.00 20.84  ? 89  THR A OG1 1 
ATOM   591  C CG2 . THR A 1 75  ? -5.289  8.206   -8.975  1.00 23.28  ? 89  THR A CG2 1 
ATOM   592  N N   . ALA A 1 76  ? -4.455  4.621   -9.192  1.00 21.12  ? 90  ALA A N   1 
ATOM   593  C CA  . ALA A 1 76  ? -3.444  3.926   -8.411  1.00 21.20  ? 90  ALA A CA  1 
ATOM   594  C C   . ALA A 1 76  ? -2.329  3.334   -9.323  1.00 19.84  ? 90  ALA A C   1 
ATOM   595  O O   . ALA A 1 76  ? -1.169  3.442   -8.972  1.00 21.44  ? 90  ALA A O   1 
ATOM   596  C CB  . ALA A 1 76  ? -4.082  2.839   -7.533  1.00 22.34  ? 90  ALA A CB  1 
ATOM   597  N N   . LEU A 1 77  ? -2.704  2.686   -10.418 1.00 22.75  ? 91  LEU A N   1 
ATOM   598  C CA  . LEU A 1 77  ? -1.740  2.064   -11.345 1.00 25.33  ? 91  LEU A CA  1 
ATOM   599  C C   . LEU A 1 77  ? -0.875  3.089   -12.079 1.00 25.56  ? 91  LEU A C   1 
ATOM   600  O O   . LEU A 1 77  ? 0.339   2.911   -12.150 1.00 22.93  ? 91  LEU A O   1 
ATOM   601  C CB  . LEU A 1 77  ? -2.454  1.155   -12.352 1.00 27.04  ? 91  LEU A CB  1 
ATOM   602  C CG  . LEU A 1 77  ? -3.197  -0.069  -11.795 1.00 29.24  ? 91  LEU A CG  1 
ATOM   603  C CD1 . LEU A 1 77  ? -3.697  -0.946  -12.928 1.00 32.61  ? 91  LEU A CD1 1 
ATOM   604  C CD2 . LEU A 1 77  ? -2.343  -0.859  -10.817 1.00 31.35  ? 91  LEU A CD2 1 
ATOM   605  N N   . ARG A 1 78  ? -1.482  4.206   -12.526 1.00 24.73  ? 92  ARG A N   1 
ATOM   606  C CA  . ARG A 1 78  ? -0.718  5.314   -13.150 1.00 24.43  ? 92  ARG A CA  1 
ATOM   607  C C   . ARG A 1 78  ? 0.342   5.854   -12.232 1.00 25.68  ? 92  ARG A C   1 
ATOM   608  O O   . ARG A 1 78  ? 1.517   6.012   -12.620 1.00 24.53  ? 92  ARG A O   1 
ATOM   609  C CB  . ARG A 1 78  ? -1.649  6.457   -13.648 1.00 25.40  ? 92  ARG A CB  1 
ATOM   610  C CG  . ARG A 1 78  ? -0.938  7.648   -14.309 1.00 27.08  ? 92  ARG A CG  1 
ATOM   611  C CD  . ARG A 1 78  ? -1.922  8.693   -14.858 1.00 27.17  ? 92  ARG A CD  1 
ATOM   612  N NE  . ARG A 1 78  ? -2.892  9.109   -13.839 1.00 24.42  ? 92  ARG A NE  1 
ATOM   613  C CZ  . ARG A 1 78  ? -2.658  9.921   -12.812 1.00 24.59  ? 92  ARG A CZ  1 
ATOM   614  N NH1 . ARG A 1 78  ? -1.470  10.498  -12.604 1.00 26.61  ? 92  ARG A NH1 1 
ATOM   615  N NH2 . ARG A 1 78  ? -3.652  10.173  -11.953 1.00 26.87  ? 92  ARG A NH2 1 
ATOM   616  N N   . GLU A 1 79  ? -0.054  6.136   -10.986 1.00 23.94  ? 93  GLU A N   1 
ATOM   617  C CA  . GLU A 1 79  ? 0.859   6.668   -10.017 1.00 24.66  ? 93  GLU A CA  1 
ATOM   618  C C   . GLU A 1 79  ? 1.958   5.680   -9.606  1.00 24.81  ? 93  GLU A C   1 
ATOM   619  O O   . GLU A 1 79  ? 3.122   6.083   -9.459  1.00 24.33  ? 93  GLU A O   1 
ATOM   620  C CB  . GLU A 1 79  ? 0.113   7.252   -8.791  1.00 27.20  ? 93  GLU A CB  1 
ATOM   621  C CG  . GLU A 1 79  ? -0.719  8.498   -9.144  1.00 30.13  ? 93  GLU A CG  1 
ATOM   622  C CD  . GLU A 1 79  ? 0.033   9.841   -9.103  1.00 34.04  ? 93  GLU A CD  1 
ATOM   623  O OE1 . GLU A 1 79  ? 1.180   9.932   -8.664  1.00 40.97  ? 93  GLU A OE1 1 
ATOM   624  O OE2 . GLU A 1 79  ? -0.581  10.860  -9.460  1.00 44.37  ? 93  GLU A OE2 1 
ATOM   625  N N   . ALA A 1 80  ? 1.602   4.407   -9.401  1.00 23.30  ? 94  ALA A N   1 
ATOM   626  C CA  . ALA A 1 80  ? 2.611   3.409   -9.096  1.00 25.11  ? 94  ALA A CA  1 
ATOM   627  C C   . ALA A 1 80  ? 3.687   3.307   -10.219 1.00 25.44  ? 94  ALA A C   1 
ATOM   628  O O   . ALA A 1 80  ? 4.861   3.131   -9.920  1.00 28.06  ? 94  ALA A O   1 
ATOM   629  C CB  . ALA A 1 80  ? 1.964   2.058   -8.864  1.00 25.30  ? 94  ALA A CB  1 
ATOM   630  N N   . GLN A 1 81  ? 3.277   3.429   -11.470 1.00 25.88  ? 95  GLN A N   1 
ATOM   631  C CA  . GLN A 1 81  ? 4.243   3.378   -12.614 1.00 29.73  ? 95  GLN A CA  1 
ATOM   632  C C   . GLN A 1 81  ? 5.209   4.554   -12.548 1.00 30.99  ? 95  GLN A C   1 
ATOM   633  O O   . GLN A 1 81  ? 6.440   4.384   -12.589 1.00 29.11  ? 95  GLN A O   1 
ATOM   634  C CB  . GLN A 1 81  ? 3.524   3.306   -13.963 1.00 32.15  ? 95  GLN A CB  1 
ATOM   635  C CG  . GLN A 1 81  ? 4.495   2.980   -15.117 1.00 34.85  ? 95  GLN A CG  1 
ATOM   636  C CD  . GLN A 1 81  ? 3.818   2.648   -16.435 1.00 38.29  ? 95  GLN A CD  1 
ATOM   637  O OE1 . GLN A 1 81  ? 2.620   2.393   -16.512 1.00 46.14  ? 95  GLN A OE1 1 
ATOM   638  N NE2 . GLN A 1 81  ? 4.609   2.621   -17.491 1.00 48.59  ? 95  GLN A NE2 1 
ATOM   639  N N   . GLU A 1 82  ? 4.648   5.743   -12.333 1.00 29.75  ? 96  GLU A N   1 
ATOM   640  C CA  . GLU A 1 82  ? 5.424   6.967   -12.241 1.00 31.55  ? 96  GLU A CA  1 
ATOM   641  C C   . GLU A 1 82  ? 6.417   6.947   -11.076 1.00 31.31  ? 96  GLU A C   1 
ATOM   642  O O   . GLU A 1 82  ? 7.559   7.416   -11.210 1.00 29.59  ? 96  GLU A O   1 
ATOM   643  C CB  . GLU A 1 82  ? 4.455   8.171   -12.119 1.00 37.71  ? 96  GLU A CB  1 
ATOM   644  C CG  . GLU A 1 82  ? 5.129   9.518   -11.995 1.00 45.71  ? 96  GLU A CG  1 
ATOM   645  C CD  . GLU A 1 82  ? 5.944   9.842   -13.230 1.00 55.89  ? 96  GLU A CD  1 
ATOM   646  O OE1 . GLU A 1 82  ? 5.540   9.422   -14.343 1.00 65.01  ? 96  GLU A OE1 1 
ATOM   647  O OE2 . GLU A 1 82  ? 6.994   10.496  -13.086 1.00 70.08  ? 96  GLU A OE2 1 
ATOM   648  N N   . GLU A 1 83  ? 6.002   6.440   -9.916  1.00 26.43  ? 97  GLU A N   1 
ATOM   649  C CA  . GLU A 1 83  ? 6.840   6.439   -8.728  1.00 27.31  ? 97  GLU A CA  1 
ATOM   650  C C   . GLU A 1 83  ? 7.906   5.335   -8.676  1.00 28.13  ? 97  GLU A C   1 
ATOM   651  O O   . GLU A 1 83  ? 9.016   5.594   -8.201  1.00 27.26  ? 97  GLU A O   1 
ATOM   652  C CB  . GLU A 1 83  ? 5.985   6.408   -7.436  1.00 28.09  ? 97  GLU A CB  1 
ATOM   653  C CG  . GLU A 1 83  ? 5.143   7.710   -7.308  1.00 29.97  ? 97  GLU A CG  1 
ATOM   654  C CD  . GLU A 1 83  ? 3.887   7.623   -6.437  1.00 38.15  ? 97  GLU A CD  1 
ATOM   655  O OE1 . GLU A 1 83  ? 3.485   6.526   -6.036  1.00 37.43  ? 97  GLU A OE1 1 
ATOM   656  O OE2 . GLU A 1 83  ? 3.249   8.689   -6.196  1.00 40.56  ? 97  GLU A OE2 1 
ATOM   657  N N   . VAL A 1 84  ? 7.548   4.104   -9.036  1.00 28.16  ? 98  VAL A N   1 
ATOM   658  C CA  . VAL A 1 84  ? 8.485   2.954   -8.858  1.00 29.73  ? 98  VAL A CA  1 
ATOM   659  C C   . VAL A 1 84  ? 8.698   2.072   -10.081 1.00 31.23  ? 98  VAL A C   1 
ATOM   660  O O   . VAL A 1 84  ? 9.400   1.049   -9.978  1.00 34.03  ? 98  VAL A O   1 
ATOM   661  C CB  . VAL A 1 84  ? 8.086   2.054   -7.672  1.00 28.32  ? 98  VAL A CB  1 
ATOM   662  C CG1 . VAL A 1 84  ? 7.958   2.874   -6.405  1.00 29.79  ? 98  VAL A CG1 1 
ATOM   663  C CG2 . VAL A 1 84  ? 6.786   1.294   -7.949  1.00 28.85  ? 98  VAL A CG2 1 
ATOM   664  N N   . GLY A 1 85  ? 8.116   2.454   -11.214 1.00 29.65  ? 99  GLY A N   1 
ATOM   665  C CA  . GLY A 1 85  ? 8.260   1.728   -12.469 1.00 32.07  ? 99  GLY A CA  1 
ATOM   666  C C   . GLY A 1 85  ? 7.413   0.496   -12.673 1.00 34.69  ? 99  GLY A C   1 
ATOM   667  O O   . GLY A 1 85  ? 7.635   -0.255  -13.645 1.00 30.42  ? 99  GLY A O   1 
ATOM   668  N N   . LEU A 1 86  ? 6.426   0.274   -11.783 1.00 29.13  ? 100 LEU A N   1 
ATOM   669  C CA  . LEU A 1 86  ? 5.493   -0.842  -11.934 1.00 29.52  ? 100 LEU A CA  1 
ATOM   670  C C   . LEU A 1 86  ? 4.584   -0.685  -13.128 1.00 31.23  ? 100 LEU A C   1 
ATOM   671  O O   . LEU A 1 86  ? 3.795   0.272   -13.204 1.00 33.05  ? 100 LEU A O   1 
ATOM   672  C CB  . LEU A 1 86  ? 4.638   -0.950  -10.652 1.00 29.65  ? 100 LEU A CB  1 
ATOM   673  C CG  . LEU A 1 86  ? 3.655   -2.114  -10.574 1.00 28.64  ? 100 LEU A CG  1 
ATOM   674  C CD1 . LEU A 1 86  ? 4.394   -3.460  -10.423 1.00 28.10  ? 100 LEU A CD1 1 
ATOM   675  C CD2 . LEU A 1 86  ? 2.727   -1.866  -9.402  1.00 28.42  ? 100 LEU A CD2 1 
ATOM   676  N N   . ARG A 1 87  ? 4.652   -1.631  -14.055 1.00 31.96  ? 101 ARG A N   1 
ATOM   677  C CA  . ARG A 1 87  ? 3.854   -1.600  -15.261 1.00 35.43  ? 101 ARG A CA  1 
ATOM   678  C C   . ARG A 1 87  ? 2.544   -2.378  -15.054 1.00 39.74  ? 101 ARG A C   1 
ATOM   679  O O   . ARG A 1 87  ? 2.493   -3.304  -14.236 1.00 35.72  ? 101 ARG A O   1 
ATOM   680  C CB  . ARG A 1 87  ? 4.651   -2.150  -16.434 1.00 41.84  ? 101 ARG A CB  1 
ATOM   681  C CG  . ARG A 1 87  ? 5.781   -1.200  -16.841 1.00 47.17  ? 101 ARG A CG  1 
ATOM   682  C CD  . ARG A 1 87  ? 6.956   -1.900  -17.477 1.00 57.54  ? 101 ARG A CD  1 
ATOM   683  N NE  . ARG A 1 87  ? 6.629   -2.468  -18.783 1.00 69.08  ? 101 ARG A NE  1 
ATOM   684  C CZ  . ARG A 1 87  ? 7.464   -3.201  -19.535 1.00 77.69  ? 101 ARG A CZ  1 
ATOM   685  N NH1 . ARG A 1 87  ? 8.713   -3.465  -19.125 1.00 79.93  ? 101 ARG A NH1 1 
ATOM   686  N NH2 . ARG A 1 87  ? 7.047   -3.676  -20.716 1.00 73.02  ? 101 ARG A NH2 1 
HETATM 687  N N   . HYP A 1 88  ? 1.465   -1.984  -15.756 1.00 44.77  ? 102 HYP A N   1 
HETATM 688  C CA  . HYP A 1 88  ? 0.168   -2.652  -15.571 1.00 42.75  ? 102 HYP A CA  1 
HETATM 689  C C   . HYP A 1 88  ? 0.099   -4.132  -15.782 1.00 39.23  ? 102 HYP A C   1 
HETATM 690  O O   . HYP A 1 88  ? -0.611  -4.805  -15.025 1.00 37.03  ? 102 HYP A O   1 
HETATM 691  C CB  . HYP A 1 88  ? -0.827  -1.896  -16.453 1.00 47.85  ? 102 HYP A CB  1 
HETATM 692  C CG  . HYP A 1 88  ? -0.241  -0.493  -16.519 1.00 50.01  ? 102 HYP A CG  1 
HETATM 693  C CD  . HYP A 1 88  ? 1.274   -0.685  -16.419 1.00 50.12  ? 102 HYP A CD  1 
HETATM 694  O OD1 . HYP A 1 88  ? -0.652  0.273   -15.380 1.00 57.23  ? 102 HYP A OD1 1 
ATOM   695  N N   . HIS A 1 89  ? 0.842   -4.662  -16.753 1.00 34.38  ? 103 HIS A N   1 
ATOM   696  C CA  . HIS A 1 89  ? 0.901   -6.103  -16.927 1.00 38.16  ? 103 HIS A CA  1 
ATOM   697  C C   . HIS A 1 89  ? 1.576   -6.805  -15.727 1.00 30.18  ? 103 HIS A C   1 
ATOM   698  O O   . HIS A 1 89  ? 1.489   -8.034  -15.629 1.00 30.44  ? 103 HIS A O   1 
ATOM   699  C CB  . HIS A 1 89  ? 1.573   -6.518  -18.282 1.00 39.93  ? 103 HIS A CB  1 
ATOM   700  C CG  . HIS A 1 89  ? 3.064   -6.305  -18.331 1.00 38.05  ? 103 HIS A CG  1 
ATOM   701  N ND1 . HIS A 1 89  ? 3.971   -7.281  -17.979 1.00 38.41  ? 103 HIS A ND1 1 
ATOM   702  C CD2 . HIS A 1 89  ? 3.801   -5.237  -18.726 1.00 38.80  ? 103 HIS A CD2 1 
ATOM   703  C CE1 . HIS A 1 89  ? 5.201   -6.803  -18.104 1.00 37.55  ? 103 HIS A CE1 1 
ATOM   704  N NE2 . HIS A 1 89  ? 5.125   -5.564  -18.559 1.00 35.03  ? 103 HIS A NE2 1 
ATOM   705  N N   . GLN A 1 90  ? 2.265   -6.054  -14.855 1.00 27.28  ? 104 GLN A N   1 
ATOM   706  C CA  . GLN A 1 90  ? 2.921   -6.635  -13.673 1.00 28.05  ? 104 GLN A CA  1 
ATOM   707  C C   . GLN A 1 90  ? 2.078   -6.659  -12.391 1.00 26.79  ? 104 GLN A C   1 
ATOM   708  O O   . GLN A 1 90  ? 2.582   -7.071  -11.325 1.00 25.29  ? 104 GLN A O   1 
ATOM   709  C CB  . GLN A 1 90  ? 4.250   -5.910  -13.400 1.00 29.28  ? 104 GLN A CB  1 
ATOM   710  C CG  . GLN A 1 90  ? 5.246   -5.973  -14.576 1.00 31.59  ? 104 GLN A CG  1 
ATOM   711  C CD  . GLN A 1 90  ? 6.567   -5.280  -14.271 1.00 33.57  ? 104 GLN A CD  1 
ATOM   712  O OE1 . GLN A 1 90  ? 7.646   -5.908  -14.267 1.00 35.97  ? 104 GLN A OE1 1 
ATOM   713  N NE2 . GLN A 1 90  ? 6.504   -3.998  -14.010 1.00 25.67  ? 104 GLN A NE2 1 
ATOM   714  N N   . VAL A 1 91  ? 0.821   -6.197  -12.472 1.00 27.59  ? 105 VAL A N   1 
ATOM   715  C CA  . VAL A 1 91  ? -0.055  -6.113  -11.311 1.00 26.79  ? 105 VAL A CA  1 
ATOM   716  C C   . VAL A 1 91  ? -1.469  -6.638  -11.610 1.00 27.00  ? 105 VAL A C   1 
ATOM   717  O O   . VAL A 1 91  ? -2.084  -6.318  -12.653 1.00 25.23  ? 105 VAL A O   1 
ATOM   718  C CB  . VAL A 1 91  ? -0.039  -4.679  -10.685 1.00 30.55  ? 105 VAL A CB  1 
ATOM   719  C CG1 . VAL A 1 91  ? -0.202  -3.618  -11.725 1.00 34.24  ? 105 VAL A CG1 1 
ATOM   720  C CG2 . VAL A 1 91  ? -1.099  -4.520  -9.590  1.00 31.82  ? 105 VAL A CG2 1 
ATOM   721  N N   . GLU A 1 92  ? -1.958  -7.493  -10.708 1.00 24.72  ? 106 GLU A N   1 
ATOM   722  C CA  . GLU A 1 92  ? -3.346  -7.930  -10.713 1.00 26.90  ? 106 GLU A CA  1 
ATOM   723  C C   . GLU A 1 92  ? -4.068  -7.235  -9.527  1.00 24.90  ? 106 GLU A C   1 
ATOM   724  O O   . GLU A 1 92  ? -3.797  -7.554  -8.356  1.00 22.33  ? 106 GLU A O   1 
ATOM   725  C CB  . GLU A 1 92  ? -3.455  -9.444  -10.569 1.00 29.99  ? 106 GLU A CB  1 
ATOM   726  C CG  . GLU A 1 92  ? -4.892  -9.969  -10.760 1.00 34.81  ? 106 GLU A CG  1 
ATOM   727  C CD  . GLU A 1 92  ? -5.052  -11.461 -10.430 1.00 38.34  ? 106 GLU A CD  1 
ATOM   728  O OE1 . GLU A 1 92  ? -4.044  -12.152 -10.160 1.00 39.43  ? 106 GLU A OE1 1 
ATOM   729  O OE2 . GLU A 1 92  ? -6.213  -11.926 -10.404 1.00 43.61  ? 106 GLU A OE2 1 
ATOM   730  N N   . VAL A 1 93  ? -4.986  -6.332  -9.849  1.00 24.42  ? 107 VAL A N   1 
ATOM   731  C CA  . VAL A 1 93  ? -5.782  -5.627  -8.848  1.00 25.81  ? 107 VAL A CA  1 
ATOM   732  C C   . VAL A 1 93  ? -6.883  -6.579  -8.384  1.00 27.09  ? 107 VAL A C   1 
ATOM   733  O O   . VAL A 1 93  ? -7.681  -7.040  -9.189  1.00 26.59  ? 107 VAL A O   1 
ATOM   734  C CB  . VAL A 1 93  ? -6.345  -4.299  -9.393  1.00 30.67  ? 107 VAL A CB  1 
ATOM   735  C CG1 . VAL A 1 93  ? -7.291  -3.664  -8.357  1.00 29.79  ? 107 VAL A CG1 1 
ATOM   736  C CG2 . VAL A 1 93  ? -5.183  -3.369  -9.771  1.00 30.49  ? 107 VAL A CG2 1 
ATOM   737  N N   . VAL A 1 94  ? -6.897  -6.883  -7.088  1.00 27.17  ? 108 VAL A N   1 
ATOM   738  C CA  . VAL A 1 94  ? -7.752  -7.933  -6.535  1.00 29.53  ? 108 VAL A CA  1 
ATOM   739  C C   . VAL A 1 94  ? -9.012  -7.355  -5.882  1.00 30.96  ? 108 VAL A C   1 
ATOM   740  O O   . VAL A 1 94  ? -10.079 -7.986  -5.941  1.00 34.47  ? 108 VAL A O   1 
ATOM   741  C CB  . VAL A 1 94  ? -6.961  -8.767  -5.505  1.00 33.98  ? 108 VAL A CB  1 
ATOM   742  C CG1 . VAL A 1 94  ? -7.868  -9.734  -4.776  1.00 40.79  ? 108 VAL A CG1 1 
ATOM   743  C CG2 . VAL A 1 94  ? -5.844  -9.530  -6.208  1.00 37.83  ? 108 VAL A CG2 1 
HETATM 744  N N   . CSO A 1 95  ? -8.873  -6.215  -5.218  1.00 26.74  ? 109 CSO A N   1 
HETATM 745  C CA  . CSO A 1 95  ? -10.002 -5.549  -4.596  1.00 28.27  ? 109 CSO A CA  1 
HETATM 746  C CB  . CSO A 1 95  ? -10.406 -6.349  -3.390  1.00 29.81  ? 109 CSO A CB  1 
HETATM 747  S SG  . CSO A 1 95  ? -9.170  -6.265  -2.144  1.00 34.09  ? 109 CSO A SG  1 
HETATM 748  C C   . CSO A 1 95  ? -9.757  -4.143  -4.150  1.00 26.82  ? 109 CSO A C   1 
HETATM 749  O O   . CSO A 1 95  ? -8.644  -3.620  -4.167  1.00 24.34  ? 109 CSO A O   1 
HETATM 750  O OD  . CSO A 1 95  ? -10.413 -5.843  -1.019  1.00 37.54  ? 109 CSO A OD  1 
ATOM   751  N N   . CYS A 1 96  ? -10.856 -3.519  -3.774  1.00 25.94  ? 110 CYS A N   1 
ATOM   752  C CA  . CYS A 1 96  ? -10.926 -2.183  -3.286  1.00 27.00  ? 110 CYS A CA  1 
ATOM   753  C C   . CYS A 1 96  ? -11.403 -2.278  -1.819  1.00 28.49  ? 110 CYS A C   1 
ATOM   754  O O   . CYS A 1 96  ? -12.497 -2.787  -1.568  1.00 29.67  ? 110 CYS A O   1 
ATOM   755  C CB  . CYS A 1 96  ? -11.975 -1.528  -4.173  1.00 35.20  ? 110 CYS A CB  1 
ATOM   756  S SG  . CYS A 1 96  ? -12.442 0.089   -3.722  1.00 41.00  ? 110 CYS A SG  1 
ATOM   757  N N   . LEU A 1 97  ? -10.577 -1.841  -0.880  1.00 26.28  ? 111 LEU A N   1 
ATOM   758  C CA  . LEU A 1 97  ? -10.897 -1.865  0.540   1.00 30.75  ? 111 LEU A CA  1 
ATOM   759  C C   . LEU A 1 97  ? -11.665 -0.586  0.944   1.00 33.18  ? 111 LEU A C   1 
ATOM   760  O O   . LEU A 1 97  ? -11.840 0.359   0.148   1.00 28.67  ? 111 LEU A O   1 
ATOM   761  C CB  . LEU A 1 97  ? -9.636  -2.005  1.394   1.00 30.96  ? 111 LEU A CB  1 
ATOM   762  C CG  . LEU A 1 97  ? -8.866  -3.323  1.291   1.00 33.54  ? 111 LEU A CG  1 
ATOM   763  C CD1 . LEU A 1 97  ? -7.618  -3.250  2.130   1.00 37.70  ? 111 LEU A CD1 1 
ATOM   764  C CD2 . LEU A 1 97  ? -9.665  -4.535  1.686   1.00 36.87  ? 111 LEU A CD2 1 
ATOM   765  N N   . VAL A 1 98  ? -12.113 -0.568  2.192   1.00 35.41  ? 112 VAL A N   1 
ATOM   766  C CA  . VAL A 1 98  ? -12.801 0.615   2.716   1.00 35.24  ? 112 VAL A CA  1 
ATOM   767  C C   . VAL A 1 98  ? -12.008 1.915   2.544   1.00 29.58  ? 112 VAL A C   1 
ATOM   768  O O   . VAL A 1 98  ? -10.841 2.013   2.911   1.00 29.09  ? 112 VAL A O   1 
ATOM   769  C CB  . VAL A 1 98  ? -13.248 0.454   4.197   1.00 39.77  ? 112 VAL A CB  1 
ATOM   770  C CG1 . VAL A 1 98  ? -14.431 -0.511  4.260   1.00 43.21  ? 112 VAL A CG1 1 
ATOM   771  C CG2 . VAL A 1 98  ? -12.094 0.022   5.092   1.00 39.65  ? 112 VAL A CG2 1 
ATOM   772  N N   . PRO A 1 99  ? -12.666 2.945   2.000   1.00 30.02  ? 113 PRO A N   1 
ATOM   773  C CA  . PRO A 1 99  ? -11.969 4.217   1.803   1.00 29.94  ? 113 PRO A CA  1 
ATOM   774  C C   . PRO A 1 99  ? -11.758 4.999   3.082   1.00 31.04  ? 113 PRO A C   1 
ATOM   775  O O   . PRO A 1 99  ? -12.468 4.757   4.081   1.00 30.04  ? 113 PRO A O   1 
ATOM   776  C CB  . PRO A 1 99  ? -12.882 4.970   0.821   1.00 32.18  ? 113 PRO A CB  1 
ATOM   777  C CG  . PRO A 1 99  ? -14.235 4.442   1.113   1.00 35.67  ? 113 PRO A CG  1 
ATOM   778  C CD  . PRO A 1 99  ? -14.041 2.983   1.492   1.00 33.32  ? 113 PRO A CD  1 
ATOM   779  N N   . CYS A 1 100 ? -10.785 5.906   3.037   1.00 26.20  ? 114 CYS A N   1 
ATOM   780  C CA  . CYS A 1 100 ? -10.326 6.738   4.158   1.00 29.97  ? 114 CYS A CA  1 
ATOM   781  C C   . CYS A 1 100 ? -10.862 8.179   3.913   1.00 29.93  ? 114 CYS A C   1 
ATOM   782  O O   . CYS A 1 100 ? -10.572 8.784   2.869   1.00 26.29  ? 114 CYS A O   1 
ATOM   783  C CB  . CYS A 1 100 ? -8.766  6.756   4.229   1.00 27.81  ? 114 CYS A CB  1 
ATOM   784  S SG  . CYS A 1 100 ? -8.013  5.068   4.201   1.00 46.77  ? 114 CYS A SG  1 
ATOM   785  N N   . LEU A 1 101 ? -11.625 8.716   4.857   1.00 29.73  ? 115 LEU A N   1 
ATOM   786  C CA  . LEU A 1 101 ? -12.153 10.103  4.773   1.00 29.26  ? 115 LEU A CA  1 
ATOM   787  C C   . LEU A 1 101 ? -11.196 11.035  5.491   1.00 28.99  ? 115 LEU A C   1 
ATOM   788  O O   . LEU A 1 101 ? -10.896 10.810  6.654   1.00 28.43  ? 115 LEU A O   1 
ATOM   789  C CB  . LEU A 1 101 ? -13.535 10.209  5.472   1.00 30.85  ? 115 LEU A CB  1 
ATOM   790  C CG  . LEU A 1 101 ? -14.661 9.310   4.958   1.00 33.88  ? 115 LEU A CG  1 
ATOM   791  C CD1 . LEU A 1 101 ? -15.923 9.415   5.809   1.00 35.42  ? 115 LEU A CD1 1 
ATOM   792  C CD2 . LEU A 1 101 ? -14.973 9.648   3.513   1.00 37.43  ? 115 LEU A CD2 1 
ATOM   793  N N   . ILE A 1 102 ? -10.715 12.079  4.836   1.00 29.26  ? 116 ILE A N   1 
ATOM   794  C CA  . ILE A 1 102 ? -9.892  13.053  5.544   1.00 31.20  ? 116 ILE A CA  1 
ATOM   795  C C   . ILE A 1 102 ? -10.195 14.487  5.191   1.00 27.93  ? 116 ILE A C   1 
ATOM   796  O O   . ILE A 1 102 ? -10.731 14.767  4.132   1.00 29.66  ? 116 ILE A O   1 
ATOM   797  C CB  . ILE A 1 102 ? -8.380  12.784  5.360   1.00 36.98  ? 116 ILE A CB  1 
ATOM   798  C CG1 . ILE A 1 102 ? -8.035  12.662  3.894   1.00 36.09  ? 116 ILE A CG1 1 
ATOM   799  C CG2 . ILE A 1 102 ? -7.940  11.524  6.108   1.00 39.89  ? 116 ILE A CG2 1 
ATOM   800  C CD1 . ILE A 1 102 ? -6.589  12.987  3.636   1.00 45.19  ? 116 ILE A CD1 1 
ATOM   801  N N   . ASP A 1 103 ? -9.874  15.384  6.128   1.00 30.71  ? 117 ASP A N   1 
ATOM   802  C CA  . ASP A 1 103 ? -9.915  16.856  5.930   1.00 34.74  ? 117 ASP A CA  1 
ATOM   803  C C   . ASP A 1 103 ? -11.300 17.445  5.585   1.00 31.70  ? 117 ASP A C   1 
ATOM   804  O O   . ASP A 1 103 ? -11.364 18.534  5.073   1.00 32.15  ? 117 ASP A O   1 
ATOM   805  C CB  . ASP A 1 103 ? -8.909  17.306  4.834   1.00 40.08  ? 117 ASP A CB  1 
ATOM   806  C CG  . ASP A 1 103 ? -7.465  16.908  5.144   1.00 47.86  ? 117 ASP A CG  1 
ATOM   807  O OD1 . ASP A 1 103 ? -7.112  16.808  6.339   1.00 48.35  ? 117 ASP A OD1 1 
ATOM   808  O OD2 . ASP A 1 103 ? -6.690  16.691  4.179   1.00 49.62  ? 117 ASP A OD2 1 
ATOM   809  N N   . THR A 1 104 ? -12.368 16.680  5.821   1.00 28.96  ? 118 THR A N   1 
ATOM   810  C CA  . THR A 1 104 ? -13.758 16.985  5.446   1.00 29.64  ? 118 THR A CA  1 
ATOM   811  C C   . THR A 1 104 ? -14.145 17.005  3.965   1.00 30.79  ? 118 THR A C   1 
ATOM   812  O O   . THR A 1 104 ? -15.341 17.019  3.655   1.00 29.30  ? 118 THR A O   1 
ATOM   813  C CB  . THR A 1 104 ? -14.288 18.294  6.104   1.00 31.60  ? 118 THR A CB  1 
ATOM   814  O OG1 . THR A 1 104 ? -13.812 19.445  5.389   1.00 31.88  ? 118 THR A OG1 1 
ATOM   815  C CG2 . THR A 1 104 ? -13.882 18.368  7.566   1.00 30.89  ? 118 THR A CG2 1 
ATOM   816  N N   . ASP A 1 105 ? -13.171 17.037  3.050   1.00 28.94  ? 119 ASP A N   1 
ATOM   817  C CA  . ASP A 1 105 ? -13.470 17.153  1.622   1.00 29.62  ? 119 ASP A CA  1 
ATOM   818  C C   . ASP A 1 105 ? -12.703 16.152  0.708   1.00 28.09  ? 119 ASP A C   1 
ATOM   819  O O   . ASP A 1 105 ? -12.771 16.285  -0.517  1.00 26.65  ? 119 ASP A O   1 
ATOM   820  C CB  . ASP A 1 105 ? -13.136 18.580  1.152   1.00 31.98  ? 119 ASP A CB  1 
ATOM   821  C CG  . ASP A 1 105 ? -11.640 18.917  1.290   1.00 36.16  ? 119 ASP A CG  1 
ATOM   822  O OD1 . ASP A 1 105 ? -10.795 18.033  1.612   1.00 34.44  ? 119 ASP A OD1 1 
ATOM   823  O OD2 . ASP A 1 105 ? -11.299 20.102  1.120   1.00 38.79  ? 119 ASP A OD2 1 
ATOM   824  N N   . THR A 1 106 ? -12.043 15.166  1.305   1.00 26.98  ? 120 THR A N   1 
ATOM   825  C CA  . THR A 1 106 ? -11.157 14.253  0.576   1.00 26.69  ? 120 THR A CA  1 
ATOM   826  C C   . THR A 1 106 ? -11.475 12.783  0.923   1.00 26.51  ? 120 THR A C   1 
ATOM   827  O O   . THR A 1 106 ? -11.822 12.456  2.097   1.00 24.77  ? 120 THR A O   1 
ATOM   828  C CB  . THR A 1 106 ? -9.697  14.606  0.916   1.00 29.07  ? 120 THR A CB  1 
ATOM   829  O OG1 . THR A 1 106 ? -9.444  15.952  0.500   1.00 29.36  ? 120 THR A OG1 1 
ATOM   830  C CG2 . THR A 1 106 ? -8.695  13.635  0.242   1.00 29.82  ? 120 THR A CG2 1 
ATOM   831  N N   . LEU A 1 107 ? -11.418 11.934  -0.117  1.00 25.14  ? 121 LEU A N   1 
ATOM   832  C CA  . LEU A 1 107 ? -11.640 10.497  -0.013  1.00 25.14  ? 121 LEU A CA  1 
ATOM   833  C C   . LEU A 1 107 ? -10.466 9.735   -0.692  1.00 25.79  ? 121 LEU A C   1 
ATOM   834  O O   . LEU A 1 107 ? -10.191 9.936   -1.864  1.00 24.35  ? 121 LEU A O   1 
ATOM   835  C CB  . LEU A 1 107 ? -12.954 10.111  -0.654  1.00 28.00  ? 121 LEU A CB  1 
ATOM   836  C CG  . LEU A 1 107 ? -13.472 8.683   -0.403  1.00 31.53  ? 121 LEU A CG  1 
ATOM   837  C CD1 . LEU A 1 107 ? -14.973 8.628   -0.224  1.00 37.54  ? 121 LEU A CD1 1 
ATOM   838  C CD2 . LEU A 1 107 ? -13.169 7.791   -1.567  1.00 34.16  ? 121 LEU A CD2 1 
ATOM   839  N N   . ILE A 1 108 ? -9.804  8.882   0.066   1.00 24.43  ? 122 ILE A N   1 
ATOM   840  C CA  . ILE A 1 108 ? -8.668  8.057   -0.418  1.00 23.49  ? 122 ILE A CA  1 
ATOM   841  C C   . ILE A 1 108 ? -9.116  6.596   -0.551  1.00 23.29  ? 122 ILE A C   1 
ATOM   842  O O   . ILE A 1 108 ? -9.543  5.959   0.448   1.00 22.70  ? 122 ILE A O   1 
ATOM   843  C CB  . ILE A 1 108 ? -7.482  8.173   0.546   1.00 26.46  ? 122 ILE A CB  1 
ATOM   844  C CG1 . ILE A 1 108 ? -7.053  9.646   0.676   1.00 29.91  ? 122 ILE A CG1 1 
ATOM   845  C CG2 . ILE A 1 108 ? -6.301  7.315   0.061   1.00 27.83  ? 122 ILE A CG2 1 
ATOM   846  C CD1 . ILE A 1 108 ? -6.079  9.920   1.799   1.00 33.44  ? 122 ILE A CD1 1 
ATOM   847  N N   . THR A 1 109 ? -9.082  6.063   -1.764  1.00 20.51  ? 123 THR A N   1 
ATOM   848  C CA  . THR A 1 109 ? -9.525  4.714   -2.059  1.00 21.54  ? 123 THR A CA  1 
ATOM   849  C C   . THR A 1 109 ? -8.307  3.774   -2.172  1.00 23.35  ? 123 THR A C   1 
ATOM   850  O O   . THR A 1 109 ? -7.420  4.002   -3.014  1.00 20.59  ? 123 THR A O   1 
ATOM   851  C CB  . THR A 1 109 ? -10.344 4.687   -3.357  1.00 24.57  ? 123 THR A CB  1 
ATOM   852  O OG1 . THR A 1 109 ? -11.400 5.654   -3.243  1.00 26.40  ? 123 THR A OG1 1 
ATOM   853  C CG2 . THR A 1 109 ? -10.907 3.275   -3.637  1.00 25.17  ? 123 THR A CG2 1 
ATOM   854  N N   . PRO A 1 110 ? -8.214  2.760   -1.282  1.00 22.82  ? 124 PRO A N   1 
ATOM   855  C CA  . PRO A 1 110 ? -7.101  1.789   -1.372  1.00 21.30  ? 124 PRO A CA  1 
ATOM   856  C C   . PRO A 1 110 ? -7.417  0.522   -2.173  1.00 22.74  ? 124 PRO A C   1 
ATOM   857  O O   . PRO A 1 110 ? -8.500  -0.078  -2.018  1.00 25.47  ? 124 PRO A O   1 
ATOM   858  C CB  . PRO A 1 110 ? -6.803  1.463   0.093   1.00 22.95  ? 124 PRO A CB  1 
ATOM   859  C CG  . PRO A 1 110 ? -7.987  1.924   0.889   1.00 23.88  ? 124 PRO A CG  1 
ATOM   860  C CD  . PRO A 1 110 ? -8.960  2.595   -0.023  1.00 23.82  ? 124 PRO A CD  1 
ATOM   861  N N   . PHE A 1 111 ? -6.510  0.145   -3.082  1.00 20.31  ? 125 PHE A N   1 
ATOM   862  C CA  . PHE A 1 111 ? -6.636  -1.083  -3.882  1.00 20.78  ? 125 PHE A CA  1 
ATOM   863  C C   . PHE A 1 111 ? -5.532  -2.044  -3.510  1.00 21.56  ? 125 PHE A C   1 
ATOM   864  O O   . PHE A 1 111 ? -4.421  -1.599  -3.296  1.00 22.46  ? 125 PHE A O   1 
ATOM   865  C CB  . PHE A 1 111 ? -6.537  -0.747  -5.376  1.00 23.14  ? 125 PHE A CB  1 
ATOM   866  C CG  . PHE A 1 111 ? -7.713  0.057   -5.873  1.00 22.61  ? 125 PHE A CG  1 
ATOM   867  C CD1 . PHE A 1 111 ? -7.677  1.436   -5.841  1.00 22.66  ? 125 PHE A CD1 1 
ATOM   868  C CD2 . PHE A 1 111 ? -8.830  -0.579  -6.363  1.00 23.22  ? 125 PHE A CD2 1 
ATOM   869  C CE1 . PHE A 1 111 ? -8.774  2.179   -6.280  1.00 23.66  ? 125 PHE A CE1 1 
ATOM   870  C CE2 . PHE A 1 111 ? -9.928  0.148   -6.808  1.00 25.79  ? 125 PHE A CE2 1 
ATOM   871  C CZ  . PHE A 1 111 ? -9.902  1.527   -6.726  1.00 23.00  ? 125 PHE A CZ  1 
ATOM   872  N N   . VAL A 1 112 ? -5.830  -3.351  -3.390  1.00 21.71  ? 126 VAL A N   1 
ATOM   873  C CA  . VAL A 1 112 ? -4.769  -4.349  -3.138  1.00 21.56  ? 126 VAL A CA  1 
ATOM   874  C C   . VAL A 1 112 ? -4.423  -5.015  -4.470  1.00 22.31  ? 126 VAL A C   1 
ATOM   875  O O   . VAL A 1 112 ? -5.319  -5.469  -5.205  1.00 21.89  ? 126 VAL A O   1 
ATOM   876  C CB  . VAL A 1 112 ? -5.169  -5.409  -2.103  1.00 23.09  ? 126 VAL A CB  1 
ATOM   877  C CG1 . VAL A 1 112 ? -3.961  -6.315  -1.766  1.00 24.26  ? 126 VAL A CG1 1 
ATOM   878  C CG2 . VAL A 1 112 ? -5.705  -4.734  -0.822  1.00 23.79  ? 126 VAL A CG2 1 
ATOM   879  N N   . GLY A 1 113 ? -3.122  -5.063  -4.775  1.00 20.65  ? 127 GLY A N   1 
ATOM   880  C CA  . GLY A 1 113 ? -2.632  -5.664  -6.009  1.00 22.03  ? 127 GLY A CA  1 
ATOM   881  C C   . GLY A 1 113 ? -1.599  -6.753  -5.753  1.00 23.43  ? 127 GLY A C   1 
ATOM   882  O O   . GLY A 1 113 ? -0.760  -6.584  -4.897  1.00 23.22  ? 127 GLY A O   1 
ATOM   883  N N   . LEU A 1 114 ? -1.675  -7.851  -6.506  1.00 23.80  ? 128 LEU A N   1 
ATOM   884  C CA  . LEU A 1 114 ? -0.662  -8.914  -6.462  1.00 24.52  ? 128 LEU A CA  1 
ATOM   885  C C   . LEU A 1 114 ? 0.393   -8.613  -7.535  1.00 23.55  ? 128 LEU A C   1 
ATOM   886  O O   . LEU A 1 114 ? 0.012   -8.358  -8.691  1.00 24.83  ? 128 LEU A O   1 
ATOM   887  C CB  . LEU A 1 114 ? -1.288  -10.260 -6.813  1.00 30.53  ? 128 LEU A CB  1 
ATOM   888  C CG  . LEU A 1 114 ? -2.392  -10.923 -6.005  1.00 38.40  ? 128 LEU A CG  1 
ATOM   889  C CD1 . LEU A 1 114 ? -2.198  -12.438 -6.117  1.00 42.90  ? 128 LEU A CD1 1 
ATOM   890  C CD2 . LEU A 1 114 ? -2.372  -10.517 -4.554  1.00 39.26  ? 128 LEU A CD2 1 
ATOM   891  N N   . ILE A 1 115 ? 1.671   -8.606  -7.152  1.00 22.93  ? 129 ILE A N   1 
ATOM   892  C CA  . ILE A 1 115 ? 2.778   -8.135  -7.998  1.00 22.82  ? 129 ILE A CA  1 
ATOM   893  C C   . ILE A 1 115 ? 3.533   -9.329  -8.616  1.00 24.94  ? 129 ILE A C   1 
ATOM   894  O O   . ILE A 1 115 ? 3.836   -10.285 -7.916  1.00 24.12  ? 129 ILE A O   1 
ATOM   895  C CB  . ILE A 1 115 ? 3.758   -7.259  -7.181  1.00 22.67  ? 129 ILE A CB  1 
ATOM   896  C CG1 . ILE A 1 115 ? 3.035   -6.056  -6.529  1.00 25.46  ? 129 ILE A CG1 1 
ATOM   897  C CG2 . ILE A 1 115 ? 4.941   -6.776  -8.022  1.00 24.20  ? 129 ILE A CG2 1 
ATOM   898  C CD1 . ILE A 1 115 ? 2.200   -5.250  -7.500  1.00 23.65  ? 129 ILE A CD1 1 
ATOM   899  N N   . ASP A 1 116 ? 3.806   -9.255  -9.916  1.00 26.05  ? 130 ASP A N   1 
ATOM   900  C CA  . ASP A 1 116 ? 4.586   -10.278 -10.644 1.00 26.85  ? 130 ASP A CA  1 
ATOM   901  C C   . ASP A 1 116 ? 5.959   -10.561 -10.028 1.00 25.90  ? 130 ASP A C   1 
ATOM   902  O O   . ASP A 1 116 ? 6.694   -9.639  -9.640  1.00 23.20  ? 130 ASP A O   1 
ATOM   903  C CB  . ASP A 1 116 ? 4.796   -9.856  -12.101 1.00 30.96  ? 130 ASP A CB  1 
ATOM   904  C CG  . ASP A 1 116 ? 5.361   -10.991 -12.950 1.00 35.00  ? 130 ASP A CG  1 
ATOM   905  O OD1 . ASP A 1 116 ? 4.585   -11.900 -13.321 1.00 38.95  ? 130 ASP A OD1 1 
ATOM   906  O OD2 . ASP A 1 116 ? 6.586   -11.004 -13.162 1.00 31.83  ? 130 ASP A OD2 1 
ATOM   907  N N   . HIS A 1 117 ? 6.343   -11.840 -9.977  1.00 26.29  ? 131 HIS A N   1 
ATOM   908  C CA  . HIS A 1 117 ? 7.642   -12.218 -9.378  1.00 27.37  ? 131 HIS A CA  1 
ATOM   909  C C   . HIS A 1 117 ? 8.869   -11.632 -10.116 1.00 27.33  ? 131 HIS A C   1 
ATOM   910  O O   . HIS A 1 117 ? 9.916   -11.531 -9.521  1.00 29.14  ? 131 HIS A O   1 
ATOM   911  C CB  . HIS A 1 117 ? 7.752   -13.769 -9.165  1.00 29.81  ? 131 HIS A CB  1 
ATOM   912  C CG  . HIS A 1 117 ? 8.056   -14.543 -10.420 1.00 33.30  ? 131 HIS A CG  1 
ATOM   913  N ND1 . HIS A 1 117 ? 7.173   -14.641 -11.483 1.00 33.10  ? 131 HIS A ND1 1 
ATOM   914  C CD2 . HIS A 1 117 ? 9.156   -15.248 -10.786 1.00 34.17  ? 131 HIS A CD2 1 
ATOM   915  C CE1 . HIS A 1 117 ? 7.725   -15.360 -12.449 1.00 30.56  ? 131 HIS A CE1 1 
ATOM   916  N NE2 . HIS A 1 117 ? 8.920   -15.748 -12.049 1.00 38.35  ? 131 HIS A NE2 1 
ATOM   917  N N   . ASN A 1 118 ? 8.775   -11.252 -11.395 1.00 28.65  ? 132 ASN A N   1 
ATOM   918  C CA  . ASN A 1 118 ? 9.920   -10.642 -12.090 1.00 31.20  ? 132 ASN A CA  1 
ATOM   919  C C   . ASN A 1 118 ? 10.023  -9.109  -11.953 1.00 34.52  ? 132 ASN A C   1 
ATOM   920  O O   . ASN A 1 118 ? 10.952  -8.511  -12.488 1.00 32.37  ? 132 ASN A O   1 
ATOM   921  C CB  . ASN A 1 118 ? 9.949   -11.046 -13.581 1.00 33.30  ? 132 ASN A CB  1 
ATOM   922  C CG  . ASN A 1 118 ? 10.268  -12.533 -13.770 1.00 34.90  ? 132 ASN A CG  1 
ATOM   923  O OD1 . ASN A 1 118 ? 9.591   -13.249 -14.513 1.00 34.75  ? 132 ASN A OD1 1 
ATOM   924  N ND2 . ASN A 1 118 ? 11.263  -13.002 -13.045 1.00 33.23  ? 132 ASN A ND2 1 
ATOM   925  N N   . PHE A 1 119 ? 9.108   -8.470  -11.215 1.00 30.81  ? 133 PHE A N   1 
ATOM   926  C CA  . PHE A 1 119 ? 9.181   -7.006  -11.046 1.00 29.96  ? 133 PHE A CA  1 
ATOM   927  C C   . PHE A 1 119 ? 10.393  -6.628  -10.222 1.00 28.41  ? 133 PHE A C   1 
ATOM   928  O O   . PHE A 1 119 ? 10.656  -7.219  -9.187  1.00 28.92  ? 133 PHE A O   1 
ATOM   929  C CB  . PHE A 1 119 ? 7.890   -6.447  -10.366 1.00 31.48  ? 133 PHE A CB  1 
ATOM   930  C CG  . PHE A 1 119 ? 8.034   -5.034  -9.824  1.00 29.34  ? 133 PHE A CG  1 
ATOM   931  C CD1 . PHE A 1 119 ? 7.988   -3.941  -10.671 1.00 33.05  ? 133 PHE A CD1 1 
ATOM   932  C CD2 . PHE A 1 119 ? 8.165   -4.813  -8.456  1.00 31.85  ? 133 PHE A CD2 1 
ATOM   933  C CE1 . PHE A 1 119 ? 8.089   -2.640  -10.165 1.00 31.67  ? 133 PHE A CE1 1 
ATOM   934  C CE2 . PHE A 1 119 ? 8.261   -3.515  -7.946  1.00 33.63  ? 133 PHE A CE2 1 
ATOM   935  C CZ  . PHE A 1 119 ? 8.232   -2.438  -8.814  1.00 29.07  ? 133 PHE A CZ  1 
ATOM   936  N N   . GLN A 1 120 ? 11.117  -5.617  -10.675 1.00 31.08  ? 134 GLN A N   1 
ATOM   937  C CA  . GLN A 1 120 ? 12.175  -4.996  -9.850  1.00 35.67  ? 134 GLN A CA  1 
ATOM   938  C C   . GLN A 1 120 ? 11.997  -3.475  -9.824  1.00 30.61  ? 134 GLN A C   1 
ATOM   939  O O   . GLN A 1 120 ? 11.921  -2.860  -10.874 1.00 27.82  ? 134 GLN A O   1 
ATOM   940  C CB  . GLN A 1 120 ? 13.531  -5.337  -10.430 1.00 42.95  ? 134 GLN A CB  1 
ATOM   941  C CG  . GLN A 1 120 ? 13.803  -6.833  -10.363 1.00 52.08  ? 134 GLN A CG  1 
ATOM   942  C CD  . GLN A 1 120 ? 15.269  -7.122  -10.248 1.00 59.73  ? 134 GLN A CD  1 
ATOM   943  O OE1 . GLN A 1 120 ? 15.770  -7.395  -9.157  1.00 70.52  ? 134 GLN A OE1 1 
ATOM   944  N NE2 . GLN A 1 120 ? 15.982  -7.017  -11.369 1.00 69.34  ? 134 GLN A NE2 1 
ATOM   945  N N   . ALA A 1 121 ? 11.936  -2.901  -8.634  1.00 33.23  ? 135 ALA A N   1 
ATOM   946  C CA  . ALA A 1 121 ? 11.617  -1.469  -8.482  1.00 35.05  ? 135 ALA A CA  1 
ATOM   947  C C   . ALA A 1 121 ? 12.696  -0.590  -9.082  1.00 36.31  ? 135 ALA A C   1 
ATOM   948  O O   . ALA A 1 121 ? 13.892  -0.857  -8.897  1.00 36.88  ? 135 ALA A O   1 
ATOM   949  C CB  . ALA A 1 121 ? 11.461  -1.137  -7.013  1.00 35.76  ? 135 ALA A CB  1 
ATOM   950  N N   . GLN A 1 122 ? 12.266  0.442   -9.792  1.00 33.79  ? 136 GLN A N   1 
ATOM   951  C CA  . GLN A 1 122 ? 13.130  1.499   -10.306 1.00 36.03  ? 136 GLN A CA  1 
ATOM   952  C C   . GLN A 1 122 ? 12.653  2.830   -9.675  1.00 34.68  ? 136 GLN A C   1 
ATOM   953  O O   . GLN A 1 122 ? 11.815  3.504   -10.256 1.00 31.57  ? 136 GLN A O   1 
ATOM   954  C CB  . GLN A 1 122 ? 12.994  1.535   -11.832 1.00 38.39  ? 136 GLN A CB  1 
ATOM   955  C CG  . GLN A 1 122 ? 13.494  0.256   -12.492 1.00 46.04  ? 136 GLN A CG  1 
ATOM   956  C CD  . GLN A 1 122 ? 13.217  0.216   -13.983 1.00 52.14  ? 136 GLN A CD  1 
ATOM   957  O OE1 . GLN A 1 122 ? 12.092  -0.017  -14.417 1.00 53.03  ? 136 GLN A OE1 1 
ATOM   958  N NE2 . GLN A 1 122 ? 14.258  0.452   -14.784 1.00 58.97  ? 136 GLN A NE2 1 
ATOM   959  N N   . PRO A 1 123 ? 13.129  3.157   -8.458  1.00 33.58  ? 137 PRO A N   1 
ATOM   960  C CA  . PRO A 1 123 ? 12.705  4.371   -7.775  1.00 34.60  ? 137 PRO A CA  1 
ATOM   961  C C   . PRO A 1 123 ? 12.944  5.637   -8.608  1.00 38.67  ? 137 PRO A C   1 
ATOM   962  O O   . PRO A 1 123 ? 14.088  5.873   -9.055  1.00 39.20  ? 137 PRO A O   1 
ATOM   963  C CB  . PRO A 1 123 ? 13.580  4.392   -6.529  1.00 35.61  ? 137 PRO A CB  1 
ATOM   964  C CG  . PRO A 1 123 ? 13.967  2.981   -6.299  1.00 35.82  ? 137 PRO A CG  1 
ATOM   965  C CD  . PRO A 1 123 ? 14.108  2.407   -7.656  1.00 35.10  ? 137 PRO A CD  1 
ATOM   966  N N   . ASN A 1 124 ? 11.882  6.419   -8.820  1.00 36.58  ? 138 ASN A N   1 
ATOM   967  C CA  . ASN A 1 124 ? 11.961  7.730   -9.494  1.00 35.55  ? 138 ASN A CA  1 
ATOM   968  C C   . ASN A 1 124 ? 12.414  8.790   -8.443  1.00 34.88  ? 138 ASN A C   1 
ATOM   969  O O   . ASN A 1 124 ? 11.619  9.202   -7.573  1.00 29.73  ? 138 ASN A O   1 
ATOM   970  C CB  . ASN A 1 124 ? 10.605  8.068   -10.157 1.00 36.47  ? 138 ASN A CB  1 
ATOM   971  C CG  . ASN A 1 124 ? 10.543  9.470   -10.761 1.00 38.88  ? 138 ASN A CG  1 
ATOM   972  O OD1 . ASN A 1 124 ? 11.447  10.295  -10.596 1.00 41.43  ? 138 ASN A OD1 1 
ATOM   973  N ND2 . ASN A 1 124 ? 9.448   9.751   -11.448 1.00 37.60  ? 138 ASN A ND2 1 
ATOM   974  N N   . PRO A 1 125 ? 13.701  9.231   -8.505  1.00 33.01  ? 139 PRO A N   1 
ATOM   975  C CA  . PRO A 1 125 ? 14.229  10.114  -7.452  1.00 34.99  ? 139 PRO A CA  1 
ATOM   976  C C   . PRO A 1 125 ? 13.527  11.480  -7.334  1.00 33.88  ? 139 PRO A C   1 
ATOM   977  O O   . PRO A 1 125 ? 13.674  12.123  -6.296  1.00 35.79  ? 139 PRO A O   1 
ATOM   978  C CB  . PRO A 1 125 ? 15.707  10.306  -7.844  1.00 36.36  ? 139 PRO A CB  1 
ATOM   979  C CG  . PRO A 1 125 ? 15.701  10.161  -9.316  1.00 35.75  ? 139 PRO A CG  1 
ATOM   980  C CD  . PRO A 1 125 ? 14.648  9.117   -9.632  1.00 36.47  ? 139 PRO A CD  1 
ATOM   981  N N   . ALA A 1 126 ? 12.764  11.896  -8.343  1.00 34.25  ? 140 ALA A N   1 
ATOM   982  C CA  . ALA A 1 126 ? 11.938  13.115  -8.216  1.00 38.39  ? 140 ALA A CA  1 
ATOM   983  C C   . ALA A 1 126 ? 10.732  12.929  -7.274  1.00 40.21  ? 140 ALA A C   1 
ATOM   984  O O   . ALA A 1 126 ? 10.161  13.924  -6.774  1.00 37.04  ? 140 ALA A O   1 
ATOM   985  C CB  . ALA A 1 126 ? 11.463  13.590  -9.585  1.00 38.56  ? 140 ALA A CB  1 
ATOM   986  N N   . GLU A 1 127 ? 10.330  11.678  -7.034  1.00 36.79  ? 141 GLU A N   1 
ATOM   987  C CA  . GLU A 1 127 ? 9.158   11.393  -6.166  1.00 37.05  ? 141 GLU A CA  1 
ATOM   988  C C   . GLU A 1 127 ? 9.381   10.542  -4.930  1.00 35.96  ? 141 GLU A C   1 
ATOM   989  O O   . GLU A 1 127 ? 8.676   10.691  -3.930  1.00 32.28  ? 141 GLU A O   1 
ATOM   990  C CB  . GLU A 1 127 ? 8.084   10.813  -7.045  1.00 43.22  ? 141 GLU A CB  1 
ATOM   991  C CG  . GLU A 1 127 ? 7.368   11.962  -7.760  1.00 50.37  ? 141 GLU A CG  1 
ATOM   992  C CD  . GLU A 1 127 ? 6.781   11.573  -9.053  1.00 55.03  ? 141 GLU A CD  1 
ATOM   993  O OE1 . GLU A 1 127 ? 6.428   12.491  -9.821  1.00 61.97  ? 141 GLU A OE1 1 
ATOM   994  O OE2 . GLU A 1 127 ? 6.674   10.359  -9.289  1.00 61.81  ? 141 GLU A OE2 1 
ATOM   995  N N   . VAL A 1 128 ? 10.410  9.711   -4.976  1.00 30.18  ? 142 VAL A N   1 
ATOM   996  C CA  . VAL A 1 128 ? 10.623  8.695   -3.993  1.00 35.12  ? 142 VAL A CA  1 
ATOM   997  C C   . VAL A 1 128 ? 12.122  8.677   -3.647  1.00 33.76  ? 142 VAL A C   1 
ATOM   998  O O   . VAL A 1 128 ? 12.947  8.557   -4.541  1.00 33.94  ? 142 VAL A O   1 
ATOM   999  C CB  . VAL A 1 128 ? 10.108  7.377   -4.642  1.00 38.37  ? 142 VAL A CB  1 
ATOM   1000 C CG1 . VAL A 1 128 ? 10.892  6.176   -4.232  1.00 44.11  ? 142 VAL A CG1 1 
ATOM   1001 C CG2 . VAL A 1 128 ? 8.596   7.232   -4.394  1.00 39.61  ? 142 VAL A CG2 1 
ATOM   1002 N N   . LYS A 1 129 ? 12.430  8.787   -2.360  1.00 34.53  ? 143 LYS A N   1 
ATOM   1003 C CA  . LYS A 1 129 ? 13.785  8.620   -1.813  1.00 39.08  ? 143 LYS A CA  1 
ATOM   1004 C C   . LYS A 1 129 ? 14.216  7.143   -1.599  1.00 38.34  ? 143 LYS A C   1 
ATOM   1005 O O   . LYS A 1 129 ? 15.414  6.827   -1.592  1.00 33.84  ? 143 LYS A O   1 
ATOM   1006 C CB  . LYS A 1 129 ? 13.853  9.412   -0.496  1.00 46.46  ? 143 LYS A CB  1 
ATOM   1007 C CG  . LYS A 1 129 ? 15.102  9.253   0.346   1.00 56.62  ? 143 LYS A CG  1 
ATOM   1008 C CD  . LYS A 1 129 ? 15.333  10.447  1.275   1.00 64.20  ? 143 LYS A CD  1 
ATOM   1009 C CE  . LYS A 1 129 ? 14.084  10.867  2.046   1.00 69.15  ? 143 LYS A CE  1 
ATOM   1010 N NZ  . LYS A 1 129 ? 14.337  12.101  2.844   1.00 77.84  ? 143 LYS A NZ  1 
ATOM   1011 N N   . ASP A 1 130 ? 13.252  6.236   -1.403  1.00 32.40  ? 144 ASP A N   1 
ATOM   1012 C CA  . ASP A 1 130 ? 13.555  4.826   -1.114  1.00 31.25  ? 144 ASP A CA  1 
ATOM   1013 C C   . ASP A 1 130 ? 12.283  3.986   -1.389  1.00 30.03  ? 144 ASP A C   1 
ATOM   1014 O O   . ASP A 1 130 ? 11.173  4.540   -1.444  1.00 29.48  ? 144 ASP A O   1 
ATOM   1015 C CB  . ASP A 1 130 ? 14.031  4.686   0.344   1.00 30.76  ? 144 ASP A CB  1 
ATOM   1016 C CG  . ASP A 1 130 ? 14.750  3.374   0.639   1.00 32.21  ? 144 ASP A CG  1 
ATOM   1017 O OD1 . ASP A 1 130 ? 14.954  2.541   -0.258  1.00 30.00  ? 144 ASP A OD1 1 
ATOM   1018 O OD2 . ASP A 1 130 ? 15.127  3.162   1.809   1.00 32.90  ? 144 ASP A OD2 1 
ATOM   1019 N N   . VAL A 1 131 ? 12.485  2.704   -1.673  1.00 28.69  ? 145 VAL A N   1 
ATOM   1020 C CA  . VAL A 1 131 ? 11.411  1.679   -1.837  1.00 31.09  ? 145 VAL A CA  1 
ATOM   1021 C C   . VAL A 1 131 ? 11.881  0.487   -1.007  1.00 30.75  ? 145 VAL A C   1 
ATOM   1022 O O   . VAL A 1 131 ? 13.070  0.139   -1.047  1.00 30.13  ? 145 VAL A O   1 
ATOM   1023 C CB  . VAL A 1 131 ? 11.204  1.272   -3.325  1.00 32.44  ? 145 VAL A CB  1 
ATOM   1024 C CG1 . VAL A 1 131 ? 10.201  0.139   -3.483  1.00 35.69  ? 145 VAL A CG1 1 
ATOM   1025 C CG2 . VAL A 1 131 ? 10.754  2.437   -4.170  1.00 31.57  ? 145 VAL A CG2 1 
ATOM   1026 N N   . PHE A 1 132 ? 11.011  -0.108  -0.189  1.00 27.29  ? 146 PHE A N   1 
ATOM   1027 C CA  . PHE A 1 132 ? 11.390  -1.256  0.659   1.00 25.85  ? 146 PHE A CA  1 
ATOM   1028 C C   . PHE A 1 132 ? 10.210  -2.211  0.917   1.00 27.91  ? 146 PHE A C   1 
ATOM   1029 O O   . PHE A 1 132 ? 9.037   -1.817  0.751   1.00 25.52  ? 146 PHE A O   1 
ATOM   1030 C CB  . PHE A 1 132 ? 11.994  -0.805  1.997   1.00 30.84  ? 146 PHE A CB  1 
ATOM   1031 C CG  . PHE A 1 132 ? 11.032  -0.058  2.910   1.00 28.95  ? 146 PHE A CG  1 
ATOM   1032 C CD1 . PHE A 1 132 ? 10.712  1.277   2.654   1.00 33.06  ? 146 PHE A CD1 1 
ATOM   1033 C CD2 . PHE A 1 132 ? 10.483  -0.673  4.034   1.00 31.73  ? 146 PHE A CD2 1 
ATOM   1034 C CE1 . PHE A 1 132 ? 9.849   1.979   3.495   1.00 30.82  ? 146 PHE A CE1 1 
ATOM   1035 C CE2 . PHE A 1 132 ? 9.596   0.017   4.866   1.00 32.52  ? 146 PHE A CE2 1 
ATOM   1036 C CZ  . PHE A 1 132 ? 9.295   1.344   4.602   1.00 31.50  ? 146 PHE A CZ  1 
ATOM   1037 N N   . LEU A 1 133 ? 10.537  -3.455  1.266   1.00 24.70  ? 147 LEU A N   1 
ATOM   1038 C CA  . LEU A 1 133 ? 9.529   -4.473  1.617   1.00 25.99  ? 147 LEU A CA  1 
ATOM   1039 C C   . LEU A 1 133 ? 9.441   -4.691  3.111   1.00 27.15  ? 147 LEU A C   1 
ATOM   1040 O O   . LEU A 1 133 ? 10.456  -4.602  3.806   1.00 27.23  ? 147 LEU A O   1 
ATOM   1041 C CB  . LEU A 1 133 ? 9.844   -5.806  0.952   1.00 26.62  ? 147 LEU A CB  1 
ATOM   1042 C CG  . LEU A 1 133 ? 9.931   -5.848  -0.569  1.00 27.88  ? 147 LEU A CG  1 
ATOM   1043 C CD1 . LEU A 1 133 ? 10.295  -7.247  -1.044  1.00 31.29  ? 147 LEU A CD1 1 
ATOM   1044 C CD2 . LEU A 1 133 ? 8.640   -5.426  -1.244  1.00 28.66  ? 147 LEU A CD2 1 
ATOM   1045 N N   . VAL A 1 134 ? 8.242   -5.018  3.614   1.00 24.18  ? 148 VAL A N   1 
ATOM   1046 C CA  . VAL A 1 134 ? 8.099   -5.505  5.000   1.00 24.27  ? 148 VAL A CA  1 
ATOM   1047 C C   . VAL A 1 134 ? 7.287   -6.783  4.964   1.00 24.67  ? 148 VAL A C   1 
ATOM   1048 O O   . VAL A 1 134 ? 6.234   -6.826  4.310   1.00 23.57  ? 148 VAL A O   1 
ATOM   1049 C CB  . VAL A 1 134 ? 7.392   -4.471  5.935   1.00 23.85  ? 148 VAL A CB  1 
ATOM   1050 C CG1 . VAL A 1 134 ? 7.306   -4.972  7.369   1.00 25.13  ? 148 VAL A CG1 1 
ATOM   1051 C CG2 . VAL A 1 134 ? 8.086   -3.126  5.898   1.00 24.18  ? 148 VAL A CG2 1 
ATOM   1052 N N   . PRO A 1 135 ? 7.737   -7.848  5.676   1.00 23.74  ? 149 PRO A N   1 
ATOM   1053 C CA  . PRO A 1 135 ? 6.889   -9.015  5.680   1.00 23.68  ? 149 PRO A CA  1 
ATOM   1054 C C   . PRO A 1 135 ? 5.499   -8.722  6.285   1.00 22.19  ? 149 PRO A C   1 
ATOM   1055 O O   . PRO A 1 135 ? 5.417   -8.036  7.314   1.00 23.29  ? 149 PRO A O   1 
ATOM   1056 C CB  . PRO A 1 135 ? 7.657   -10.022 6.571   1.00 26.40  ? 149 PRO A CB  1 
ATOM   1057 C CG  . PRO A 1 135 ? 9.088   -9.511  6.656   1.00 27.37  ? 149 PRO A CG  1 
ATOM   1058 C CD  . PRO A 1 135 ? 8.958   -8.015  6.504   1.00 26.44  ? 149 PRO A CD  1 
ATOM   1059 N N   . LEU A 1 136 ? 4.441   -9.246  5.661   1.00 22.57  ? 150 LEU A N   1 
ATOM   1060 C CA  . LEU A 1 136 ? 3.072   -8.998  6.116   1.00 23.19  ? 150 LEU A CA  1 
ATOM   1061 C C   . LEU A 1 136 ? 2.860   -9.432  7.561   1.00 25.46  ? 150 LEU A C   1 
ATOM   1062 O O   . LEU A 1 136 ? 2.237   -8.714  8.323   1.00 23.85  ? 150 LEU A O   1 
ATOM   1063 C CB  . LEU A 1 136 ? 2.063   -9.672  5.178   1.00 23.39  ? 150 LEU A CB  1 
ATOM   1064 C CG  . LEU A 1 136 ? 0.591   -9.346  5.347   1.00 23.35  ? 150 LEU A CG  1 
ATOM   1065 C CD1 . LEU A 1 136 ? 0.346   -7.874  5.093   1.00 22.77  ? 150 LEU A CD1 1 
ATOM   1066 C CD2 . LEU A 1 136 ? -0.202  -10.216 4.372   1.00 24.77  ? 150 LEU A CD2 1 
ATOM   1067 N N   . ALA A 1 137 ? 3.452   -10.570 7.957   1.00 25.23  ? 151 ALA A N   1 
ATOM   1068 C CA  . ALA A 1 137 ? 3.352   -11.035 9.346   1.00 25.64  ? 151 ALA A CA  1 
ATOM   1069 C C   . ALA A 1 137 ? 3.905   -10.088 10.428  1.00 26.28  ? 151 ALA A C   1 
ATOM   1070 O O   . ALA A 1 137 ? 3.461   -10.158 11.580  1.00 26.79  ? 151 ALA A O   1 
ATOM   1071 C CB  . ALA A 1 137 ? 3.974   -12.416 9.500   1.00 28.63  ? 151 ALA A CB  1 
ATOM   1072 N N   . TYR A 1 138 ? 4.838   -9.212  10.079  1.00 25.32  ? 152 TYR A N   1 
ATOM   1073 C CA  . TYR A 1 138 ? 5.337   -8.190  11.001  1.00 26.25  ? 152 TYR A CA  1 
ATOM   1074 C C   . TYR A 1 138 ? 4.187   -7.411  11.676  1.00 26.33  ? 152 TYR A C   1 
ATOM   1075 O O   . TYR A 1 138 ? 4.242   -7.096  12.873  1.00 25.62  ? 152 TYR A O   1 
ATOM   1076 C CB  . TYR A 1 138 ? 6.264   -7.211  10.283  1.00 25.41  ? 152 TYR A CB  1 
ATOM   1077 C CG  . TYR A 1 138 ? 6.586   -5.993  11.105  1.00 26.19  ? 152 TYR A CG  1 
ATOM   1078 C CD1 . TYR A 1 138 ? 7.611   -6.009  12.052  1.00 27.84  ? 152 TYR A CD1 1 
ATOM   1079 C CD2 . TYR A 1 138 ? 5.820   -4.841  10.989  1.00 26.76  ? 152 TYR A CD2 1 
ATOM   1080 C CE1 . TYR A 1 138 ? 7.869   -4.894  12.845  1.00 28.40  ? 152 TYR A CE1 1 
ATOM   1081 C CE2 . TYR A 1 138 ? 6.064   -3.729  11.776  1.00 28.98  ? 152 TYR A CE2 1 
ATOM   1082 C CZ  . TYR A 1 138 ? 7.087   -3.749  12.710  1.00 29.35  ? 152 TYR A CZ  1 
ATOM   1083 O OH  . TYR A 1 138 ? 7.331   -2.613  13.494  1.00 31.48  ? 152 TYR A OH  1 
ATOM   1084 N N   . PHE A 1 139 ? 3.155   -7.105  10.891  1.00 26.35  ? 153 PHE A N   1 
ATOM   1085 C CA  . PHE A 1 139 ? 2.067   -6.235  11.351  1.00 25.79  ? 153 PHE A CA  1 
ATOM   1086 C C   . PHE A 1 139 ? 1.132   -6.892  12.383  1.00 27.99  ? 153 PHE A C   1 
ATOM   1087 O O   . PHE A 1 139 ? 0.331   -6.181  13.040  1.00 26.97  ? 153 PHE A O   1 
ATOM   1088 C CB  . PHE A 1 139 ? 1.324   -5.638  10.146  1.00 24.32  ? 153 PHE A CB  1 
ATOM   1089 C CG  . PHE A 1 139 ? 2.213   -4.774  9.297   1.00 23.38  ? 153 PHE A CG  1 
ATOM   1090 C CD1 . PHE A 1 139 ? 2.581   -3.515  9.729   1.00 24.82  ? 153 PHE A CD1 1 
ATOM   1091 C CD2 . PHE A 1 139 ? 2.765   -5.252  8.118   1.00 23.35  ? 153 PHE A CD2 1 
ATOM   1092 C CE1 . PHE A 1 139 ? 3.431   -2.719  8.985   1.00 24.23  ? 153 PHE A CE1 1 
ATOM   1093 C CE2 . PHE A 1 139 ? 3.621   -4.466  7.359   1.00 23.77  ? 153 PHE A CE2 1 
ATOM   1094 C CZ  . PHE A 1 139 ? 3.965   -3.193  7.794   1.00 24.09  ? 153 PHE A CZ  1 
ATOM   1095 N N   . LEU A 1 140 ? 1.281   -8.205  12.577  1.00 25.25  ? 154 LEU A N   1 
ATOM   1096 C CA  . LEU A 1 140 ? 0.641   -8.895  13.696  1.00 28.31  ? 154 LEU A CA  1 
ATOM   1097 C C   . LEU A 1 140 ? 1.374   -8.771  15.027  1.00 30.46  ? 154 LEU A C   1 
ATOM   1098 O O   . LEU A 1 140 ? 0.762   -8.955  16.057  1.00 30.32  ? 154 LEU A O   1 
ATOM   1099 C CB  . LEU A 1 140 ? 0.438   -10.387 13.386  1.00 28.41  ? 154 LEU A CB  1 
ATOM   1100 C CG  . LEU A 1 140 ? -0.287  -10.731 12.085  1.00 30.58  ? 154 LEU A CG  1 
ATOM   1101 C CD1 . LEU A 1 140 ? -0.342  -12.229 11.896  1.00 32.02  ? 154 LEU A CD1 1 
ATOM   1102 C CD2 . LEU A 1 140 ? -1.687  -10.144 12.040  1.00 30.07  ? 154 LEU A CD2 1 
ATOM   1103 N N   . HIS A 1 141 ? 2.683   -8.528  15.014  1.00 29.61  ? 155 HIS A N   1 
ATOM   1104 C CA  . HIS A 1 141 ? 3.461   -8.334  16.235  1.00 32.06  ? 155 HIS A CA  1 
ATOM   1105 C C   . HIS A 1 141 ? 4.474   -7.243  15.989  1.00 31.26  ? 155 HIS A C   1 
ATOM   1106 O O   . HIS A 1 141 ? 5.681   -7.496  15.941  1.00 32.41  ? 155 HIS A O   1 
ATOM   1107 C CB  . HIS A 1 141 ? 4.160   -9.637  16.638  1.00 35.40  ? 155 HIS A CB  1 
ATOM   1108 C CG  . HIS A 1 141 ? 3.216   -10.738 17.000  1.00 36.88  ? 155 HIS A CG  1 
ATOM   1109 N ND1 . HIS A 1 141 ? 2.592   -10.802 18.230  1.00 38.46  ? 155 HIS A ND1 1 
ATOM   1110 C CD2 . HIS A 1 141 ? 2.780   -11.816 16.298  1.00 38.57  ? 155 HIS A CD2 1 
ATOM   1111 C CE1 . HIS A 1 141 ? 1.812   -11.869 18.272  1.00 37.88  ? 155 HIS A CE1 1 
ATOM   1112 N NE2 . HIS A 1 141 ? 1.907   -12.505 17.115  1.00 38.31  ? 155 HIS A NE2 1 
ATOM   1113 N N   . PRO A 1 142 ? 3.993   -6.019  15.789  1.00 31.07  ? 156 PRO A N   1 
ATOM   1114 C CA  . PRO A 1 142 ? 4.912   -4.928  15.443  1.00 33.95  ? 156 PRO A CA  1 
ATOM   1115 C C   . PRO A 1 142 ? 5.747   -4.444  16.645  1.00 38.31  ? 156 PRO A C   1 
ATOM   1116 O O   . PRO A 1 142 ? 5.403   -4.762  17.786  1.00 37.91  ? 156 PRO A O   1 
ATOM   1117 C CB  . PRO A 1 142 ? 3.956   -3.836  14.948  1.00 34.97  ? 156 PRO A CB  1 
ATOM   1118 C CG  . PRO A 1 142 ? 2.678   -4.089  15.703  1.00 33.66  ? 156 PRO A CG  1 
ATOM   1119 C CD  . PRO A 1 142 ? 2.596   -5.562  15.940  1.00 33.31  ? 156 PRO A CD  1 
ATOM   1120 N N   . GLN A 1 143 ? 6.826   -3.709  16.386  1.00 36.00  ? 157 GLN A N   1 
ATOM   1121 C CA  . GLN A 1 143 ? 7.613   -3.033  17.431  1.00 42.24  ? 157 GLN A CA  1 
ATOM   1122 C C   . GLN A 1 143 ? 7.105   -1.594  17.541  1.00 42.66  ? 157 GLN A C   1 
ATOM   1123 O O   . GLN A 1 143 ? 7.372   -0.768  16.659  1.00 40.93  ? 157 GLN A O   1 
ATOM   1124 C CB  . GLN A 1 143 ? 9.112   -3.064  17.111  1.00 44.82  ? 157 GLN A CB  1 
ATOM   1125 C CG  . GLN A 1 143 ? 10.009  -2.496  18.208  1.00 54.51  ? 157 GLN A CG  1 
ATOM   1126 C CD  . GLN A 1 143 ? 11.497  -2.554  17.860  1.00 63.98  ? 157 GLN A CD  1 
ATOM   1127 O OE1 . GLN A 1 143 ? 11.968  -3.508  17.230  1.00 73.42  ? 157 GLN A OE1 1 
ATOM   1128 N NE2 . GLN A 1 143 ? 12.244  -1.527  18.262  1.00 65.95  ? 157 GLN A NE2 1 
ATOM   1129 N N   . VAL A 1 144 ? 6.373   -1.310  18.623  1.00 44.01  ? 158 VAL A N   1 
ATOM   1130 C CA  . VAL A 1 144 ? 5.600   -0.074  18.758  1.00 47.20  ? 158 VAL A CA  1 
ATOM   1131 C C   . VAL A 1 144 ? 6.347   0.926   19.640  1.00 49.51  ? 158 VAL A C   1 
ATOM   1132 O O   . VAL A 1 144 ? 6.902   0.545   20.668  1.00 49.34  ? 158 VAL A O   1 
ATOM   1133 C CB  . VAL A 1 144 ? 4.198   -0.347  19.359  1.00 50.59  ? 158 VAL A CB  1 
ATOM   1134 C CG1 . VAL A 1 144 ? 3.374   0.933   19.430  1.00 52.24  ? 158 VAL A CG1 1 
ATOM   1135 C CG2 . VAL A 1 144 ? 3.454   -1.396  18.546  1.00 50.70  ? 158 VAL A CG2 1 
ATOM   1136 N N   . HIS A 1 145 ? 6.346   2.192   19.225  1.00 51.21  ? 159 HIS A N   1 
ATOM   1137 C CA  . HIS A 1 145 ? 6.897   3.314   20.001  1.00 58.64  ? 159 HIS A CA  1 
ATOM   1138 C C   . HIS A 1 145 ? 5.888   4.447   20.034  1.00 57.92  ? 159 HIS A C   1 
ATOM   1139 O O   . HIS A 1 145 ? 5.363   4.835   18.996  1.00 54.36  ? 159 HIS A O   1 
ATOM   1140 C CB  . HIS A 1 145 ? 8.213   3.787   19.392  1.00 63.42  ? 159 HIS A CB  1 
ATOM   1141 C CG  . HIS A 1 145 ? 9.309   2.784   19.537  1.00 75.95  ? 159 HIS A CG  1 
ATOM   1142 N ND1 . HIS A 1 145 ? 9.659   1.917   18.524  1.00 81.67  ? 159 HIS A ND1 1 
ATOM   1143 C CD2 . HIS A 1 145 ? 10.085  2.455   20.599  1.00 80.50  ? 159 HIS A CD2 1 
ATOM   1144 C CE1 . HIS A 1 145 ? 10.632  1.128   18.942  1.00 82.18  ? 159 HIS A CE1 1 
ATOM   1145 N NE2 . HIS A 1 145 ? 10.907  1.430   20.199  1.00 81.27  ? 159 HIS A NE2 1 
ATOM   1146 N N   . ASP A 1 146 ? 5.615   4.970   21.224  1.00 60.41  ? 160 ASP A N   1 
ATOM   1147 C CA  . ASP A 1 146 ? 4.595   6.000   21.411  1.00 64.99  ? 160 ASP A CA  1 
ATOM   1148 C C   . ASP A 1 146 ? 5.204   7.405   21.384  1.00 67.06  ? 160 ASP A C   1 
ATOM   1149 O O   . ASP A 1 146 ? 6.075   7.706   22.192  1.00 66.60  ? 160 ASP A O   1 
ATOM   1150 C CB  . ASP A 1 146 ? 3.852   5.736   22.721  1.00 69.93  ? 160 ASP A CB  1 
ATOM   1151 C CG  . ASP A 1 146 ? 3.137   4.384   22.725  1.00 72.94  ? 160 ASP A CG  1 
ATOM   1152 O OD1 . ASP A 1 146 ? 3.104   3.714   21.669  1.00 77.88  ? 160 ASP A OD1 1 
ATOM   1153 O OD2 . ASP A 1 146 ? 2.611   3.979   23.784  1.00 77.27  ? 160 ASP A OD2 1 
ATOM   1154 N N   . GLN A 1 147 ? 4.761   8.240   20.434  1.00 65.62  ? 161 GLN A N   1 
ATOM   1155 C CA  . GLN A 1 147 ? 5.228   9.632   20.287  1.00 66.50  ? 161 GLN A CA  1 
ATOM   1156 C C   . GLN A 1 147 ? 4.142   10.612  20.727  1.00 66.49  ? 161 GLN A C   1 
ATOM   1157 O O   . GLN A 1 147 ? 3.297   10.286  21.570  1.00 67.48  ? 161 GLN A O   1 
ATOM   1158 C CB  . GLN A 1 147 ? 5.613   9.921   18.834  1.00 65.11  ? 161 GLN A CB  1 
ATOM   1159 N N   . ILE A 1 158 ? -1.460  10.340  22.750  1.00 82.17  ? 172 ILE A N   1 
ATOM   1160 C CA  . ILE A 1 158 ? -0.397  9.426   22.325  1.00 84.34  ? 172 ILE A CA  1 
ATOM   1161 C C   . ILE A 1 158 ? -0.620  8.919   20.886  1.00 79.92  ? 172 ILE A C   1 
ATOM   1162 O O   . ILE A 1 158 ? -1.748  8.631   20.489  1.00 78.81  ? 172 ILE A O   1 
ATOM   1163 C CB  . ILE A 1 158 ? -0.250  8.259   23.345  1.00 90.79  ? 172 ILE A CB  1 
ATOM   1164 C CG1 . ILE A 1 158 ? 0.428   8.754   24.646  1.00 94.53  ? 172 ILE A CG1 1 
ATOM   1165 C CG2 . ILE A 1 158 ? 0.488   7.054   22.754  1.00 91.62  ? 172 ILE A CG2 1 
ATOM   1166 C CD1 . ILE A 1 158 ? 1.899   9.151   24.540  1.00 95.73  ? 172 ILE A CD1 1 
ATOM   1167 N N   . ASN A 1 159 ? 0.475   8.808   20.131  1.00 76.06  ? 173 ASN A N   1 
ATOM   1168 C CA  . ASN A 1 159 ? 0.481   8.417   18.716  1.00 70.27  ? 173 ASN A CA  1 
ATOM   1169 C C   . ASN A 1 159 ? 1.386   7.173   18.546  1.00 64.61  ? 173 ASN A C   1 
ATOM   1170 O O   . ASN A 1 159 ? 2.572   7.215   18.879  1.00 59.59  ? 173 ASN A O   1 
ATOM   1171 C CB  . ASN A 1 159 ? 0.995   9.605   17.888  1.00 71.55  ? 173 ASN A CB  1 
ATOM   1172 C CG  . ASN A 1 159 ? 1.088   9.310   16.403  1.00 73.05  ? 173 ASN A CG  1 
ATOM   1173 O OD1 . ASN A 1 159 ? 0.167   8.765   15.805  1.00 70.88  ? 173 ASN A OD1 1 
ATOM   1174 N ND2 . ASN A 1 159 ? 2.207   9.692   15.793  1.00 76.16  ? 173 ASN A ND2 1 
ATOM   1175 N N   . HIS A 1 160 ? 0.819   6.072   18.047  1.00 60.21  ? 174 HIS A N   1 
ATOM   1176 C CA  . HIS A 1 160 ? 1.558   4.804   17.894  1.00 57.15  ? 174 HIS A CA  1 
ATOM   1177 C C   . HIS A 1 160 ? 2.372   4.766   16.589  1.00 51.28  ? 174 HIS A C   1 
ATOM   1178 O O   . HIS A 1 160 ? 1.838   5.016   15.506  1.00 54.62  ? 174 HIS A O   1 
ATOM   1179 C CB  . HIS A 1 160 ? 0.602   3.607   17.949  1.00 60.87  ? 174 HIS A CB  1 
ATOM   1180 C CG  . HIS A 1 160 ? -0.144  3.481   19.242  1.00 64.98  ? 174 HIS A CG  1 
ATOM   1181 N ND1 . HIS A 1 160 ? 0.483   3.497   20.470  1.00 64.83  ? 174 HIS A ND1 1 
ATOM   1182 C CD2 . HIS A 1 160 ? -1.464  3.309   19.496  1.00 67.26  ? 174 HIS A CD2 1 
ATOM   1183 C CE1 . HIS A 1 160 ? -0.420  3.358   21.424  1.00 66.31  ? 174 HIS A CE1 1 
ATOM   1184 N NE2 . HIS A 1 160 ? -1.608  3.241   20.861  1.00 69.19  ? 174 HIS A NE2 1 
ATOM   1185 N N   . ILE A 1 161 ? 3.657   4.441   16.708  1.00 48.34  ? 175 ILE A N   1 
ATOM   1186 C CA  . ILE A 1 161 ? 4.598   4.404   15.582  1.00 47.14  ? 175 ILE A CA  1 
ATOM   1187 C C   . ILE A 1 161 ? 5.227   3.004   15.549  1.00 44.61  ? 175 ILE A C   1 
ATOM   1188 O O   . ILE A 1 161 ? 5.694   2.504   16.587  1.00 42.95  ? 175 ILE A O   1 
ATOM   1189 C CB  . ILE A 1 161 ? 5.669   5.509   15.736  1.00 48.94  ? 175 ILE A CB  1 
ATOM   1190 C CG1 . ILE A 1 161 ? 4.997   6.887   15.618  1.00 53.02  ? 175 ILE A CG1 1 
ATOM   1191 C CG2 . ILE A 1 161 ? 6.798   5.391   14.708  1.00 47.78  ? 175 ILE A CG2 1 
ATOM   1192 C CD1 . ILE A 1 161 ? 5.920   8.044   15.929  1.00 54.78  ? 175 ILE A CD1 1 
ATOM   1193 N N   . PHE A 1 162 ? 5.235   2.379   14.366  1.00 35.48  ? 176 PHE A N   1 
ATOM   1194 C CA  . PHE A 1 162 ? 5.879   1.072   14.179  1.00 32.51  ? 176 PHE A CA  1 
ATOM   1195 C C   . PHE A 1 162 ? 7.319   1.320   13.709  1.00 31.75  ? 176 PHE A C   1 
ATOM   1196 O O   . PHE A 1 162 ? 7.518   2.133   12.827  1.00 32.39  ? 176 PHE A O   1 
ATOM   1197 C CB  . PHE A 1 162 ? 5.158   0.247   13.113  1.00 32.14  ? 176 PHE A CB  1 
ATOM   1198 C CG  . PHE A 1 162 ? 3.735   -0.163  13.457  1.00 32.09  ? 176 PHE A CG  1 
ATOM   1199 C CD1 . PHE A 1 162 ? 3.228   -0.136  14.767  1.00 31.64  ? 176 PHE A CD1 1 
ATOM   1200 C CD2 . PHE A 1 162 ? 2.904   -0.625  12.448  1.00 32.07  ? 176 PHE A CD2 1 
ATOM   1201 C CE1 . PHE A 1 162 ? 1.919   -0.564  15.026  1.00 32.86  ? 176 PHE A CE1 1 
ATOM   1202 C CE2 . PHE A 1 162 ? 1.601   -1.027  12.712  1.00 30.54  ? 176 PHE A CE2 1 
ATOM   1203 C CZ  . PHE A 1 162 ? 1.112   -1.008  13.992  1.00 31.72  ? 176 PHE A CZ  1 
ATOM   1204 N N   . GLU A 1 163 ? 8.295   0.613   14.280  1.00 32.22  ? 177 GLU A N   1 
ATOM   1205 C CA  . GLU A 1 163 ? 9.689   0.615   13.796  1.00 34.81  ? 177 GLU A CA  1 
ATOM   1206 C C   . GLU A 1 163 ? 10.068  -0.742  13.221  1.00 31.00  ? 177 GLU A C   1 
ATOM   1207 O O   . GLU A 1 163 ? 9.913   -1.766  13.887  1.00 29.98  ? 177 GLU A O   1 
ATOM   1208 C CB  . GLU A 1 163 ? 10.667  0.957   14.921  1.00 41.34  ? 177 GLU A CB  1 
ATOM   1209 C CG  . GLU A 1 163 ? 10.544  2.401   15.390  1.00 49.19  ? 177 GLU A CG  1 
ATOM   1210 C CD  . GLU A 1 163 ? 11.723  2.876   16.235  1.00 60.20  ? 177 GLU A CD  1 
ATOM   1211 O OE1 . GLU A 1 163 ? 12.790  2.199   16.248  1.00 62.72  ? 177 GLU A OE1 1 
ATOM   1212 O OE2 . GLU A 1 163 ? 11.578  3.952   16.873  1.00 67.68  ? 177 GLU A OE2 1 
ATOM   1213 N N   . TYR A 1 164 ? 10.519  -0.753  11.974  1.00 29.05  ? 178 TYR A N   1 
ATOM   1214 C CA  . TYR A 1 164 ? 10.885  -1.996  11.287  1.00 30.70  ? 178 TYR A CA  1 
ATOM   1215 C C   . TYR A 1 164 ? 12.324  -1.850  10.847  1.00 29.78  ? 178 TYR A C   1 
ATOM   1216 O O   . TYR A 1 164 ? 12.655  -0.892  10.129  1.00 30.33  ? 178 TYR A O   1 
ATOM   1217 C CB  . TYR A 1 164 ? 10.008  -2.294  10.034  1.00 30.45  ? 178 TYR A CB  1 
ATOM   1218 C CG  . TYR A 1 164 ? 10.534  -3.504  9.262   1.00 29.60  ? 178 TYR A CG  1 
ATOM   1219 C CD1 . TYR A 1 164 ? 10.379  -4.778  9.785   1.00 31.48  ? 178 TYR A CD1 1 
ATOM   1220 C CD2 . TYR A 1 164 ? 11.265  -3.372  8.061   1.00 30.48  ? 178 TYR A CD2 1 
ATOM   1221 C CE1 . TYR A 1 164 ? 10.882  -5.897  9.135   1.00 32.60  ? 178 TYR A CE1 1 
ATOM   1222 C CE2 . TYR A 1 164 ? 11.764  -4.505  7.390   1.00 30.07  ? 178 TYR A CE2 1 
ATOM   1223 C CZ  . TYR A 1 164 ? 11.598  -5.750  7.946   1.00 31.18  ? 178 TYR A CZ  1 
ATOM   1224 O OH  . TYR A 1 164 ? 12.092  -6.916  7.386   1.00 34.11  ? 178 TYR A OH  1 
ATOM   1225 N N   . THR A 1 165 ? 13.155  -2.806  11.255  1.00 30.42  ? 179 THR A N   1 
ATOM   1226 C CA  . THR A 1 165 ? 14.557  -2.907  10.831  1.00 31.25  ? 179 THR A CA  1 
ATOM   1227 C C   . THR A 1 165 ? 14.772  -4.020  9.797   1.00 30.63  ? 179 THR A C   1 
ATOM   1228 O O   . THR A 1 165 ? 14.461  -5.170  10.056  1.00 31.02  ? 179 THR A O   1 
ATOM   1229 C CB  . THR A 1 165 ? 15.444  -3.225  12.044  1.00 35.63  ? 179 THR A CB  1 
ATOM   1230 O OG1 . THR A 1 165 ? 15.141  -2.298  13.089  1.00 37.09  ? 179 THR A OG1 1 
ATOM   1231 C CG2 . THR A 1 165 ? 16.927  -3.150  11.666  1.00 34.75  ? 179 THR A CG2 1 
ATOM   1232 N N   . ASN A 1 166 ? 15.256  -3.683  8.605   1.00 28.40  ? 180 ASN A N   1 
ATOM   1233 C CA  . ASN A 1 166 ? 15.492  -4.675  7.566   1.00 29.67  ? 180 ASN A CA  1 
ATOM   1234 C C   . ASN A 1 166 ? 16.750  -5.482  7.924   1.00 30.90  ? 180 ASN A C   1 
ATOM   1235 O O   . ASN A 1 166 ? 17.848  -4.904  7.974   1.00 29.63  ? 180 ASN A O   1 
ATOM   1236 C CB  . ASN A 1 166 ? 15.689  -3.932  6.253   1.00 32.24  ? 180 ASN A CB  1 
ATOM   1237 C CG  . ASN A 1 166 ? 15.937  -4.829  5.064   1.00 33.08  ? 180 ASN A CG  1 
ATOM   1238 O OD1 . ASN A 1 166 ? 16.156  -6.031  5.156   1.00 37.05  ? 180 ASN A OD1 1 
ATOM   1239 N ND2 . ASN A 1 166 ? 15.900  -4.210  3.907   1.00 38.07  ? 180 ASN A ND2 1 
ATOM   1240 N N   . PRO A 1 167 ? 16.613  -6.804  8.161   1.00 33.21  ? 181 PRO A N   1 
ATOM   1241 C CA  . PRO A 1 167 ? 17.801  -7.607  8.547   1.00 34.61  ? 181 PRO A CA  1 
ATOM   1242 C C   . PRO A 1 167 ? 18.891  -7.748  7.460   1.00 34.25  ? 181 PRO A C   1 
ATOM   1243 O O   . PRO A 1 167 ? 20.015  -8.115  7.774   1.00 34.36  ? 181 PRO A O   1 
ATOM   1244 C CB  . PRO A 1 167 ? 17.221  -8.992  8.904   1.00 36.25  ? 181 PRO A CB  1 
ATOM   1245 C CG  . PRO A 1 167 ? 15.826  -9.012  8.412   1.00 37.20  ? 181 PRO A CG  1 
ATOM   1246 C CD  . PRO A 1 167 ? 15.387  -7.620  8.038   1.00 35.86  ? 181 PRO A CD  1 
ATOM   1247 N N   . GLU A 1 168 ? 18.545  -7.477  6.212   1.00 35.04  ? 182 GLU A N   1 
ATOM   1248 C CA  . GLU A 1 168 ? 19.507  -7.411  5.117   1.00 41.79  ? 182 GLU A CA  1 
ATOM   1249 C C   . GLU A 1 168 ? 20.589  -6.343  5.330   1.00 42.09  ? 182 GLU A C   1 
ATOM   1250 O O   . GLU A 1 168 ? 21.753  -6.651  5.052   1.00 38.64  ? 182 GLU A O   1 
ATOM   1251 C CB  . GLU A 1 168 ? 18.816  -7.097  3.792   1.00 49.76  ? 182 GLU A CB  1 
ATOM   1252 C CG  . GLU A 1 168 ? 17.913  -8.210  3.280   1.00 54.15  ? 182 GLU A CG  1 
ATOM   1253 C CD  . GLU A 1 168 ? 18.678  -9.396  2.751   1.00 61.00  ? 182 GLU A CD  1 
ATOM   1254 O OE1 . GLU A 1 168 ? 19.664  -9.209  1.966   1.00 63.03  ? 182 GLU A OE1 1 
ATOM   1255 O OE2 . GLU A 1 168 ? 18.271  -10.520 3.114   1.00 68.60  ? 182 GLU A OE2 1 
ATOM   1256 N N   . ASP A 1 169 ? 20.196  -5.136  5.815   1.00 38.70  ? 183 ASP A N   1 
ATOM   1257 C CA  . ASP A 1 169 ? 21.085  -3.974  6.027   1.00 35.53  ? 183 ASP A CA  1 
ATOM   1258 C C   . ASP A 1 169 ? 21.069  -3.208  7.382   1.00 35.93  ? 183 ASP A C   1 
ATOM   1259 O O   . ASP A 1 169 ? 21.864  -2.275  7.588   1.00 35.77  ? 183 ASP A O   1 
ATOM   1260 C CB  . ASP A 1 169 ? 20.975  -2.988  4.859   1.00 34.40  ? 183 ASP A CB  1 
ATOM   1261 C CG  . ASP A 1 169 ? 19.596  -2.313  4.769   1.00 44.92  ? 183 ASP A CG  1 
ATOM   1262 O OD1 . ASP A 1 169 ? 18.758  -2.463  5.695   1.00 43.00  ? 183 ASP A OD1 1 
ATOM   1263 O OD2 . ASP A 1 169 ? 19.362  -1.599  3.764   1.00 47.52  ? 183 ASP A OD2 1 
ATOM   1264 N N   . GLY A 1 170 ? 20.212  -3.583  8.321   1.00 37.48  ? 184 GLY A N   1 
ATOM   1265 C CA  . GLY A 1 170 ? 20.091  -2.871  9.624   1.00 37.28  ? 184 GLY A CA  1 
ATOM   1266 C C   . GLY A 1 170 ? 19.428  -1.491  9.641   1.00 39.74  ? 184 GLY A C   1 
ATOM   1267 O O   . GLY A 1 170 ? 19.399  -0.809  10.712  1.00 35.45  ? 184 GLY A O   1 
ATOM   1268 N N   . VAL A 1 171 ? 18.893  -1.086  8.484   1.00 37.45  ? 185 VAL A N   1 
ATOM   1269 C CA  . VAL A 1 171 ? 18.164  0.187   8.325   1.00 39.58  ? 185 VAL A CA  1 
ATOM   1270 C C   . VAL A 1 171 ? 16.773  0.082   8.927   1.00 42.21  ? 185 VAL A C   1 
ATOM   1271 O O   . VAL A 1 171 ? 16.032  -0.881  8.631   1.00 34.26  ? 185 VAL A O   1 
ATOM   1272 C CB  . VAL A 1 171 ? 17.983  0.564   6.837   1.00 40.25  ? 185 VAL A CB  1 
ATOM   1273 C CG1 . VAL A 1 171 ? 17.176  1.856   6.701   1.00 43.04  ? 185 VAL A CG1 1 
ATOM   1274 C CG2 . VAL A 1 171 ? 19.342  0.751   6.163   1.00 42.41  ? 185 VAL A CG2 1 
ATOM   1275 N N   . THR A 1 172 ? 16.435  1.094   9.727   1.00 38.51  ? 186 THR A N   1 
ATOM   1276 C CA  . THR A 1 172 ? 15.171  1.182   10.403  1.00 41.63  ? 186 THR A CA  1 
ATOM   1277 C C   . THR A 1 172 ? 14.247  2.176   9.671   1.00 40.09  ? 186 THR A C   1 
ATOM   1278 O O   . THR A 1 172 ? 14.680  3.199   9.150   1.00 39.20  ? 186 THR A O   1 
ATOM   1279 C CB  . THR A 1 172 ? 15.376  1.540   11.890  1.00 43.20  ? 186 THR A CB  1 
ATOM   1280 O OG1 . THR A 1 172 ? 16.151  0.501   12.514  1.00 42.51  ? 186 THR A OG1 1 
ATOM   1281 C CG2 . THR A 1 172 ? 14.045  1.643   12.631  1.00 45.21  ? 186 THR A CG2 1 
ATOM   1282 N N   . TYR A 1 173 ? 12.976  1.813   9.595   1.00 34.76  ? 187 TYR A N   1 
ATOM   1283 C CA  . TYR A 1 173 ? 11.947  2.648   9.000   1.00 32.86  ? 187 TYR A CA  1 
ATOM   1284 C C   . TYR A 1 173 ? 10.838  2.838   10.046  1.00 34.14  ? 187 TYR A C   1 
ATOM   1285 O O   . TYR A 1 173 ? 10.520  1.903   10.801  1.00 33.71  ? 187 TYR A O   1 
ATOM   1286 C CB  . TYR A 1 173 ? 11.370  1.944   7.774   1.00 33.92  ? 187 TYR A CB  1 
ATOM   1287 C CG  . TYR A 1 173 ? 12.340  1.687   6.632   1.00 33.35  ? 187 TYR A CG  1 
ATOM   1288 C CD1 . TYR A 1 173 ? 12.566  2.650   5.660   1.00 34.02  ? 187 TYR A CD1 1 
ATOM   1289 C CD2 . TYR A 1 173 ? 13.034  0.459   6.529   1.00 34.93  ? 187 TYR A CD2 1 
ATOM   1290 C CE1 . TYR A 1 173 ? 13.458  2.416   4.613   1.00 34.63  ? 187 TYR A CE1 1 
ATOM   1291 C CE2 . TYR A 1 173 ? 13.912  0.200   5.483   1.00 34.03  ? 187 TYR A CE2 1 
ATOM   1292 C CZ  . TYR A 1 173 ? 14.133  1.175   4.525   1.00 36.75  ? 187 TYR A CZ  1 
ATOM   1293 O OH  . TYR A 1 173 ? 15.016  0.918   3.482   1.00 36.81  ? 187 TYR A OH  1 
ATOM   1294 N N   . GLN A 1 174 ? 10.247  4.035   10.060  1.00 33.47  ? 188 GLN A N   1 
ATOM   1295 C CA  . GLN A 1 174 ? 9.090   4.353   10.896  1.00 34.59  ? 188 GLN A CA  1 
ATOM   1296 C C   . GLN A 1 174 ? 7.835   4.369   10.018  1.00 31.85  ? 188 GLN A C   1 
ATOM   1297 O O   . GLN A 1 174 ? 7.823   5.021   8.983   1.00 28.84  ? 188 GLN A O   1 
ATOM   1298 C CB  . GLN A 1 174 ? 9.284   5.709   11.591  1.00 39.08  ? 188 GLN A CB  1 
ATOM   1299 C CG  . GLN A 1 174 ? 10.356  5.675   12.676  1.00 45.02  ? 188 GLN A CG  1 
ATOM   1300 C CD  . GLN A 1 174 ? 10.383  6.945   13.514  1.00 53.61  ? 188 GLN A CD  1 
ATOM   1301 O OE1 . GLN A 1 174 ? 9.834   7.984   13.130  1.00 59.86  ? 188 GLN A OE1 1 
ATOM   1302 N NE2 . GLN A 1 174 ? 11.030  6.868   14.670  1.00 60.18  ? 188 GLN A NE2 1 
ATOM   1303 N N   . ILE A 1 175 ? 6.810   3.623   10.425  1.00 29.59  ? 189 ILE A N   1 
ATOM   1304 C CA  . ILE A 1 175 ? 5.551   3.538   9.673   1.00 29.46  ? 189 ILE A CA  1 
ATOM   1305 C C   . ILE A 1 175 ? 4.433   3.973   10.628  1.00 28.54  ? 189 ILE A C   1 
ATOM   1306 O O   . ILE A 1 175 ? 4.341   3.450   11.736  1.00 28.83  ? 189 ILE A O   1 
ATOM   1307 C CB  . ILE A 1 175 ? 5.283   2.101   9.172   1.00 29.57  ? 189 ILE A CB  1 
ATOM   1308 C CG1 . ILE A 1 175 ? 6.553   1.519   8.527   1.00 31.50  ? 189 ILE A CG1 1 
ATOM   1309 C CG2 . ILE A 1 175 ? 4.139   2.093   8.156   1.00 30.00  ? 189 ILE A CG2 1 
ATOM   1310 C CD1 . ILE A 1 175 ? 6.421   0.070   8.076   1.00 32.32  ? 189 ILE A CD1 1 
ATOM   1311 N N   . LYS A 1 176 ? 3.601   4.907   10.202  1.00 30.23  ? 190 LYS A N   1 
ATOM   1312 C CA  . LYS A 1 176 ? 2.580   5.461   11.092  1.00 31.75  ? 190 LYS A CA  1 
ATOM   1313 C C   . LYS A 1 176 ? 1.318   5.887   10.349  1.00 29.66  ? 190 LYS A C   1 
ATOM   1314 O O   . LYS A 1 176 ? 1.213   5.749   9.113   1.00 26.52  ? 190 LYS A O   1 
ATOM   1315 C CB  . LYS A 1 176 ? 3.193   6.632   11.889  1.00 34.85  ? 190 LYS A CB  1 
ATOM   1316 C CG  . LYS A 1 176 ? 3.517   7.841   11.066  1.00 37.17  ? 190 LYS A CG  1 
ATOM   1317 C CD  . LYS A 1 176 ? 4.374   8.872   11.815  1.00 42.48  ? 190 LYS A CD  1 
ATOM   1318 C CE  . LYS A 1 176 ? 4.560   10.086  10.910  1.00 46.79  ? 190 LYS A CE  1 
ATOM   1319 N NZ  . LYS A 1 176 ? 5.409   11.160  11.500  1.00 51.76  ? 190 LYS A NZ  1 
ATOM   1320 N N   . GLY A 1 177 ? 0.312   6.347   11.103  1.00 28.87  ? 191 GLY A N   1 
ATOM   1321 C CA  . GLY A 1 177 ? -0.879  6.950   10.461  1.00 28.05  ? 191 GLY A CA  1 
ATOM   1322 C C   . GLY A 1 177 ? -1.712  5.994   9.609   1.00 27.21  ? 191 GLY A C   1 
ATOM   1323 O O   . GLY A 1 177 ? -1.821  4.790   9.930   1.00 25.24  ? 191 GLY A O   1 
ATOM   1324 N N   A MET A 1 178 ? -2.313  6.525   8.549   0.50 28.63  ? 192 MET A N   1 
ATOM   1325 N N   B MET A 1 178 ? -2.322  6.533   8.547   0.50 25.09  ? 192 MET A N   1 
ATOM   1326 C CA  A MET A 1 178 ? -3.187  5.727   7.687   0.50 31.60  ? 192 MET A CA  1 
ATOM   1327 C CA  B MET A 1 178 ? -3.181  5.753   7.626   0.50 25.71  ? 192 MET A CA  1 
ATOM   1328 C C   A MET A 1 178 ? -2.429  4.564   7.042   0.50 27.90  ? 192 MET A C   1 
ATOM   1329 C C   B MET A 1 178 ? -2.423  4.560   7.059   0.50 24.81  ? 192 MET A C   1 
ATOM   1330 O O   A MET A 1 178 ? -2.991  3.483   6.848   0.50 25.11  ? 192 MET A O   1 
ATOM   1331 O O   B MET A 1 178 ? -2.976  3.466   6.923   0.50 22.83  ? 192 MET A O   1 
ATOM   1332 C CB  A MET A 1 178 ? -3.817  6.615   6.617   0.50 36.67  ? 192 MET A CB  1 
ATOM   1333 C CB  B MET A 1 178 ? -3.647  6.624   6.452   0.50 25.39  ? 192 MET A CB  1 
ATOM   1334 C CG  A MET A 1 178 ? -4.760  7.661   7.208   0.50 43.33  ? 192 MET A CG  1 
ATOM   1335 C CG  B MET A 1 178 ? -4.606  5.969   5.447   0.50 25.74  ? 192 MET A CG  1 
ATOM   1336 S SD  A MET A 1 178 ? -5.532  8.802   6.031   0.50 51.01  ? 192 MET A SD  1 
ATOM   1337 S SD  B MET A 1 178 ? -4.955  7.045   4.011   0.50 26.48  ? 192 MET A SD  1 
ATOM   1338 C CE  A MET A 1 178 ? -4.120  9.689   5.353   0.50 48.45  ? 192 MET A CE  1 
ATOM   1339 C CE  B MET A 1 178 ? -5.306  8.520   4.941   0.50 30.13  ? 192 MET A CE  1 
ATOM   1340 N N   . THR A 1 179 ? -1.159  4.799   6.721   1.00 25.45  ? 193 THR A N   1 
ATOM   1341 C CA  . THR A 1 179 ? -0.273  3.741   6.165   1.00 25.36  ? 193 THR A CA  1 
ATOM   1342 C C   . THR A 1 179 ? -0.179  2.559   7.108   1.00 23.60  ? 193 THR A C   1 
ATOM   1343 O O   . THR A 1 179 ? -0.415  1.412   6.693   1.00 22.17  ? 193 THR A O   1 
ATOM   1344 C CB  . THR A 1 179 ? 1.123   4.301   5.830   1.00 25.61  ? 193 THR A CB  1 
ATOM   1345 O OG1 . THR A 1 179 ? 0.967   5.370   4.893   1.00 24.94  ? 193 THR A OG1 1 
ATOM   1346 C CG2 . THR A 1 179 ? 2.016   3.188   5.173   1.00 24.93  ? 193 THR A CG2 1 
ATOM   1347 N N   . ALA A 1 180 ? 0.131   2.809   8.379   1.00 21.82  ? 194 ALA A N   1 
ATOM   1348 C CA  . ALA A 1 180 ? 0.195   1.721   9.379   1.00 22.74  ? 194 ALA A CA  1 
ATOM   1349 C C   . ALA A 1 180 ? -1.144  1.024   9.599   1.00 24.13  ? 194 ALA A C   1 
ATOM   1350 O O   . ALA A 1 180 ? -1.203  -0.234  9.701   1.00 22.52  ? 194 ALA A O   1 
ATOM   1351 C CB  . ALA A 1 180 ? 0.761   2.204   10.723  1.00 23.59  ? 194 ALA A CB  1 
ATOM   1352 N N   . ASN A 1 181 ? -2.226  1.817   9.650   1.00 24.32  ? 195 ASN A N   1 
ATOM   1353 C CA  . ASN A 1 181 ? -3.584  1.259   9.819   1.00 24.27  ? 195 ASN A CA  1 
ATOM   1354 C C   . ASN A 1 181 ? -3.972  0.316   8.675   1.00 21.43  ? 195 ASN A C   1 
ATOM   1355 O O   . ASN A 1 181 ? -4.512  -0.783  8.928   1.00 21.22  ? 195 ASN A O   1 
ATOM   1356 C CB  . ASN A 1 181 ? -4.650  2.378   10.047  1.00 26.01  ? 195 ASN A CB  1 
ATOM   1357 C CG  . ASN A 1 181 ? -4.563  2.959   11.464  1.00 30.20  ? 195 ASN A CG  1 
ATOM   1358 O OD1 . ASN A 1 181 ? -5.299  2.532   12.383  1.00 40.00  ? 195 ASN A OD1 1 
ATOM   1359 N ND2 . ASN A 1 181 ? -3.621  3.835   11.681  1.00 34.04  ? 195 ASN A ND2 1 
ATOM   1360 N N   . LEU A 1 182 ? -3.691  0.713   7.444   1.00 20.73  ? 196 LEU A N   1 
ATOM   1361 C CA  . LEU A 1 182 ? -4.004  -0.132  6.279   1.00 21.43  ? 196 LEU A CA  1 
ATOM   1362 C C   . LEU A 1 182 ? -3.179  -1.432  6.235   1.00 21.16  ? 196 LEU A C   1 
ATOM   1363 O O   . LEU A 1 182 ? -3.697  -2.527  5.847   1.00 20.83  ? 196 LEU A O   1 
ATOM   1364 C CB  . LEU A 1 182 ? -3.878  0.648   4.956   1.00 22.60  ? 196 LEU A CB  1 
ATOM   1365 C CG  . LEU A 1 182 ? -4.957  1.706   4.680   1.00 23.68  ? 196 LEU A CG  1 
ATOM   1366 C CD1 . LEU A 1 182 ? -4.587  2.618   3.511   1.00 24.54  ? 196 LEU A CD1 1 
ATOM   1367 C CD2 . LEU A 1 182 ? -6.316  1.072   4.459   1.00 24.83  ? 196 LEU A CD2 1 
ATOM   1368 N N   . ALA A 1 183 ? -1.911  -1.319  6.622   1.00 22.11  ? 197 ALA A N   1 
ATOM   1369 C CA  . ALA A 1 183 ? -1.022  -2.520  6.686   1.00 22.53  ? 197 ALA A CA  1 
ATOM   1370 C C   . ALA A 1 183 ? -1.562  -3.561  7.661   1.00 20.83  ? 197 ALA A C   1 
ATOM   1371 O O   . ALA A 1 183 ? -1.612  -4.766  7.346   1.00 22.28  ? 197 ALA A O   1 
ATOM   1372 C CB  . ALA A 1 183 ? 0.384   -2.107  7.067   1.00 23.23  ? 197 ALA A CB  1 
ATOM   1373 N N   . VAL A 1 184 ? -2.000  -3.098  8.845   1.00 21.34  ? 198 VAL A N   1 
ATOM   1374 C CA  . VAL A 1 184 ? -2.589  -3.998  9.850   1.00 22.11  ? 198 VAL A CA  1 
ATOM   1375 C C   . VAL A 1 184 ? -3.844  -4.643  9.305   1.00 21.84  ? 198 VAL A C   1 
ATOM   1376 O O   . VAL A 1 184 ? -4.046  -5.844  9.451   1.00 20.45  ? 198 VAL A O   1 
ATOM   1377 C CB  . VAL A 1 184 ? -2.877  -3.272  11.187  1.00 22.57  ? 198 VAL A CB  1 
ATOM   1378 C CG1 . VAL A 1 184 ? -3.744  -4.129  12.105  1.00 24.07  ? 198 VAL A CG1 1 
ATOM   1379 C CG2 . VAL A 1 184 ? -1.579  -2.897  11.855  1.00 23.37  ? 198 VAL A CG2 1 
ATOM   1380 N N   . LEU A 1 185 ? -4.707  -3.858  8.659   1.00 22.53  ? 199 LEU A N   1 
ATOM   1381 C CA  . LEU A 1 185 ? -5.938  -4.412  8.086   1.00 20.09  ? 199 LEU A CA  1 
ATOM   1382 C C   . LEU A 1 185 ? -5.685  -5.567  7.084   1.00 20.75  ? 199 LEU A C   1 
ATOM   1383 O O   . LEU A 1 185 ? -6.313  -6.632  7.162   1.00 20.45  ? 199 LEU A O   1 
ATOM   1384 C CB  . LEU A 1 185 ? -6.732  -3.302  7.361   1.00 21.71  ? 199 LEU A CB  1 
ATOM   1385 C CG  . LEU A 1 185 ? -8.001  -3.736  6.603   1.00 22.47  ? 199 LEU A CG  1 
ATOM   1386 C CD1 . LEU A 1 185 ? -9.032  -4.381  7.515   1.00 23.82  ? 199 LEU A CD1 1 
ATOM   1387 C CD2 . LEU A 1 185 ? -8.567  -2.528  5.899   1.00 25.16  ? 199 LEU A CD2 1 
ATOM   1388 N N   . VAL A 1 186 ? -4.771  -5.348  6.146   1.00 20.47  ? 200 VAL A N   1 
ATOM   1389 C CA  . VAL A 1 186 ? -4.418  -6.355  5.149   1.00 21.24  ? 200 VAL A CA  1 
ATOM   1390 C C   . VAL A 1 186 ? -3.841  -7.631  5.804   1.00 20.65  ? 200 VAL A C   1 
ATOM   1391 O O   . VAL A 1 186 ? -4.219  -8.741  5.432   1.00 21.46  ? 200 VAL A O   1 
ATOM   1392 C CB  . VAL A 1 186 ? -3.452  -5.761  4.078   1.00 23.25  ? 200 VAL A CB  1 
ATOM   1393 C CG1 . VAL A 1 186 ? -2.959  -6.864  3.159   1.00 25.29  ? 200 VAL A CG1 1 
ATOM   1394 C CG2 . VAL A 1 186 ? -4.217  -4.745  3.251   1.00 25.19  ? 200 VAL A CG2 1 
ATOM   1395 N N   . ALA A 1 187 ? -2.976  -7.457  6.806   1.00 21.33  ? 201 ALA A N   1 
ATOM   1396 C CA  . ALA A 1 187 ? -2.441  -8.592  7.557   1.00 22.97  ? 201 ALA A CA  1 
ATOM   1397 C C   . ALA A 1 187 ? -3.553  -9.427  8.245   1.00 23.22  ? 201 ALA A C   1 
ATOM   1398 O O   . ALA A 1 187 ? -3.533  -10.680 8.194   1.00 21.69  ? 201 ALA A O   1 
ATOM   1399 C CB  . ALA A 1 187 ? -1.417  -8.110  8.555   1.00 22.70  ? 201 ALA A CB  1 
ATOM   1400 N N   . PHE A 1 188 ? -4.485  -8.747  8.923   1.00 22.61  ? 202 PHE A N   1 
ATOM   1401 C CA  . PHE A 1 188 ? -5.621  -9.449  9.555   1.00 22.74  ? 202 PHE A CA  1 
ATOM   1402 C C   . PHE A 1 188 ? -6.440  -10.226 8.519   1.00 22.41  ? 202 PHE A C   1 
ATOM   1403 O O   . PHE A 1 188 ? -6.757  -11.393 8.722   1.00 21.34  ? 202 PHE A O   1 
ATOM   1404 C CB  . PHE A 1 188 ? -6.585  -8.486  10.315  1.00 24.05  ? 202 PHE A CB  1 
ATOM   1405 C CG  . PHE A 1 188 ? -6.079  -7.903  11.623  1.00 24.82  ? 202 PHE A CG  1 
ATOM   1406 C CD1 . PHE A 1 188 ? -4.975  -8.376  12.304  1.00 25.46  ? 202 PHE A CD1 1 
ATOM   1407 C CD2 . PHE A 1 188 ? -6.817  -6.871  12.220  1.00 27.65  ? 202 PHE A CD2 1 
ATOM   1408 C CE1 . PHE A 1 188 ? -4.567  -7.817  13.511  1.00 28.12  ? 202 PHE A CE1 1 
ATOM   1409 C CE2 . PHE A 1 188 ? -6.435  -6.324  13.445  1.00 29.08  ? 202 PHE A CE2 1 
ATOM   1410 C CZ  . PHE A 1 188 ? -5.296  -6.794  14.095  1.00 29.05  ? 202 PHE A CZ  1 
ATOM   1411 N N   . ILE A 1 189 ? -6.778  -9.589  7.388   1.00 20.46  ? 203 ILE A N   1 
ATOM   1412 C CA  . ILE A 1 189 ? -7.586  -10.232 6.365   1.00 20.28  ? 203 ILE A CA  1 
ATOM   1413 C C   . ILE A 1 189 ? -6.963  -11.530 5.839   1.00 20.73  ? 203 ILE A C   1 
ATOM   1414 O O   . ILE A 1 189 ? -7.639  -12.554 5.727   1.00 20.41  ? 203 ILE A O   1 
ATOM   1415 C CB  . ILE A 1 189 ? -7.861  -9.268  5.171   1.00 20.67  ? 203 ILE A CB  1 
ATOM   1416 C CG1 . ILE A 1 189 ? -8.829  -8.159  5.624   1.00 22.58  ? 203 ILE A CG1 1 
ATOM   1417 C CG2 . ILE A 1 189 ? -8.458  -10.013 3.974   1.00 20.72  ? 203 ILE A CG2 1 
ATOM   1418 C CD1 . ILE A 1 189 ? -9.018  -7.032  4.621   1.00 23.31  ? 203 ILE A CD1 1 
ATOM   1419 N N   . ILE A 1 190 ? -5.675  -11.453 5.501   1.00 20.58  ? 204 ILE A N   1 
ATOM   1420 C CA  . ILE A 1 190 ? -4.962  -12.558 4.840   1.00 21.99  ? 204 ILE A CA  1 
ATOM   1421 C C   . ILE A 1 190 ? -4.461  -13.645 5.816   1.00 21.40  ? 204 ILE A C   1 
ATOM   1422 O O   . ILE A 1 190 ? -4.504  -14.829 5.468   1.00 22.51  ? 204 ILE A O   1 
ATOM   1423 C CB  . ILE A 1 190 ? -3.776  -11.996 3.992   1.00 22.53  ? 204 ILE A CB  1 
ATOM   1424 C CG1 . ILE A 1 190 ? -4.356  -11.124 2.861   1.00 22.42  ? 204 ILE A CG1 1 
ATOM   1425 C CG2 . ILE A 1 190 ? -2.867  -13.129 3.479   1.00 23.56  ? 204 ILE A CG2 1 
ATOM   1426 C CD1 . ILE A 1 190 ? -3.322  -10.451 1.994   1.00 24.14  ? 204 ILE A CD1 1 
ATOM   1427 N N   . LEU A 1 191 ? -4.031  -13.254 7.009   1.00 21.88  ? 205 LEU A N   1 
ATOM   1428 C CA  . LEU A 1 191 ? -3.338  -14.170 7.916   1.00 23.51  ? 205 LEU A CA  1 
ATOM   1429 C C   . LEU A 1 191 ? -4.152  -14.697 9.114   1.00 27.43  ? 205 LEU A C   1 
ATOM   1430 O O   . LEU A 1 191 ? -3.712  -15.644 9.787   1.00 25.39  ? 205 LEU A O   1 
ATOM   1431 C CB  . LEU A 1 191 ? -2.050  -13.545 8.408   1.00 23.04  ? 205 LEU A CB  1 
ATOM   1432 C CG  . LEU A 1 191 ? -1.063  -13.131 7.297   1.00 24.08  ? 205 LEU A CG  1 
ATOM   1433 C CD1 . LEU A 1 191 ? 0.120   -12.400 7.927   1.00 23.84  ? 205 LEU A CD1 1 
ATOM   1434 C CD2 . LEU A 1 191 ? -0.575  -14.333 6.515   1.00 25.87  ? 205 LEU A CD2 1 
ATOM   1435 N N   . GLU A 1 192 ? -5.301  -14.090 9.429   1.00 25.90  ? 206 GLU A N   1 
ATOM   1436 C CA  . GLU A 1 192 ? -6.076  -14.620 10.568  1.00 29.81  ? 206 GLU A CA  1 
ATOM   1437 C C   . GLU A 1 192 ? -6.556  -16.062 10.330  1.00 29.35  ? 206 GLU A C   1 
ATOM   1438 O O   . GLU A 1 192 ? -6.902  -16.467 9.208   1.00 30.02  ? 206 GLU A O   1 
ATOM   1439 C CB  . GLU A 1 192 ? -7.280  -13.727 10.895  1.00 31.10  ? 206 GLU A CB  1 
ATOM   1440 C CG  . GLU A 1 192 ? -8.384  -13.838 9.880   1.00 32.34  ? 206 GLU A CG  1 
ATOM   1441 C CD  . GLU A 1 192 ? -9.658  -13.063 10.244  1.00 39.22  ? 206 GLU A CD  1 
ATOM   1442 O OE1 . GLU A 1 192 ? -9.824  -12.652 11.422  1.00 39.27  ? 206 GLU A OE1 1 
ATOM   1443 O OE2 . GLU A 1 192 ? -10.487 -12.915 9.323   1.00 42.08  ? 206 GLU A OE2 1 
ATOM   1444 N N   . LYS A 1 193 ? -6.616  -16.819 11.422  1.00 34.76  ? 207 LYS A N   1 
ATOM   1445 C CA  . LYS A 1 193 ? -7.221  -18.150 11.428  1.00 37.04  ? 207 LYS A CA  1 
ATOM   1446 C C   . LYS A 1 193 ? -6.672  -19.045 10.343  1.00 37.48  ? 207 LYS A C   1 
ATOM   1447 O O   . LYS A 1 193 ? -7.407  -19.436 9.449   1.00 39.40  ? 207 LYS A O   1 
ATOM   1448 C CB  . LYS A 1 193 ? -8.746  -18.050 11.337  1.00 44.26  ? 207 LYS A CB  1 
ATOM   1449 C CG  . LYS A 1 193 ? -9.417  -17.234 12.444  1.00 48.29  ? 207 LYS A CG  1 
ATOM   1450 C CD  . LYS A 1 193 ? -10.934 -17.196 12.189  1.00 55.53  ? 207 LYS A CD  1 
ATOM   1451 C CE  . LYS A 1 193 ? -11.611 -15.908 12.659  1.00 60.69  ? 207 LYS A CE  1 
ATOM   1452 N NZ  . LYS A 1 193 ? -12.898 -15.673 11.925  1.00 64.98  ? 207 LYS A NZ  1 
ATOM   1453 N N   . LYS A 1 194 ? -5.368  -19.333 10.411  1.00 40.23  ? 208 LYS A N   1 
ATOM   1454 C CA  . LYS A 1 194 ? -4.674  -20.194 9.428   1.00 49.34  ? 208 LYS A CA  1 
ATOM   1455 C C   . LYS A 1 194 ? -4.000  -21.377 10.131  1.00 47.71  ? 208 LYS A C   1 
ATOM   1456 O O   . LYS A 1 194 ? -3.238  -21.155 11.084  1.00 41.94  ? 208 LYS A O   1 
ATOM   1457 C CB  . LYS A 1 194 ? -3.573  -19.417 8.686   1.00 55.71  ? 208 LYS A CB  1 
ATOM   1458 C CG  . LYS A 1 194 ? -4.070  -18.307 7.764   1.00 66.10  ? 208 LYS A CG  1 
ATOM   1459 C CD  . LYS A 1 194 ? -4.454  -18.807 6.374   1.00 70.14  ? 208 LYS A CD  1 
ATOM   1460 C CE  . LYS A 1 194 ? -3.284  -18.738 5.399   1.00 73.33  ? 208 LYS A CE  1 
ATOM   1461 N NZ  . LYS A 1 194 ? -3.681  -19.091 4.012   1.00 76.41  ? 208 LYS A NZ  1 
ATOM   1462 N N   . PRO A 1 195 ? -4.231  -22.622 9.642   1.00 55.32  ? 209 PRO A N   1 
ATOM   1463 C CA  . PRO A 1 195 ? -3.397  -23.770 10.101  1.00 59.18  ? 209 PRO A CA  1 
ATOM   1464 C C   . PRO A 1 195 ? -1.895  -23.570 9.763   1.00 62.21  ? 209 PRO A C   1 
ATOM   1465 O O   . PRO A 1 195 ? -1.589  -22.909 8.767   1.00 67.74  ? 209 PRO A O   1 
ATOM   1466 C CB  . PRO A 1 195 ? -3.987  -24.976 9.335   1.00 59.52  ? 209 PRO A CB  1 
ATOM   1467 C CG  . PRO A 1 195 ? -5.306  -24.522 8.773   1.00 59.51  ? 209 PRO A CG  1 
ATOM   1468 C CD  . PRO A 1 195 ? -5.217  -23.029 8.612   1.00 57.08  ? 209 PRO A CD  1 
ATOM   1469 N N   . THR A 1 196 ? -0.980  -24.128 10.561  1.00 63.97  ? 210 THR A N   1 
ATOM   1470 C CA  . THR A 1 196 ? 0.477   -23.849 10.414  1.00 66.00  ? 210 THR A CA  1 
ATOM   1471 C C   . THR A 1 196 ? 1.270   -24.821 9.503   1.00 67.35  ? 210 THR A C   1 
ATOM   1472 O O   . THR A 1 196 ? 0.721   -25.756 8.918   1.00 68.96  ? 210 THR A O   1 
ATOM   1473 C CB  . THR A 1 196 ? 1.168   -23.793 11.798  1.00 65.92  ? 210 THR A CB  1 
ATOM   1474 O OG1 . THR A 1 196 ? 0.981   -25.038 12.488  1.00 63.21  ? 210 THR A OG1 1 
ATOM   1475 C CG2 . THR A 1 196 ? 0.586   -22.660 12.644  1.00 65.34  ? 210 THR A CG2 1 
HETATM 1476 C C   . ACT B 2 .   ? 11.294  6.774   7.734   1.00 52.64  ? 301 ACT A C   1 
HETATM 1477 O O   . ACT B 2 .   ? 11.667  6.391   6.612   1.00 57.84  ? 301 ACT A O   1 
HETATM 1478 O OXT . ACT B 2 .   ? 11.645  6.142   8.745   1.00 47.25  ? 301 ACT A OXT 1 
HETATM 1479 C CH3 . ACT B 2 .   ? 10.408  7.992   7.855   1.00 51.57  ? 301 ACT A CH3 1 
HETATM 1480 C C   . ACT C 2 .   ? -2.672  -8.892  -14.533 1.00 77.35  ? 302 ACT A C   1 
HETATM 1481 O O   . ACT C 2 .   ? -2.824  -7.725  -14.955 1.00 76.95  ? 302 ACT A O   1 
HETATM 1482 O OXT . ACT C 2 .   ? -1.540  -9.311  -14.185 1.00 79.57  ? 302 ACT A OXT 1 
HETATM 1483 C CH3 . ACT C 2 .   ? -3.867  -9.803  -14.442 1.00 72.16  ? 302 ACT A CH3 1 
HETATM 1484 S S   . DMS D 3 .   ? 10.588  -3.414  -14.099 1.00 69.58  ? 303 DMS A S   1 
HETATM 1485 O O   . DMS D 3 .   ? 10.408  -4.726  -13.372 1.00 40.03  ? 303 DMS A O   1 
HETATM 1486 C C1  . DMS D 3 .   ? 9.360   -3.140  -15.271 1.00 62.11  ? 303 DMS A C1  1 
HETATM 1487 C C2  . DMS D 3 .   ? 10.285  -2.015  -13.146 1.00 60.89  ? 303 DMS A C2  1 
HETATM 1488 S S   . DMS E 3 .   ? 3.391   -14.262 -11.256 1.00 71.52  ? 304 DMS A S   1 
HETATM 1489 O O   . DMS E 3 .   ? 4.422   -13.796 -10.266 1.00 42.67  ? 304 DMS A O   1 
HETATM 1490 C C1  . DMS E 3 .   ? 3.997   -15.498 -12.277 1.00 59.56  ? 304 DMS A C1  1 
HETATM 1491 C C2  . DMS E 3 .   ? 2.138   -15.147 -10.490 1.00 69.68  ? 304 DMS A C2  1 
HETATM 1492 N N1  . H2G F 4 .   ? 0.468   8.562   2.653   0.50 30.10  ? 305 H2G A N1  1 
HETATM 1493 C C4  . H2G F 4 .   ? 0.114   10.050  2.409   0.50 33.33  ? 305 H2G A C4  1 
HETATM 1494 C C5  . H2G F 4 .   ? -0.751  10.064  1.239   0.50 35.19  ? 305 H2G A C5  1 
HETATM 1495 C C6  . H2G F 4 .   ? -1.713  9.777   -0.982  0.50 35.59  ? 305 H2G A C6  1 
HETATM 1496 C C7  . H2G F 4 .   ? -2.587  10.425  -0.150  0.50 34.91  ? 305 H2G A C7  1 
HETATM 1497 C C8  . H2G F 4 .   ? -2.022  10.600  1.159   0.50 36.47  ? 305 H2G A C8  1 
HETATM 1498 C C1  . H2G F 4 .   ? -2.364  5.898   2.768   0.50 24.22  ? 305 H2G A C1  1 
HETATM 1499 C C2  . H2G F 4 .   ? -1.018  6.410   2.190   0.50 24.99  ? 305 H2G A C2  1 
HETATM 1500 C C3  . H2G F 4 .   ? -0.717  7.691   3.092   0.50 27.89  ? 305 H2G A C3  1 
HETATM 1501 O O1  . H2G F 4 .   ? -0.002  5.414   2.246   0.50 20.18  ? 305 H2G A O1  1 
HETATM 1502 S S1  . H2G F 4 .   ? -0.246  9.375   -0.217  0.50 39.72  ? 305 H2G A S1  1 
HETATM 1503 C C9  . H2G F 4 .   ? -1.917  9.460   -2.373  0.50 32.24  ? 305 H2G A C9  1 
HETATM 1504 O O   . HOH G 5 .   ? -20.616 6.053   -4.838  1.00 32.32  ? 401 HOH A O   1 
HETATM 1505 O O   . HOH G 5 .   ? 11.199  4.550   -12.305 1.00 52.52  ? 402 HOH A O   1 
HETATM 1506 O O   . HOH G 5 .   ? -0.489  -19.862 -6.711  1.00 54.39  ? 403 HOH A O   1 
HETATM 1507 O O   . HOH G 5 .   ? 3.809   -13.561 -15.022 1.00 44.73  ? 404 HOH A O   1 
HETATM 1508 O O   . HOH G 5 .   ? -10.458 17.739  -6.801  1.00 47.15  ? 405 HOH A O   1 
HETATM 1509 O O   . HOH G 5 .   ? 13.554  14.406  -5.148  1.00 53.68  ? 406 HOH A O   1 
HETATM 1510 O O   . HOH G 5 .   ? -16.582 13.346  4.269   1.00 29.56  ? 407 HOH A O   1 
HETATM 1511 O O   . HOH G 5 .   ? 15.529  5.030   3.528   1.00 55.43  ? 408 HOH A O   1 
HETATM 1512 O O   . HOH G 5 .   ? -13.570 -15.214 -1.948  1.00 40.46  ? 409 HOH A O   1 
HETATM 1513 O O   . HOH G 5 .   ? 0.121   6.266   13.996  1.00 40.69  ? 410 HOH A O   1 
HETATM 1514 O O   . HOH G 5 .   ? -21.007 13.003  -7.645  1.00 54.33  ? 411 HOH A O   1 
HETATM 1515 O O   . HOH G 5 .   ? -9.184  -13.109 13.921  1.00 48.14  ? 412 HOH A O   1 
HETATM 1516 O O   . HOH G 5 .   ? 16.659  -1.154  3.588   1.00 50.03  ? 413 HOH A O   1 
HETATM 1517 O O   . HOH G 5 .   ? 20.116  -1.550  13.148  1.00 48.19  ? 414 HOH A O   1 
HETATM 1518 O O   . HOH G 5 .   ? 7.004   -12.667 -15.188 1.00 33.27  ? 415 HOH A O   1 
HETATM 1519 O O   . HOH G 5 .   ? -1.859  -16.646 1.693   1.00 35.55  ? 416 HOH A O   1 
HETATM 1520 O O   . HOH G 5 .   ? -8.306  -17.325 -5.276  1.00 42.16  ? 417 HOH A O   1 
HETATM 1521 O O   . HOH G 5 .   ? -8.924  15.141  -9.437  1.00 49.31  ? 418 HOH A O   1 
HETATM 1522 O O   . HOH G 5 .   ? -13.568 3.635   -6.017  1.00 48.72  ? 419 HOH A O   1 
HETATM 1523 O O   . HOH G 5 .   ? -10.606 -1.138  -13.457 1.00 66.06  ? 420 HOH A O   1 
HETATM 1524 O O   . HOH G 5 .   ? 3.060   -8.795  19.931  1.00 55.76  ? 421 HOH A O   1 
HETATM 1525 O O   . HOH G 5 .   ? 4.040   6.497   7.595   1.00 25.13  ? 422 HOH A O   1 
HETATM 1526 O O   . HOH G 5 .   ? 14.725  11.564  -3.894  1.00 57.67  ? 423 HOH A O   1 
HETATM 1527 O O   . HOH G 5 .   ? 1.481   -21.955 -1.763  1.00 50.64  ? 424 HOH A O   1 
HETATM 1528 O O   . HOH G 5 .   ? -1.565  -19.478 2.400   1.00 60.12  ? 425 HOH A O   1 
HETATM 1529 O O   . HOH G 5 .   ? -16.084 2.471   -3.863  1.00 37.92  ? 426 HOH A O   1 
HETATM 1530 O O   . HOH G 5 .   ? 1.625   11.115  -4.890  1.00 48.99  ? 427 HOH A O   1 
HETATM 1531 O O   . HOH G 5 .   ? -10.253 -12.997 6.630   1.00 28.51  ? 428 HOH A O   1 
HETATM 1532 O O   . HOH G 5 .   ? -13.208 -3.687  -6.717  1.00 51.73  ? 429 HOH A O   1 
HETATM 1533 O O   . HOH G 5 .   ? -15.053 6.745   -10.091 1.00 63.23  ? 430 HOH A O   1 
HETATM 1534 O O   . HOH G 5 .   ? -1.702  5.873   17.064  1.00 56.74  ? 431 HOH A O   1 
HETATM 1535 O O   . HOH G 5 .   ? -2.074  12.902  -10.448 1.00 41.90  ? 432 HOH A O   1 
HETATM 1536 O O   . HOH G 5 .   ? -1.362  -12.354 -10.562 1.00 41.59  ? 433 HOH A O   1 
HETATM 1537 O O   . HOH G 5 .   ? 3.855   10.384  -8.454  1.00 67.73  ? 434 HOH A O   1 
HETATM 1538 O O   . HOH G 5 .   ? 0.499   -19.638 -4.420  1.00 42.40  ? 435 HOH A O   1 
HETATM 1539 O O   . HOH G 5 .   ? 4.106   -12.139 13.340  1.00 37.61  ? 436 HOH A O   1 
HETATM 1540 O O   . HOH G 5 .   ? -4.446  -16.392 3.229   1.00 35.83  ? 437 HOH A O   1 
HETATM 1541 O O   . HOH G 5 .   ? 9.029   0.584   -15.840 1.00 48.92  ? 438 HOH A O   1 
HETATM 1542 O O   . HOH G 5 .   ? -6.969  0.467   13.037  1.00 29.53  ? 439 HOH A O   1 
HETATM 1543 O O   . HOH G 5 .   ? 12.570  -2.454  14.777  1.00 58.07  ? 440 HOH A O   1 
HETATM 1544 O O   . HOH G 5 .   ? -15.268 14.359  -7.352  1.00 32.78  ? 441 HOH A O   1 
HETATM 1545 O O   . HOH G 5 .   ? -4.908  6.266   -16.198 1.00 32.44  ? 442 HOH A O   1 
HETATM 1546 O O   . HOH G 5 .   ? -1.697  11.878  -16.734 1.00 32.75  ? 443 HOH A O   1 
HETATM 1547 O O   . HOH G 5 .   ? 8.975   19.387  -6.110  1.00 83.86  ? 444 HOH A O   1 
HETATM 1548 O O   . HOH G 5 .   ? 11.520  -11.199 4.559   1.00 57.88  ? 445 HOH A O   1 
HETATM 1549 O O   . HOH G 5 .   ? 3.380   -6.093  19.097  1.00 50.21  ? 446 HOH A O   1 
HETATM 1550 O O   . HOH G 5 .   ? 0.265   7.484   6.516   1.00 33.64  ? 447 HOH A O   1 
HETATM 1551 O O   . HOH G 5 .   ? -11.016 8.175   -4.299  1.00 25.11  ? 448 HOH A O   1 
HETATM 1552 O O   . HOH G 5 .   ? -3.721  7.750   -17.977 1.00 37.42  ? 449 HOH A O   1 
HETATM 1553 O O   . HOH G 5 .   ? 1.085   0.274   -12.493 1.00 35.14  ? 450 HOH A O   1 
HETATM 1554 O O   . HOH G 5 .   ? -18.203 -10.779 1.832   1.00 47.58  ? 451 HOH A O   1 
HETATM 1555 O O   . HOH G 5 .   ? -8.344  -18.389 1.325   1.00 50.04  ? 452 HOH A O   1 
HETATM 1556 O O   . HOH G 5 .   ? -1.418  -6.105  15.188  1.00 32.57  ? 453 HOH A O   1 
HETATM 1557 O O   . HOH G 5 .   ? 5.163   7.439   -3.154  1.00 36.63  ? 454 HOH A O   1 
HETATM 1558 O O   . HOH G 5 .   ? -14.552 0.788   -12.765 1.00 48.68  ? 455 HOH A O   1 
HETATM 1559 O O   . HOH G 5 .   ? -10.902 10.729  -14.218 1.00 30.69  ? 456 HOH A O   1 
HETATM 1560 O O   . HOH G 5 .   ? -23.473 3.364   -4.037  1.00 39.46  ? 457 HOH A O   1 
HETATM 1561 O O   . HOH G 5 .   ? -9.318  8.136   -6.469  1.00 26.95  ? 458 HOH A O   1 
HETATM 1562 O O   . HOH G 5 .   ? -3.696  3.827   -15.242 1.00 29.04  ? 459 HOH A O   1 
HETATM 1563 O O   . HOH G 5 .   ? 11.913  -9.247  8.889   1.00 38.40  ? 460 HOH A O   1 
HETATM 1564 O O   . HOH G 5 .   ? 13.079  -3.744  4.200   1.00 42.21  ? 461 HOH A O   1 
HETATM 1565 O O   . HOH G 5 .   ? 15.384  7.455   -5.365  1.00 42.30  ? 462 HOH A O   1 
HETATM 1566 O O   . HOH G 5 .   ? 7.292   -9.068  14.269  1.00 45.11  ? 463 HOH A O   1 
HETATM 1567 O O   . HOH G 5 .   ? 5.285   -11.807 -6.059  1.00 35.33  ? 464 HOH A O   1 
HETATM 1568 O O   . HOH G 5 .   ? -6.358  -18.570 3.344   1.00 54.41  ? 465 HOH A O   1 
HETATM 1569 O O   . HOH G 5 .   ? -3.307  -4.377  -14.337 1.00 38.06  ? 466 HOH A O   1 
HETATM 1570 O O   . HOH G 5 .   ? -20.192 -3.143  -0.011  1.00 58.72  ? 467 HOH A O   1 
HETATM 1571 O O   . HOH G 5 .   ? -17.122 -8.672  -1.244  1.00 55.09  ? 468 HOH A O   1 
HETATM 1572 O O   . HOH G 5 .   ? -18.587 18.487  -3.513  1.00 38.43  ? 469 HOH A O   1 
HETATM 1573 O O   . HOH G 5 .   ? -8.910  0.513   -14.659 1.00 40.61  ? 470 HOH A O   1 
HETATM 1574 O O   . HOH G 5 .   ? 11.734  -4.275  -6.152  1.00 51.99  ? 471 HOH A O   1 
HETATM 1575 O O   . HOH G 5 .   ? -3.369  -22.072 13.777  1.00 32.30  ? 472 HOH A O   1 
HETATM 1576 O O   . HOH G 5 .   ? 13.515  11.774  -11.889 1.00 55.23  ? 473 HOH A O   1 
HETATM 1577 O O   . HOH G 5 .   ? -10.858 -10.113 -7.779  1.00 48.99  ? 474 HOH A O   1 
HETATM 1578 O O   . HOH G 5 .   ? 9.019   -8.300  -7.107  1.00 49.97  ? 475 HOH A O   1 
HETATM 1579 O O   . HOH G 5 .   ? -0.908  -19.497 10.880  1.00 38.31  ? 476 HOH A O   1 
HETATM 1580 O O   . HOH G 5 .   ? 2.246   8.699   7.734   1.00 38.52  ? 477 HOH A O   1 
HETATM 1581 O O   . HOH G 5 .   ? -15.746 9.338   -4.398  1.00 28.21  ? 478 HOH A O   1 
HETATM 1582 O O   . HOH G 5 .   ? -1.382  -10.290 17.434  1.00 57.49  ? 479 HOH A O   1 
HETATM 1583 O O   . HOH G 5 .   ? -12.395 7.123   7.129   1.00 34.69  ? 480 HOH A O   1 
HETATM 1584 O O   . HOH G 5 .   ? 6.961   -13.457 7.377   1.00 32.25  ? 481 HOH A O   1 
HETATM 1585 O O   . HOH G 5 .   ? 2.350   6.395   -15.355 1.00 36.24  ? 482 HOH A O   1 
HETATM 1586 O O   . HOH G 5 .   ? 21.836  -1.031  2.389   1.00 39.08  ? 483 HOH A O   1 
HETATM 1587 O O   . HOH G 5 .   ? -5.376  -5.624  -12.625 1.00 36.18  ? 484 HOH A O   1 
HETATM 1588 O O   . HOH G 5 .   ? 0.565   -10.206 -10.862 1.00 35.88  ? 485 HOH A O   1 
HETATM 1589 O O   . HOH G 5 .   ? 5.884   9.902   -4.052  1.00 38.30  ? 486 HOH A O   1 
HETATM 1590 O O   . HOH G 5 .   ? 6.048   -3.099  20.893  1.00 45.18  ? 487 HOH A O   1 
HETATM 1591 O O   . HOH G 5 .   ? -1.204  -17.032 9.295   1.00 31.98  ? 488 HOH A O   1 
HETATM 1592 O O   . HOH G 5 .   ? 13.803  5.640   10.632  1.00 63.08  ? 489 HOH A O   1 
HETATM 1593 O O   . HOH G 5 .   ? -9.367  14.454  8.858   1.00 42.90  ? 490 HOH A O   1 
HETATM 1594 O O   . HOH G 5 .   ? -0.811  13.381  -6.805  1.00 35.11  ? 491 HOH A O   1 
HETATM 1595 O O   . HOH G 5 .   ? -10.686 14.888  -7.453  1.00 31.46  ? 492 HOH A O   1 
HETATM 1596 O O   . HOH G 5 .   ? 18.327  3.278   10.309  1.00 54.24  ? 493 HOH A O   1 
HETATM 1597 O O   . HOH G 5 .   ? -15.456 21.118  3.602   1.00 44.16  ? 494 HOH A O   1 
HETATM 1598 O O   . HOH G 5 .   ? -4.965  15.758  -10.957 1.00 50.38  ? 495 HOH A O   1 
HETATM 1599 O O   . HOH G 5 .   ? -2.612  5.530   13.894  1.00 43.24  ? 496 HOH A O   1 
HETATM 1600 O O   . HOH G 5 .   ? 7.535   -8.844  -15.006 1.00 37.79  ? 497 HOH A O   1 
HETATM 1601 O O   . HOH G 5 .   ? 16.740  4.536   -8.650  1.00 49.75  ? 498 HOH A O   1 
HETATM 1602 O O   . HOH G 5 .   ? 1.238   -10.054 -13.327 1.00 55.07  ? 499 HOH A O   1 
HETATM 1603 O O   . HOH G 5 .   ? 4.742   -12.542 6.078   1.00 24.65  ? 500 HOH A O   1 
HETATM 1604 O O   . HOH G 5 .   ? 1.716   -2.757  -18.910 1.00 59.53  ? 501 HOH A O   1 
HETATM 1605 O O   . HOH G 5 .   ? -13.903 4.356   -9.777  1.00 34.67  ? 502 HOH A O   1 
HETATM 1606 O O   . HOH G 5 .   ? -11.779 1.340   -9.905  1.00 31.40  ? 503 HOH A O   1 
HETATM 1607 O O   . HOH G 5 .   ? 12.101  -4.952  13.110  1.00 37.44  ? 504 HOH A O   1 
HETATM 1608 O O   . HOH G 5 .   ? -16.800 12.211  -8.092  1.00 51.40  ? 505 HOH A O   1 
HETATM 1609 O O   . HOH G 5 .   ? -16.764 19.247  2.154   1.00 36.86  ? 506 HOH A O   1 
HETATM 1610 O O   . HOH G 5 .   ? -2.153  9.572   8.364   1.00 38.50  ? 507 HOH A O   1 
HETATM 1611 O O   . HOH G 5 .   ? 9.091   5.671   -13.408 1.00 43.91  ? 508 HOH A O   1 
HETATM 1612 O O   . HOH G 5 .   ? -12.474 10.848  9.277   1.00 38.67  ? 509 HOH A O   1 
HETATM 1613 O O   . HOH G 5 .   ? -7.029  18.078  -3.122  1.00 50.74  ? 510 HOH A O   1 
HETATM 1614 O O   . HOH G 5 .   ? 13.322  -10.780 -13.597 1.00 72.10  ? 511 HOH A O   1 
HETATM 1615 O O   . HOH G 5 .   ? 2.486   -23.871 14.910  1.00 50.45  ? 512 HOH A O   1 
HETATM 1616 O O   . HOH G 5 .   ? -14.211 4.350   -3.439  1.00 48.49  ? 513 HOH A O   1 
HETATM 1617 O O   . HOH G 5 .   ? 13.570  -4.039  0.852   1.00 24.14  ? 514 HOH A O   1 
HETATM 1618 O O   . HOH G 5 .   ? 4.620   11.442  -5.607  1.00 52.65  ? 515 HOH A O   1 
HETATM 1619 O O   . HOH G 5 .   ? 14.334  13.287  -0.935  1.00 77.17  ? 516 HOH A O   1 
HETATM 1620 O O   . HOH G 5 .   ? 2.748   -14.852 4.456   1.00 27.94  ? 517 HOH A O   1 
HETATM 1621 O O   . HOH G 5 .   ? 12.207  -11.666 7.045   1.00 49.90  ? 518 HOH A O   1 
HETATM 1622 O O   . HOH G 5 .   ? -15.256 6.107   -13.018 1.00 47.41  ? 519 HOH A O   1 
HETATM 1623 O O   . HOH G 5 .   ? 1.216   1.681   -19.313 1.00 59.40  ? 520 HOH A O   1 
HETATM 1624 O O   . HOH G 5 .   ? 1.508   10.163  -13.865 1.00 48.59  ? 521 HOH A O   1 
HETATM 1625 O O   . HOH G 5 .   ? 12.728  -15.904 -12.449 1.00 59.70  ? 522 HOH A O   1 
HETATM 1626 O O   . HOH G 5 .   ? -12.722 -16.114 -4.503  1.00 54.35  ? 523 HOH A O   1 
HETATM 1627 O O   . HOH G 5 .   ? -9.522  7.891   7.423   1.00 92.08  ? 524 HOH A O   1 
HETATM 1628 O O   . HOH G 5 .   ? -14.859 -12.657 5.767   1.00 49.76  ? 525 HOH A O   1 
HETATM 1629 O O   . HOH G 5 .   ? -15.617 10.391  -9.478  1.00 61.41  ? 526 HOH A O   1 
HETATM 1630 O O   . HOH G 5 .   ? -12.480 12.235  -10.271 1.00 57.03  ? 527 HOH A O   1 
HETATM 1631 O O   . HOH G 5 .   ? -9.944  14.805  -12.616 1.00 46.35  ? 528 HOH A O   1 
HETATM 1632 O O   . HOH G 5 .   ? -1.111  9.723   5.355   1.00 57.73  ? 529 HOH A O   1 
HETATM 1633 O O   . HOH G 5 .   ? 4.998   6.413   -15.749 1.00 48.87  ? 530 HOH A O   1 
HETATM 1634 O O   . HOH G 5 .   ? 3.740   -2.314  -20.516 1.00 72.14  ? 531 HOH A O   1 
HETATM 1635 O O   . HOH G 5 .   ? -2.594  -8.526  16.288  1.00 58.94  ? 532 HOH A O   1 
HETATM 1636 O O   . HOH G 5 .   ? 11.789  -14.488 -9.292  1.00 44.17  ? 533 HOH A O   1 
HETATM 1637 O O   . HOH G 5 .   ? -2.812  -24.680 13.509  1.00 54.53  ? 534 HOH A O   1 
HETATM 1638 O O   . HOH G 5 .   ? 0.302   4.944   -17.251 1.00 63.58  ? 535 HOH A O   1 
HETATM 1639 O O   . HOH G 5 .   ? 22.397  -5.402  10.534  1.00 60.53  ? 536 HOH A O   1 
HETATM 1640 O O   . HOH G 5 .   ? 15.227  -2.276  -12.592 1.00 70.22  ? 537 HOH A O   1 
HETATM 1641 O O   . HOH G 5 .   ? 2.526   -10.066 -19.824 1.00 53.74  ? 538 HOH A O   1 
HETATM 1642 O O   . HOH G 5 .   ? -1.182  -25.733 15.343  1.00 47.07  ? 539 HOH A O   1 
HETATM 1643 O O   . HOH G 5 .   ? 1.097   -10.787 21.588  1.00 53.91  ? 540 HOH A O   1 
HETATM 1644 O O   . HOH G 5 .   ? -12.917 14.250  -8.739  1.00 52.74  ? 541 HOH A O   1 
HETATM 1645 O O   . HOH G 5 .   ? -11.295 -17.426 1.777   1.00 48.92  ? 542 HOH A O   1 
HETATM 1646 O O   . HOH G 5 .   ? 16.616  5.261   -4.736  1.00 39.50  ? 543 HOH A O   1 
HETATM 1647 O O   . HOH G 5 .   ? -13.715 1.633   -7.642  1.00 42.99  ? 544 HOH A O   1 
HETATM 1648 O O   . HOH G 5 .   ? -15.477 -13.495 -2.506  1.00 67.42  ? 545 HOH A O   1 
HETATM 1649 O O   . HOH G 5 .   ? -15.171 2.174   -9.979  1.00 59.51  ? 546 HOH A O   1 
HETATM 1650 O O   . HOH G 5 .   ? -1.076  15.597  -4.486  1.00 57.02  ? 547 HOH A O   1 
HETATM 1651 O O   . HOH G 5 .   ? 8.014   -11.532 9.969   1.00 45.57  ? 548 HOH A O   1 
HETATM 1652 O O   . HOH G 5 .   ? -2.329  9.911   12.787  1.00 60.46  ? 549 HOH A O   1 
HETATM 1653 O O   . HOH G 5 .   ? -10.969 -3.671  -7.862  1.00 45.99  ? 550 HOH A O   1 
HETATM 1654 O O   . HOH G 5 .   ? -7.192  18.635  -9.623  1.00 74.00  ? 551 HOH A O   1 
HETATM 1655 O O   . HOH G 5 .   ? 12.712  7.155   -12.929 1.00 57.45  ? 552 HOH A O   1 
HETATM 1656 O O   . HOH G 5 .   ? -0.697  -17.958 6.605   1.00 53.99  ? 553 HOH A O   1 
HETATM 1657 O O   . HOH G 5 .   ? 1.774   9.024   -16.103 1.00 42.62  ? 554 HOH A O   1 
HETATM 1658 O O   . HOH G 5 .   ? -16.132 19.038  -0.718  1.00 58.92  ? 555 HOH A O   1 
HETATM 1659 O O   . HOH G 5 .   ? -11.578 -1.477  -10.063 1.00 52.60  ? 556 HOH A O   1 
HETATM 1660 O O   . HOH G 5 .   ? 9.233   -9.546  10.343  1.00 38.50  ? 557 HOH A O   1 
HETATM 1661 O O   . HOH G 5 .   ? -13.652 8.479   9.506   1.00 73.18  ? 558 HOH A O   1 
HETATM 1662 O O   . HOH G 5 .   ? 2.843   -14.817 12.044  1.00 48.41  ? 559 HOH A O   1 
HETATM 1663 O O   . HOH G 5 .   ? 0.371   -16.595 3.394   1.00 47.60  ? 560 HOH A O   1 
HETATM 1664 O O   . HOH G 5 .   ? 5.968   -15.541 8.796   1.00 46.52  ? 561 HOH A O   1 
HETATM 1665 O O   . HOH G 5 .   ? 3.012   -15.596 7.592   1.00 38.23  ? 562 HOH A O   1 
HETATM 1666 O O   . HOH G 5 .   ? 9.475   -8.975  12.919  1.00 54.45  ? 563 HOH A O   1 
HETATM 1667 O O   . HOH G 5 .   ? 1.396   -15.422 9.829   1.00 34.00  ? 564 HOH A O   1 
HETATM 1668 O O   . HOH G 5 .   ? -7.229  -2.316  -12.793 1.00 52.69  ? 565 HOH A O   1 
HETATM 1669 O O   . HOH G 5 .   ? 5.315   -15.463 11.408  1.00 36.77  ? 566 HOH A O   1 
# 
loop_
_pdbx_poly_seq_scheme.asym_id 
_pdbx_poly_seq_scheme.entity_id 
_pdbx_poly_seq_scheme.seq_id 
_pdbx_poly_seq_scheme.mon_id 
_pdbx_poly_seq_scheme.ndb_seq_num 
_pdbx_poly_seq_scheme.pdb_seq_num 
_pdbx_poly_seq_scheme.auth_seq_num 
_pdbx_poly_seq_scheme.pdb_mon_id 
_pdbx_poly_seq_scheme.auth_mon_id 
_pdbx_poly_seq_scheme.pdb_strand_id 
_pdbx_poly_seq_scheme.pdb_ins_code 
_pdbx_poly_seq_scheme.hetero 
A 1 1   SER 1   15  15  SER SER A . n 
A 1 2   MET 2   16  16  MET MET A . n 
A 1 3   LEU 3   17  17  LEU LEU A . n 
A 1 4   ASP 4   18  18  ASP ASP A . n 
A 1 5   ASP 5   19  19  ASP ASP A . n 
A 1 6   ALA 6   20  20  ALA ALA A . n 
A 1 7   LYS 7   21  21  LYS LYS A . n 
A 1 8   ALA 8   22  22  ALA ALA A . n 
A 1 9   ARG 9   23  23  ARG ARG A . n 
A 1 10  LEU 10  24  24  LEU LEU A . n 
A 1 11  ARG 11  25  25  ARG ARG A . n 
A 1 12  LYS 12  26  26  LYS LYS A . n 
A 1 13  TYR 13  27  27  TYR TYR A . n 
A 1 14  ASP 14  28  28  ASP ASP A . n 
A 1 15  ILE 15  29  29  ILE ILE A . n 
A 1 16  GLY 16  30  30  GLY GLY A . n 
A 1 17  GLY 17  31  31  GLY GLY A . n 
A 1 18  LYS 18  32  32  LYS LYS A . n 
A 1 19  TYR 19  33  33  TYR TYR A . n 
A 1 20  SER 20  34  34  SER SER A . n 
A 1 21  HIS 21  35  35  HIS HIS A . n 
A 1 22  LEU 22  36  36  LEU LEU A . n 
A 1 23  PRO 23  37  37  PRO PRO A . n 
A 1 24  TYR 24  38  38  TYR TYR A . n 
A 1 25  ASN 25  39  39  ASN ASN A . n 
A 1 26  LYS 26  40  40  LYS LYS A . n 
A 1 27  TYR 27  41  41  TYR TYR A . n 
A 1 28  SER 28  42  42  SER SER A . n 
A 1 29  VAL 29  43  43  VAL VAL A . n 
A 1 30  LEU 30  44  44  LEU LEU A . n 
A 1 31  LEU 31  45  45  LEU LEU A . n 
A 1 32  PRO 32  46  46  PRO PRO A . n 
A 1 33  LEU 33  47  47  LEU LEU A . n 
A 1 34  VAL 34  48  48  VAL VAL A . n 
A 1 35  ALA 35  49  49  ALA ALA A . n 
A 1 36  LYS 36  50  50  LYS LYS A . n 
A 1 37  GLU 37  51  51  GLU GLU A . n 
A 1 38  GLY 38  52  52  GLY GLY A . n 
A 1 39  LYS 39  53  53  LYS LYS A . n 
A 1 40  LEU 40  54  54  LEU LEU A . n 
A 1 41  HIS 41  55  55  HIS HIS A . n 
A 1 42  LEU 42  56  56  LEU LEU A . n 
A 1 43  LEU 43  57  57  LEU LEU A . n 
A 1 44  PHE 44  58  58  PHE PHE A . n 
A 1 45  THR 45  59  59  THR THR A . n 
A 1 46  VAL 46  60  60  VAL VAL A . n 
A 1 47  ARG 47  61  61  ARG ARG A . n 
A 1 48  SER 48  62  62  SER SER A . n 
A 1 49  GLU 49  63  63  GLU GLU A . n 
A 1 50  LYS 50  64  64  LYS LYS A . n 
A 1 51  LEU 51  65  65  LEU LEU A . n 
A 1 52  ARG 52  66  66  ARG ARG A . n 
A 1 53  ARG 53  67  67  ARG ARG A . n 
A 1 54  ALA 54  68  68  ALA ALA A . n 
A 1 55  PRO 55  69  69  PRO PRO A . n 
A 1 56  GLY 56  70  70  GLY GLY A . n 
A 1 57  GLU 57  71  71  GLU GLU A . n 
A 1 58  VAL 58  72  72  VAL VAL A . n 
A 1 59  CYS 59  73  73  CYS CYS A . n 
A 1 60  PHE 60  74  74  PHE PHE A . n 
A 1 61  PRO 61  75  75  PRO PRO A . n 
A 1 62  GLY 62  76  76  GLY GLY A . n 
A 1 63  GLY 63  77  77  GLY GLY A . n 
A 1 64  LYS 64  78  78  LYS LYS A . n 
A 1 65  ARG 65  79  79  ARG ARG A . n 
A 1 66  ASP 66  80  80  ASP ASP A . n 
A 1 67  PRO 67  81  81  PRO PRO A . n 
A 1 68  THR 68  82  82  THR THR A . n 
A 1 69  ASP 69  83  83  ASP ASP A . n 
A 1 70  MET 70  84  84  MET MET A . n 
A 1 71  ASP 71  85  85  ASP ASP A . n 
A 1 72  ASP 72  86  86  ASP ASP A . n 
A 1 73  ALA 73  87  87  ALA ALA A . n 
A 1 74  ALA 74  88  88  ALA ALA A . n 
A 1 75  THR 75  89  89  THR THR A . n 
A 1 76  ALA 76  90  90  ALA ALA A . n 
A 1 77  LEU 77  91  91  LEU LEU A . n 
A 1 78  ARG 78  92  92  ARG ARG A . n 
A 1 79  GLU 79  93  93  GLU GLU A . n 
A 1 80  ALA 80  94  94  ALA ALA A . n 
A 1 81  GLN 81  95  95  GLN GLN A . n 
A 1 82  GLU 82  96  96  GLU GLU A . n 
A 1 83  GLU 83  97  97  GLU GLU A . n 
A 1 84  VAL 84  98  98  VAL VAL A . n 
A 1 85  GLY 85  99  99  GLY GLY A . n 
A 1 86  LEU 86  100 100 LEU LEU A . n 
A 1 87  ARG 87  101 101 ARG ARG A . n 
A 1 88  HYP 88  102 102 HYP HYP A . n 
A 1 89  HIS 89  103 103 HIS HIS A . n 
A 1 90  GLN 90  104 104 GLN GLN A . n 
A 1 91  VAL 91  105 105 VAL VAL A . n 
A 1 92  GLU 92  106 106 GLU GLU A . n 
A 1 93  VAL 93  107 107 VAL VAL A . n 
A 1 94  VAL 94  108 108 VAL VAL A . n 
A 1 95  CSO 95  109 109 CSO CSO A . n 
A 1 96  CYS 96  110 110 CYS CYS A . n 
A 1 97  LEU 97  111 111 LEU LEU A . n 
A 1 98  VAL 98  112 112 VAL VAL A . n 
A 1 99  PRO 99  113 113 PRO PRO A . n 
A 1 100 CYS 100 114 114 CYS CYS A . n 
A 1 101 LEU 101 115 115 LEU LEU A . n 
A 1 102 ILE 102 116 116 ILE ILE A . n 
A 1 103 ASP 103 117 117 ASP ASP A . n 
A 1 104 THR 104 118 118 THR THR A . n 
A 1 105 ASP 105 119 119 ASP ASP A . n 
A 1 106 THR 106 120 120 THR THR A . n 
A 1 107 LEU 107 121 121 LEU LEU A . n 
A 1 108 ILE 108 122 122 ILE ILE A . n 
A 1 109 THR 109 123 123 THR THR A . n 
A 1 110 PRO 110 124 124 PRO PRO A . n 
A 1 111 PHE 111 125 125 PHE PHE A . n 
A 1 112 VAL 112 126 126 VAL VAL A . n 
A 1 113 GLY 113 127 127 GLY GLY A . n 
A 1 114 LEU 114 128 128 LEU LEU A . n 
A 1 115 ILE 115 129 129 ILE ILE A . n 
A 1 116 ASP 116 130 130 ASP ASP A . n 
A 1 117 HIS 117 131 131 HIS HIS A . n 
A 1 118 ASN 118 132 132 ASN ASN A . n 
A 1 119 PHE 119 133 133 PHE PHE A . n 
A 1 120 GLN 120 134 134 GLN GLN A . n 
A 1 121 ALA 121 135 135 ALA ALA A . n 
A 1 122 GLN 122 136 136 GLN GLN A . n 
A 1 123 PRO 123 137 137 PRO PRO A . n 
A 1 124 ASN 124 138 138 ASN ASN A . n 
A 1 125 PRO 125 139 139 PRO PRO A . n 
A 1 126 ALA 126 140 140 ALA ALA A . n 
A 1 127 GLU 127 141 141 GLU GLU A . n 
A 1 128 VAL 128 142 142 VAL VAL A . n 
A 1 129 LYS 129 143 143 LYS LYS A . n 
A 1 130 ASP 130 144 144 ASP ASP A . n 
A 1 131 VAL 131 145 145 VAL VAL A . n 
A 1 132 PHE 132 146 146 PHE PHE A . n 
A 1 133 LEU 133 147 147 LEU LEU A . n 
A 1 134 VAL 134 148 148 VAL VAL A . n 
A 1 135 PRO 135 149 149 PRO PRO A . n 
A 1 136 LEU 136 150 150 LEU LEU A . n 
A 1 137 ALA 137 151 151 ALA ALA A . n 
A 1 138 TYR 138 152 152 TYR TYR A . n 
A 1 139 PHE 139 153 153 PHE PHE A . n 
A 1 140 LEU 140 154 154 LEU LEU A . n 
A 1 141 HIS 141 155 155 HIS HIS A . n 
A 1 142 PRO 142 156 156 PRO PRO A . n 
A 1 143 GLN 143 157 157 GLN GLN A . n 
A 1 144 VAL 144 158 158 VAL VAL A . n 
A 1 145 HIS 145 159 159 HIS HIS A . n 
A 1 146 ASP 146 160 160 ASP ASP A . n 
A 1 147 GLN 147 161 161 GLN GLN A . n 
A 1 148 HIS 148 162 ?   ?   ?   A . n 
A 1 149 TYR 149 163 ?   ?   ?   A . n 
A 1 150 VAL 150 164 ?   ?   ?   A . n 
A 1 151 THR 151 165 ?   ?   ?   A . n 
A 1 152 ARG 152 166 ?   ?   ?   A . n 
A 1 153 LEU 153 167 ?   ?   ?   A . n 
A 1 154 GLY 154 168 ?   ?   ?   A . n 
A 1 155 HIS 155 169 ?   ?   ?   A . n 
A 1 156 ARG 156 170 ?   ?   ?   A . n 
A 1 157 PHE 157 171 ?   ?   ?   A . n 
A 1 158 ILE 158 172 172 ILE ILE A . n 
A 1 159 ASN 159 173 173 ASN ASN A . n 
A 1 160 HIS 160 174 174 HIS HIS A . n 
A 1 161 ILE 161 175 175 ILE ILE A . n 
A 1 162 PHE 162 176 176 PHE PHE A . n 
A 1 163 GLU 163 177 177 GLU GLU A . n 
A 1 164 TYR 164 178 178 TYR TYR A . n 
A 1 165 THR 165 179 179 THR THR A . n 
A 1 166 ASN 166 180 180 ASN ASN A . n 
A 1 167 PRO 167 181 181 PRO PRO A . n 
A 1 168 GLU 168 182 182 GLU GLU A . n 
A 1 169 ASP 169 183 183 ASP ASP A . n 
A 1 170 GLY 170 184 184 GLY GLY A . n 
A 1 171 VAL 171 185 185 VAL VAL A . n 
A 1 172 THR 172 186 186 THR THR A . n 
A 1 173 TYR 173 187 187 TYR TYR A . n 
A 1 174 GLN 174 188 188 GLN GLN A . n 
A 1 175 ILE 175 189 189 ILE ILE A . n 
A 1 176 LYS 176 190 190 LYS LYS A . n 
A 1 177 GLY 177 191 191 GLY GLY A . n 
A 1 178 MET 178 192 192 MET MET A . n 
A 1 179 THR 179 193 193 THR THR A . n 
A 1 180 ALA 180 194 194 ALA ALA A . n 
A 1 181 ASN 181 195 195 ASN ASN A . n 
A 1 182 LEU 182 196 196 LEU LEU A . n 
A 1 183 ALA 183 197 197 ALA ALA A . n 
A 1 184 VAL 184 198 198 VAL VAL A . n 
A 1 185 LEU 185 199 199 LEU LEU A . n 
A 1 186 VAL 186 200 200 VAL VAL A . n 
A 1 187 ALA 187 201 201 ALA ALA A . n 
A 1 188 PHE 188 202 202 PHE PHE A . n 
A 1 189 ILE 189 203 203 ILE ILE A . n 
A 1 190 ILE 190 204 204 ILE ILE A . n 
A 1 191 LEU 191 205 205 LEU LEU A . n 
A 1 192 GLU 192 206 206 GLU GLU A . n 
A 1 193 LYS 193 207 207 LYS LYS A . n 
A 1 194 LYS 194 208 208 LYS LYS A . n 
A 1 195 PRO 195 209 209 PRO PRO A . n 
A 1 196 THR 196 210 210 THR THR A . n 
# 
loop_
_pdbx_nonpoly_scheme.asym_id 
_pdbx_nonpoly_scheme.entity_id 
_pdbx_nonpoly_scheme.mon_id 
_pdbx_nonpoly_scheme.ndb_seq_num 
_pdbx_nonpoly_scheme.pdb_seq_num 
_pdbx_nonpoly_scheme.auth_seq_num 
_pdbx_nonpoly_scheme.pdb_mon_id 
_pdbx_nonpoly_scheme.auth_mon_id 
_pdbx_nonpoly_scheme.pdb_strand_id 
_pdbx_nonpoly_scheme.pdb_ins_code 
B 2 ACT 1   301 1   ACT ACT A . 
C 2 ACT 1   302 2   ACT ACT A . 
D 3 DMS 1   303 1   DMS DMS A . 
E 3 DMS 1   304 2   DMS DMS A . 
F 4 H2G 1   305 1   H2G LIG A . 
G 5 HOH 1   401 9   HOH HOH A . 
G 5 HOH 2   402 69  HOH HOH A . 
G 5 HOH 3   403 199 HOH HOH A . 
G 5 HOH 4   404 143 HOH HOH A . 
G 5 HOH 5   405 140 HOH HOH A . 
G 5 HOH 6   406 89  HOH HOH A . 
G 5 HOH 7   407 53  HOH HOH A . 
G 5 HOH 8   408 80  HOH HOH A . 
G 5 HOH 9   409 109 HOH HOH A . 
G 5 HOH 10  410 124 HOH HOH A . 
G 5 HOH 11  411 77  HOH HOH A . 
G 5 HOH 12  412 94  HOH HOH A . 
G 5 HOH 13  413 134 HOH HOH A . 
G 5 HOH 14  414 156 HOH HOH A . 
G 5 HOH 15  415 13  HOH HOH A . 
G 5 HOH 16  416 101 HOH HOH A . 
G 5 HOH 17  417 113 HOH HOH A . 
G 5 HOH 18  418 157 HOH HOH A . 
G 5 HOH 19  419 128 HOH HOH A . 
G 5 HOH 20  420 76  HOH HOH A . 
G 5 HOH 21  421 167 HOH HOH A . 
G 5 HOH 22  422 97  HOH HOH A . 
G 5 HOH 23  423 48  HOH HOH A . 
G 5 HOH 24  424 137 HOH HOH A . 
G 5 HOH 25  425 166 HOH HOH A . 
G 5 HOH 26  426 38  HOH HOH A . 
G 5 HOH 27  427 51  HOH HOH A . 
G 5 HOH 28  428 105 HOH HOH A . 
G 5 HOH 29  429 62  HOH HOH A . 
G 5 HOH 30  430 75  HOH HOH A . 
G 5 HOH 31  431 162 HOH HOH A . 
G 5 HOH 32  432 79  HOH HOH A . 
G 5 HOH 33  433 85  HOH HOH A . 
G 5 HOH 34  434 112 HOH HOH A . 
G 5 HOH 35  435 193 HOH HOH A . 
G 5 HOH 36  436 197 HOH HOH A . 
G 5 HOH 37  437 99  HOH HOH A . 
G 5 HOH 38  438 35  HOH HOH A . 
G 5 HOH 39  439 64  HOH HOH A . 
G 5 HOH 40  440 158 HOH HOH A . 
G 5 HOH 41  441 36  HOH HOH A . 
G 5 HOH 42  442 6   HOH HOH A . 
G 5 HOH 43  443 26  HOH HOH A . 
G 5 HOH 44  444 47  HOH HOH A . 
G 5 HOH 45  445 176 HOH HOH A . 
G 5 HOH 46  446 118 HOH HOH A . 
G 5 HOH 47  447 20  HOH HOH A . 
G 5 HOH 48  448 8   HOH HOH A . 
G 5 HOH 49  449 19  HOH HOH A . 
G 5 HOH 50  450 39  HOH HOH A . 
G 5 HOH 51  451 146 HOH HOH A . 
G 5 HOH 52  452 153 HOH HOH A . 
G 5 HOH 53  453 104 HOH HOH A . 
G 5 HOH 54  454 11  HOH HOH A . 
G 5 HOH 55  455 78  HOH HOH A . 
G 5 HOH 56  456 10  HOH HOH A . 
G 5 HOH 57  457 25  HOH HOH A . 
G 5 HOH 58  458 14  HOH HOH A . 
G 5 HOH 59  459 1   HOH HOH A . 
G 5 HOH 60  460 103 HOH HOH A . 
G 5 HOH 61  461 179 HOH HOH A . 
G 5 HOH 62  462 15  HOH HOH A . 
G 5 HOH 63  463 117 HOH HOH A . 
G 5 HOH 64  464 108 HOH HOH A . 
G 5 HOH 65  465 161 HOH HOH A . 
G 5 HOH 66  466 22  HOH HOH A . 
G 5 HOH 67  467 187 HOH HOH A . 
G 5 HOH 68  468 183 HOH HOH A . 
G 5 HOH 69  469 152 HOH HOH A . 
G 5 HOH 70  470 34  HOH HOH A . 
G 5 HOH 71  471 159 HOH HOH A . 
G 5 HOH 72  472 12  HOH HOH A . 
G 5 HOH 73  473 61  HOH HOH A . 
G 5 HOH 74  474 49  HOH HOH A . 
G 5 HOH 75  475 58  HOH HOH A . 
G 5 HOH 76  476 24  HOH HOH A . 
G 5 HOH 77  477 18  HOH HOH A . 
G 5 HOH 78  478 2   HOH HOH A . 
G 5 HOH 79  479 198 HOH HOH A . 
G 5 HOH 80  480 7   HOH HOH A . 
G 5 HOH 81  481 106 HOH HOH A . 
G 5 HOH 82  482 55  HOH HOH A . 
G 5 HOH 83  483 116 HOH HOH A . 
G 5 HOH 84  484 37  HOH HOH A . 
G 5 HOH 85  485 28  HOH HOH A . 
G 5 HOH 86  486 40  HOH HOH A . 
G 5 HOH 87  487 139 HOH HOH A . 
G 5 HOH 88  488 45  HOH HOH A . 
G 5 HOH 89  489 186 HOH HOH A . 
G 5 HOH 90  490 43  HOH HOH A . 
G 5 HOH 91  491 56  HOH HOH A . 
G 5 HOH 92  492 17  HOH HOH A . 
G 5 HOH 93  493 154 HOH HOH A . 
G 5 HOH 94  494 72  HOH HOH A . 
G 5 HOH 95  495 42  HOH HOH A . 
G 5 HOH 96  496 125 HOH HOH A . 
G 5 HOH 97  497 27  HOH HOH A . 
G 5 HOH 98  498 110 HOH HOH A . 
G 5 HOH 99  499 145 HOH HOH A . 
G 5 HOH 100 500 98  HOH HOH A . 
G 5 HOH 101 501 111 HOH HOH A . 
G 5 HOH 102 502 31  HOH HOH A . 
G 5 HOH 103 503 21  HOH HOH A . 
G 5 HOH 104 504 121 HOH HOH A . 
G 5 HOH 105 505 149 HOH HOH A . 
G 5 HOH 106 506 138 HOH HOH A . 
G 5 HOH 107 507 30  HOH HOH A . 
G 5 HOH 108 508 5   HOH HOH A . 
G 5 HOH 109 509 23  HOH HOH A . 
G 5 HOH 110 510 141 HOH HOH A . 
G 5 HOH 111 511 71  HOH HOH A . 
G 5 HOH 112 512 191 HOH HOH A . 
G 5 HOH 113 513 59  HOH HOH A . 
G 5 HOH 114 514 96  HOH HOH A . 
G 5 HOH 115 515 196 HOH HOH A . 
G 5 HOH 116 516 46  HOH HOH A . 
G 5 HOH 117 517 170 HOH HOH A . 
G 5 HOH 118 518 184 HOH HOH A . 
G 5 HOH 119 519 63  HOH HOH A . 
G 5 HOH 120 520 182 HOH HOH A . 
G 5 HOH 121 521 50  HOH HOH A . 
G 5 HOH 122 522 155 HOH HOH A . 
G 5 HOH 123 523 126 HOH HOH A . 
G 5 HOH 124 524 160 HOH HOH A . 
G 5 HOH 125 525 119 HOH HOH A . 
G 5 HOH 126 526 173 HOH HOH A . 
G 5 HOH 127 527 175 HOH HOH A . 
G 5 HOH 128 528 129 HOH HOH A . 
G 5 HOH 129 529 91  HOH HOH A . 
G 5 HOH 130 530 66  HOH HOH A . 
G 5 HOH 131 531 88  HOH HOH A . 
G 5 HOH 132 532 147 HOH HOH A . 
G 5 HOH 133 533 122 HOH HOH A . 
G 5 HOH 134 534 57  HOH HOH A . 
G 5 HOH 135 535 169 HOH HOH A . 
G 5 HOH 136 536 172 HOH HOH A . 
G 5 HOH 137 537 82  HOH HOH A . 
G 5 HOH 138 538 29  HOH HOH A . 
G 5 HOH 139 539 174 HOH HOH A . 
G 5 HOH 140 540 177 HOH HOH A . 
G 5 HOH 141 541 144 HOH HOH A . 
G 5 HOH 142 542 123 HOH HOH A . 
G 5 HOH 143 543 16  HOH HOH A . 
G 5 HOH 144 544 44  HOH HOH A . 
G 5 HOH 145 545 168 HOH HOH A . 
G 5 HOH 146 546 90  HOH HOH A . 
G 5 HOH 147 547 86  HOH HOH A . 
G 5 HOH 148 548 192 HOH HOH A . 
G 5 HOH 149 549 185 HOH HOH A . 
G 5 HOH 150 550 190 HOH HOH A . 
G 5 HOH 151 551 181 HOH HOH A . 
G 5 HOH 152 552 65  HOH HOH A . 
G 5 HOH 153 553 180 HOH HOH A . 
G 5 HOH 154 554 131 HOH HOH A . 
G 5 HOH 155 555 194 HOH HOH A . 
G 5 HOH 156 556 132 HOH HOH A . 
G 5 HOH 157 557 188 HOH HOH A . 
G 5 HOH 158 558 195 HOH HOH A . 
G 5 HOH 159 559 165 HOH HOH A . 
G 5 HOH 160 560 127 HOH HOH A . 
G 5 HOH 161 561 148 HOH HOH A . 
G 5 HOH 162 562 171 HOH HOH A . 
G 5 HOH 163 563 130 HOH HOH A . 
G 5 HOH 164 564 68  HOH HOH A . 
G 5 HOH 165 565 164 HOH HOH A . 
G 5 HOH 166 566 115 HOH HOH A . 
# 
loop_
_pdbx_struct_mod_residue.id 
_pdbx_struct_mod_residue.label_asym_id 
_pdbx_struct_mod_residue.label_comp_id 
_pdbx_struct_mod_residue.label_seq_id 
_pdbx_struct_mod_residue.auth_asym_id 
_pdbx_struct_mod_residue.auth_comp_id 
_pdbx_struct_mod_residue.auth_seq_id 
_pdbx_struct_mod_residue.PDB_ins_code 
_pdbx_struct_mod_residue.parent_comp_id 
_pdbx_struct_mod_residue.details 
1 A HYP 88 A HYP 102 ? PRO 'modified residue' 
2 A CSO 95 A CSO 109 ? CYS 'modified residue' 
# 
_pdbx_struct_assembly.id                   1 
_pdbx_struct_assembly.details              author_and_software_defined_assembly 
_pdbx_struct_assembly.method_details       PISA 
_pdbx_struct_assembly.oligomeric_details   monomeric 
_pdbx_struct_assembly.oligomeric_count     1 
# 
_pdbx_struct_assembly_gen.assembly_id       1 
_pdbx_struct_assembly_gen.oper_expression   1 
_pdbx_struct_assembly_gen.asym_id_list      A,B,C,D,E,F,G 
# 
loop_
_pdbx_struct_assembly_prop.biol_id 
_pdbx_struct_assembly_prop.type 
_pdbx_struct_assembly_prop.value 
_pdbx_struct_assembly_prop.details 
1 'ABSA (A^2)' 750   ? 
1 MORE         5     ? 
1 'SSA (A^2)'  10290 ? 
# 
_pdbx_struct_oper_list.id                   1 
_pdbx_struct_oper_list.type                 'identity operation' 
_pdbx_struct_oper_list.name                 1_555 
_pdbx_struct_oper_list.symmetry_operation   x,y,z 
_pdbx_struct_oper_list.matrix[1][1]         1.0000000000 
_pdbx_struct_oper_list.matrix[1][2]         0.0000000000 
_pdbx_struct_oper_list.matrix[1][3]         0.0000000000 
_pdbx_struct_oper_list.vector[1]            0.0000000000 
_pdbx_struct_oper_list.matrix[2][1]         0.0000000000 
_pdbx_struct_oper_list.matrix[2][2]         1.0000000000 
_pdbx_struct_oper_list.matrix[2][3]         0.0000000000 
_pdbx_struct_oper_list.vector[2]            0.0000000000 
_pdbx_struct_oper_list.matrix[3][1]         0.0000000000 
_pdbx_struct_oper_list.matrix[3][2]         0.0000000000 
_pdbx_struct_oper_list.matrix[3][3]         1.0000000000 
_pdbx_struct_oper_list.vector[3]            0.0000000000 
# 
loop_
_pdbx_audit_revision_history.ordinal 
_pdbx_audit_revision_history.data_content_type 
_pdbx_audit_revision_history.major_revision 
_pdbx_audit_revision_history.minor_revision 
_pdbx_audit_revision_history.revision_date 
1 'Structure model' 1 0 2019-03-27 
2 'Structure model' 1 1 2023-11-15 
# 
_pdbx_audit_revision_details.ordinal             1 
_pdbx_audit_revision_details.revision_ordinal    1 
_pdbx_audit_revision_details.data_content_type   'Structure model' 
_pdbx_audit_revision_details.provider            repository 
_pdbx_audit_revision_details.type                'Initial release' 
_pdbx_audit_revision_details.description         ? 
_pdbx_audit_revision_details.details             ? 
# 
loop_
_pdbx_audit_revision_group.ordinal 
_pdbx_audit_revision_group.revision_ordinal 
_pdbx_audit_revision_group.data_content_type 
_pdbx_audit_revision_group.group 
1 2 'Structure model' 'Data collection'     
2 2 'Structure model' 'Database references' 
# 
loop_
_pdbx_audit_revision_category.ordinal 
_pdbx_audit_revision_category.revision_ordinal 
_pdbx_audit_revision_category.data_content_type 
_pdbx_audit_revision_category.category 
1 2 'Structure model' chem_comp_atom 
2 2 'Structure model' chem_comp_bond 
3 2 'Structure model' database_2     
# 
loop_
_pdbx_audit_revision_item.ordinal 
_pdbx_audit_revision_item.revision_ordinal 
_pdbx_audit_revision_item.data_content_type 
_pdbx_audit_revision_item.item 
1 2 'Structure model' '_database_2.pdbx_DOI'                
2 2 'Structure model' '_database_2.pdbx_database_accession' 
# 
_phasing.method   MR 
# 
loop_
_software.pdbx_ordinal 
_software.name 
_software.version 
_software.date 
_software.type 
_software.contact_author 
_software.contact_author_email 
_software.classification 
_software.location 
_software.language 
_software.citation_id 
1 REFMAC      5.8.0189 ?               program 'Garib N. Murshudov' garib@ysbl.york.ac.uk    refinement        
http://www.ccp4.ac.uk/dist/html/refmac5.html        Fortran_77 ? 
2 Aimless     0.5.31   12/12/16        program 'Phil Evans'         ?                        'data scaling'    
http://www.mrc-lmb.cam.ac.uk/harry/pre/aimless.html ?          ? 
3 PDB_EXTRACT 3.23     'SEP. 23, 2016' package PDB                  deposit@deposit.rcsb.org 'data extraction' 
http://sw-tools.pdb.org/apps/PDB_EXTRACT/           C++        ? 
4 XDS         .        ?               program ?                    ?                        'data reduction'  ? ?          ? 
5 REFMAC      .        ?               program ?                    ?                        phasing           ? ?          ? 
# 
_pdbx_validate_symm_contact.id                1 
_pdbx_validate_symm_contact.PDB_model_num     1 
_pdbx_validate_symm_contact.auth_atom_id_1    O 
_pdbx_validate_symm_contact.auth_asym_id_1    A 
_pdbx_validate_symm_contact.auth_comp_id_1    HOH 
_pdbx_validate_symm_contact.auth_seq_id_1     467 
_pdbx_validate_symm_contact.PDB_ins_code_1    ? 
_pdbx_validate_symm_contact.label_alt_id_1    ? 
_pdbx_validate_symm_contact.site_symmetry_1   1_555 
_pdbx_validate_symm_contact.auth_atom_id_2    O 
_pdbx_validate_symm_contact.auth_asym_id_2    A 
_pdbx_validate_symm_contact.auth_comp_id_2    HOH 
_pdbx_validate_symm_contact.auth_seq_id_2     467 
_pdbx_validate_symm_contact.PDB_ins_code_2    ? 
_pdbx_validate_symm_contact.label_alt_id_2    ? 
_pdbx_validate_symm_contact.site_symmetry_2   6_559 
_pdbx_validate_symm_contact.dist              1.40 
# 
loop_
_pdbx_validate_torsion.id 
_pdbx_validate_torsion.PDB_model_num 
_pdbx_validate_torsion.auth_comp_id 
_pdbx_validate_torsion.auth_asym_id 
_pdbx_validate_torsion.auth_seq_id 
_pdbx_validate_torsion.PDB_ins_code 
_pdbx_validate_torsion.label_alt_id 
_pdbx_validate_torsion.phi 
_pdbx_validate_torsion.psi 
1 1 ARG A 66  ? ? -68.08 -70.45 
2 1 ALA A 68  ? ? 36.55  59.53  
3 1 THR A 118 ? ? 67.90  -14.49 
# 
loop_
_pdbx_unobs_or_zero_occ_atoms.id 
_pdbx_unobs_or_zero_occ_atoms.PDB_model_num 
_pdbx_unobs_or_zero_occ_atoms.polymer_flag 
_pdbx_unobs_or_zero_occ_atoms.occupancy_flag 
_pdbx_unobs_or_zero_occ_atoms.auth_asym_id 
_pdbx_unobs_or_zero_occ_atoms.auth_comp_id 
_pdbx_unobs_or_zero_occ_atoms.auth_seq_id 
_pdbx_unobs_or_zero_occ_atoms.PDB_ins_code 
_pdbx_unobs_or_zero_occ_atoms.auth_atom_id 
_pdbx_unobs_or_zero_occ_atoms.label_alt_id 
_pdbx_unobs_or_zero_occ_atoms.label_asym_id 
_pdbx_unobs_or_zero_occ_atoms.label_comp_id 
_pdbx_unobs_or_zero_occ_atoms.label_seq_id 
_pdbx_unobs_or_zero_occ_atoms.label_atom_id 
1 1 Y 1 A GLN 161 ? CG  ? A GLN 147 CG  
2 1 Y 1 A GLN 161 ? CD  ? A GLN 147 CD  
3 1 Y 1 A GLN 161 ? OE1 ? A GLN 147 OE1 
4 1 Y 1 A GLN 161 ? NE2 ? A GLN 147 NE2 
# 
loop_
_pdbx_unobs_or_zero_occ_residues.id 
_pdbx_unobs_or_zero_occ_residues.PDB_model_num 
_pdbx_unobs_or_zero_occ_residues.polymer_flag 
_pdbx_unobs_or_zero_occ_residues.occupancy_flag 
_pdbx_unobs_or_zero_occ_residues.auth_asym_id 
_pdbx_unobs_or_zero_occ_residues.auth_comp_id 
_pdbx_unobs_or_zero_occ_residues.auth_seq_id 
_pdbx_unobs_or_zero_occ_residues.PDB_ins_code 
_pdbx_unobs_or_zero_occ_residues.label_asym_id 
_pdbx_unobs_or_zero_occ_residues.label_comp_id 
_pdbx_unobs_or_zero_occ_residues.label_seq_id 
1  1 Y 1 A HIS 162 ? A HIS 148 
2  1 Y 1 A TYR 163 ? A TYR 149 
3  1 Y 1 A VAL 164 ? A VAL 150 
4  1 Y 1 A THR 165 ? A THR 151 
5  1 Y 1 A ARG 166 ? A ARG 152 
6  1 Y 1 A LEU 167 ? A LEU 153 
7  1 Y 1 A GLY 168 ? A GLY 154 
8  1 Y 1 A HIS 169 ? A HIS 155 
9  1 Y 1 A ARG 170 ? A ARG 156 
10 1 Y 1 A PHE 171 ? A PHE 157 
# 
loop_
_chem_comp_atom.comp_id 
_chem_comp_atom.atom_id 
_chem_comp_atom.type_symbol 
_chem_comp_atom.pdbx_aromatic_flag 
_chem_comp_atom.pdbx_stereo_config 
_chem_comp_atom.pdbx_ordinal 
ACT C    C N N 1   
ACT O    O N N 2   
ACT OXT  O N N 3   
ACT CH3  C N N 4   
ACT H1   H N N 5   
ACT H2   H N N 6   
ACT H3   H N N 7   
ALA N    N N N 8   
ALA CA   C N S 9   
ALA C    C N N 10  
ALA O    O N N 11  
ALA CB   C N N 12  
ALA OXT  O N N 13  
ALA H    H N N 14  
ALA H2   H N N 15  
ALA HA   H N N 16  
ALA HB1  H N N 17  
ALA HB2  H N N 18  
ALA HB3  H N N 19  
ALA HXT  H N N 20  
ARG N    N N N 21  
ARG CA   C N S 22  
ARG C    C N N 23  
ARG O    O N N 24  
ARG CB   C N N 25  
ARG CG   C N N 26  
ARG CD   C N N 27  
ARG NE   N N N 28  
ARG CZ   C N N 29  
ARG NH1  N N N 30  
ARG NH2  N N N 31  
ARG OXT  O N N 32  
ARG H    H N N 33  
ARG H2   H N N 34  
ARG HA   H N N 35  
ARG HB2  H N N 36  
ARG HB3  H N N 37  
ARG HG2  H N N 38  
ARG HG3  H N N 39  
ARG HD2  H N N 40  
ARG HD3  H N N 41  
ARG HE   H N N 42  
ARG HH11 H N N 43  
ARG HH12 H N N 44  
ARG HH21 H N N 45  
ARG HH22 H N N 46  
ARG HXT  H N N 47  
ASN N    N N N 48  
ASN CA   C N S 49  
ASN C    C N N 50  
ASN O    O N N 51  
ASN CB   C N N 52  
ASN CG   C N N 53  
ASN OD1  O N N 54  
ASN ND2  N N N 55  
ASN OXT  O N N 56  
ASN H    H N N 57  
ASN H2   H N N 58  
ASN HA   H N N 59  
ASN HB2  H N N 60  
ASN HB3  H N N 61  
ASN HD21 H N N 62  
ASN HD22 H N N 63  
ASN HXT  H N N 64  
ASP N    N N N 65  
ASP CA   C N S 66  
ASP C    C N N 67  
ASP O    O N N 68  
ASP CB   C N N 69  
ASP CG   C N N 70  
ASP OD1  O N N 71  
ASP OD2  O N N 72  
ASP OXT  O N N 73  
ASP H    H N N 74  
ASP H2   H N N 75  
ASP HA   H N N 76  
ASP HB2  H N N 77  
ASP HB3  H N N 78  
ASP HD2  H N N 79  
ASP HXT  H N N 80  
CSO N    N N N 81  
CSO CA   C N R 82  
CSO CB   C N N 83  
CSO SG   S N N 84  
CSO C    C N N 85  
CSO O    O N N 86  
CSO OXT  O N N 87  
CSO OD   O N N 88  
CSO H    H N N 89  
CSO H2   H N N 90  
CSO HA   H N N 91  
CSO HB2  H N N 92  
CSO HB3  H N N 93  
CSO HXT  H N N 94  
CSO HD   H N N 95  
CYS N    N N N 96  
CYS CA   C N R 97  
CYS C    C N N 98  
CYS O    O N N 99  
CYS CB   C N N 100 
CYS SG   S N N 101 
CYS OXT  O N N 102 
CYS H    H N N 103 
CYS H2   H N N 104 
CYS HA   H N N 105 
CYS HB2  H N N 106 
CYS HB3  H N N 107 
CYS HG   H N N 108 
CYS HXT  H N N 109 
DMS S    S N N 110 
DMS O    O N N 111 
DMS C1   C N N 112 
DMS C2   C N N 113 
DMS H11  H N N 114 
DMS H12  H N N 115 
DMS H13  H N N 116 
DMS H21  H N N 117 
DMS H22  H N N 118 
DMS H23  H N N 119 
GLN N    N N N 120 
GLN CA   C N S 121 
GLN C    C N N 122 
GLN O    O N N 123 
GLN CB   C N N 124 
GLN CG   C N N 125 
GLN CD   C N N 126 
GLN OE1  O N N 127 
GLN NE2  N N N 128 
GLN OXT  O N N 129 
GLN H    H N N 130 
GLN H2   H N N 131 
GLN HA   H N N 132 
GLN HB2  H N N 133 
GLN HB3  H N N 134 
GLN HG2  H N N 135 
GLN HG3  H N N 136 
GLN HE21 H N N 137 
GLN HE22 H N N 138 
GLN HXT  H N N 139 
GLU N    N N N 140 
GLU CA   C N S 141 
GLU C    C N N 142 
GLU O    O N N 143 
GLU CB   C N N 144 
GLU CG   C N N 145 
GLU CD   C N N 146 
GLU OE1  O N N 147 
GLU OE2  O N N 148 
GLU OXT  O N N 149 
GLU H    H N N 150 
GLU H2   H N N 151 
GLU HA   H N N 152 
GLU HB2  H N N 153 
GLU HB3  H N N 154 
GLU HG2  H N N 155 
GLU HG3  H N N 156 
GLU HE2  H N N 157 
GLU HXT  H N N 158 
GLY N    N N N 159 
GLY CA   C N N 160 
GLY C    C N N 161 
GLY O    O N N 162 
GLY OXT  O N N 163 
GLY H    H N N 164 
GLY H2   H N N 165 
GLY HA2  H N N 166 
GLY HA3  H N N 167 
GLY HXT  H N N 168 
H2G N1   N N N 169 
H2G C4   C N N 170 
H2G C5   C Y N 171 
H2G C6   C Y N 172 
H2G C7   C Y N 173 
H2G C8   C Y N 174 
H2G C1   C N N 175 
H2G C2   C N S 176 
H2G C3   C N N 177 
H2G O1   O N N 178 
H2G S1   S Y N 179 
H2G C9   C N N 180 
H2G H1   H N N 181 
H2G H3   H N N 182 
H2G H4   H N N 183 
H2G H5   H N N 184 
H2G H6   H N N 185 
H2G H7   H N N 186 
H2G H8   H N N 187 
H2G H9   H N N 188 
H2G H10  H N N 189 
H2G H11  H N N 190 
H2G H12  H N N 191 
H2G H13  H N N 192 
H2G H14  H N N 193 
H2G H15  H N N 194 
H2G H16  H N N 195 
HIS N    N N N 196 
HIS CA   C N S 197 
HIS C    C N N 198 
HIS O    O N N 199 
HIS CB   C N N 200 
HIS CG   C Y N 201 
HIS ND1  N Y N 202 
HIS CD2  C Y N 203 
HIS CE1  C Y N 204 
HIS NE2  N Y N 205 
HIS OXT  O N N 206 
HIS H    H N N 207 
HIS H2   H N N 208 
HIS HA   H N N 209 
HIS HB2  H N N 210 
HIS HB3  H N N 211 
HIS HD1  H N N 212 
HIS HD2  H N N 213 
HIS HE1  H N N 214 
HIS HE2  H N N 215 
HIS HXT  H N N 216 
HOH O    O N N 217 
HOH H1   H N N 218 
HOH H2   H N N 219 
HYP N    N N N 220 
HYP CA   C N S 221 
HYP C    C N N 222 
HYP O    O N N 223 
HYP CB   C N N 224 
HYP CG   C N R 225 
HYP CD   C N N 226 
HYP OD1  O N N 227 
HYP OXT  O N N 228 
HYP H    H N N 229 
HYP HA   H N N 230 
HYP HB2  H N N 231 
HYP HB3  H N N 232 
HYP HG   H N N 233 
HYP HD22 H N N 234 
HYP HD23 H N N 235 
HYP HD1  H N N 236 
HYP HXT  H N N 237 
ILE N    N N N 238 
ILE CA   C N S 239 
ILE C    C N N 240 
ILE O    O N N 241 
ILE CB   C N S 242 
ILE CG1  C N N 243 
ILE CG2  C N N 244 
ILE CD1  C N N 245 
ILE OXT  O N N 246 
ILE H    H N N 247 
ILE H2   H N N 248 
ILE HA   H N N 249 
ILE HB   H N N 250 
ILE HG12 H N N 251 
ILE HG13 H N N 252 
ILE HG21 H N N 253 
ILE HG22 H N N 254 
ILE HG23 H N N 255 
ILE HD11 H N N 256 
ILE HD12 H N N 257 
ILE HD13 H N N 258 
ILE HXT  H N N 259 
LEU N    N N N 260 
LEU CA   C N S 261 
LEU C    C N N 262 
LEU O    O N N 263 
LEU CB   C N N 264 
LEU CG   C N N 265 
LEU CD1  C N N 266 
LEU CD2  C N N 267 
LEU OXT  O N N 268 
LEU H    H N N 269 
LEU H2   H N N 270 
LEU HA   H N N 271 
LEU HB2  H N N 272 
LEU HB3  H N N 273 
LEU HG   H N N 274 
LEU HD11 H N N 275 
LEU HD12 H N N 276 
LEU HD13 H N N 277 
LEU HD21 H N N 278 
LEU HD22 H N N 279 
LEU HD23 H N N 280 
LEU HXT  H N N 281 
LYS N    N N N 282 
LYS CA   C N S 283 
LYS C    C N N 284 
LYS O    O N N 285 
LYS CB   C N N 286 
LYS CG   C N N 287 
LYS CD   C N N 288 
LYS CE   C N N 289 
LYS NZ   N N N 290 
LYS OXT  O N N 291 
LYS H    H N N 292 
LYS H2   H N N 293 
LYS HA   H N N 294 
LYS HB2  H N N 295 
LYS HB3  H N N 296 
LYS HG2  H N N 297 
LYS HG3  H N N 298 
LYS HD2  H N N 299 
LYS HD3  H N N 300 
LYS HE2  H N N 301 
LYS HE3  H N N 302 
LYS HZ1  H N N 303 
LYS HZ2  H N N 304 
LYS HZ3  H N N 305 
LYS HXT  H N N 306 
MET N    N N N 307 
MET CA   C N S 308 
MET C    C N N 309 
MET O    O N N 310 
MET CB   C N N 311 
MET CG   C N N 312 
MET SD   S N N 313 
MET CE   C N N 314 
MET OXT  O N N 315 
MET H    H N N 316 
MET H2   H N N 317 
MET HA   H N N 318 
MET HB2  H N N 319 
MET HB3  H N N 320 
MET HG2  H N N 321 
MET HG3  H N N 322 
MET HE1  H N N 323 
MET HE2  H N N 324 
MET HE3  H N N 325 
MET HXT  H N N 326 
PHE N    N N N 327 
PHE CA   C N S 328 
PHE C    C N N 329 
PHE O    O N N 330 
PHE CB   C N N 331 
PHE CG   C Y N 332 
PHE CD1  C Y N 333 
PHE CD2  C Y N 334 
PHE CE1  C Y N 335 
PHE CE2  C Y N 336 
PHE CZ   C Y N 337 
PHE OXT  O N N 338 
PHE H    H N N 339 
PHE H2   H N N 340 
PHE HA   H N N 341 
PHE HB2  H N N 342 
PHE HB3  H N N 343 
PHE HD1  H N N 344 
PHE HD2  H N N 345 
PHE HE1  H N N 346 
PHE HE2  H N N 347 
PHE HZ   H N N 348 
PHE HXT  H N N 349 
PRO N    N N N 350 
PRO CA   C N S 351 
PRO C    C N N 352 
PRO O    O N N 353 
PRO CB   C N N 354 
PRO CG   C N N 355 
PRO CD   C N N 356 
PRO OXT  O N N 357 
PRO H    H N N 358 
PRO HA   H N N 359 
PRO HB2  H N N 360 
PRO HB3  H N N 361 
PRO HG2  H N N 362 
PRO HG3  H N N 363 
PRO HD2  H N N 364 
PRO HD3  H N N 365 
PRO HXT  H N N 366 
SER N    N N N 367 
SER CA   C N S 368 
SER C    C N N 369 
SER O    O N N 370 
SER CB   C N N 371 
SER OG   O N N 372 
SER OXT  O N N 373 
SER H    H N N 374 
SER H2   H N N 375 
SER HA   H N N 376 
SER HB2  H N N 377 
SER HB3  H N N 378 
SER HG   H N N 379 
SER HXT  H N N 380 
THR N    N N N 381 
THR CA   C N S 382 
THR C    C N N 383 
THR O    O N N 384 
THR CB   C N R 385 
THR OG1  O N N 386 
THR CG2  C N N 387 
THR OXT  O N N 388 
THR H    H N N 389 
THR H2   H N N 390 
THR HA   H N N 391 
THR HB   H N N 392 
THR HG1  H N N 393 
THR HG21 H N N 394 
THR HG22 H N N 395 
THR HG23 H N N 396 
THR HXT  H N N 397 
TYR N    N N N 398 
TYR CA   C N S 399 
TYR C    C N N 400 
TYR O    O N N 401 
TYR CB   C N N 402 
TYR CG   C Y N 403 
TYR CD1  C Y N 404 
TYR CD2  C Y N 405 
TYR CE1  C Y N 406 
TYR CE2  C Y N 407 
TYR CZ   C Y N 408 
TYR OH   O N N 409 
TYR OXT  O N N 410 
TYR H    H N N 411 
TYR H2   H N N 412 
TYR HA   H N N 413 
TYR HB2  H N N 414 
TYR HB3  H N N 415 
TYR HD1  H N N 416 
TYR HD2  H N N 417 
TYR HE1  H N N 418 
TYR HE2  H N N 419 
TYR HH   H N N 420 
TYR HXT  H N N 421 
VAL N    N N N 422 
VAL CA   C N S 423 
VAL C    C N N 424 
VAL O    O N N 425 
VAL CB   C N N 426 
VAL CG1  C N N 427 
VAL CG2  C N N 428 
VAL OXT  O N N 429 
VAL H    H N N 430 
VAL H2   H N N 431 
VAL HA   H N N 432 
VAL HB   H N N 433 
VAL HG11 H N N 434 
VAL HG12 H N N 435 
VAL HG13 H N N 436 
VAL HG21 H N N 437 
VAL HG22 H N N 438 
VAL HG23 H N N 439 
VAL HXT  H N N 440 
# 
loop_
_chem_comp_bond.comp_id 
_chem_comp_bond.atom_id_1 
_chem_comp_bond.atom_id_2 
_chem_comp_bond.value_order 
_chem_comp_bond.pdbx_aromatic_flag 
_chem_comp_bond.pdbx_stereo_config 
_chem_comp_bond.pdbx_ordinal 
ACT C   O    doub N N 1   
ACT C   OXT  sing N N 2   
ACT C   CH3  sing N N 3   
ACT CH3 H1   sing N N 4   
ACT CH3 H2   sing N N 5   
ACT CH3 H3   sing N N 6   
ALA N   CA   sing N N 7   
ALA N   H    sing N N 8   
ALA N   H2   sing N N 9   
ALA CA  C    sing N N 10  
ALA CA  CB   sing N N 11  
ALA CA  HA   sing N N 12  
ALA C   O    doub N N 13  
ALA C   OXT  sing N N 14  
ALA CB  HB1  sing N N 15  
ALA CB  HB2  sing N N 16  
ALA CB  HB3  sing N N 17  
ALA OXT HXT  sing N N 18  
ARG N   CA   sing N N 19  
ARG N   H    sing N N 20  
ARG N   H2   sing N N 21  
ARG CA  C    sing N N 22  
ARG CA  CB   sing N N 23  
ARG CA  HA   sing N N 24  
ARG C   O    doub N N 25  
ARG C   OXT  sing N N 26  
ARG CB  CG   sing N N 27  
ARG CB  HB2  sing N N 28  
ARG CB  HB3  sing N N 29  
ARG CG  CD   sing N N 30  
ARG CG  HG2  sing N N 31  
ARG CG  HG3  sing N N 32  
ARG CD  NE   sing N N 33  
ARG CD  HD2  sing N N 34  
ARG CD  HD3  sing N N 35  
ARG NE  CZ   sing N N 36  
ARG NE  HE   sing N N 37  
ARG CZ  NH1  sing N N 38  
ARG CZ  NH2  doub N N 39  
ARG NH1 HH11 sing N N 40  
ARG NH1 HH12 sing N N 41  
ARG NH2 HH21 sing N N 42  
ARG NH2 HH22 sing N N 43  
ARG OXT HXT  sing N N 44  
ASN N   CA   sing N N 45  
ASN N   H    sing N N 46  
ASN N   H2   sing N N 47  
ASN CA  C    sing N N 48  
ASN CA  CB   sing N N 49  
ASN CA  HA   sing N N 50  
ASN C   O    doub N N 51  
ASN C   OXT  sing N N 52  
ASN CB  CG   sing N N 53  
ASN CB  HB2  sing N N 54  
ASN CB  HB3  sing N N 55  
ASN CG  OD1  doub N N 56  
ASN CG  ND2  sing N N 57  
ASN ND2 HD21 sing N N 58  
ASN ND2 HD22 sing N N 59  
ASN OXT HXT  sing N N 60  
ASP N   CA   sing N N 61  
ASP N   H    sing N N 62  
ASP N   H2   sing N N 63  
ASP CA  C    sing N N 64  
ASP CA  CB   sing N N 65  
ASP CA  HA   sing N N 66  
ASP C   O    doub N N 67  
ASP C   OXT  sing N N 68  
ASP CB  CG   sing N N 69  
ASP CB  HB2  sing N N 70  
ASP CB  HB3  sing N N 71  
ASP CG  OD1  doub N N 72  
ASP CG  OD2  sing N N 73  
ASP OD2 HD2  sing N N 74  
ASP OXT HXT  sing N N 75  
CSO N   CA   sing N N 76  
CSO N   H    sing N N 77  
CSO N   H2   sing N N 78  
CSO CA  CB   sing N N 79  
CSO CA  C    sing N N 80  
CSO CA  HA   sing N N 81  
CSO CB  SG   sing N N 82  
CSO CB  HB2  sing N N 83  
CSO CB  HB3  sing N N 84  
CSO SG  OD   sing N N 85  
CSO C   O    doub N N 86  
CSO C   OXT  sing N N 87  
CSO OXT HXT  sing N N 88  
CSO OD  HD   sing N N 89  
CYS N   CA   sing N N 90  
CYS N   H    sing N N 91  
CYS N   H2   sing N N 92  
CYS CA  C    sing N N 93  
CYS CA  CB   sing N N 94  
CYS CA  HA   sing N N 95  
CYS C   O    doub N N 96  
CYS C   OXT  sing N N 97  
CYS CB  SG   sing N N 98  
CYS CB  HB2  sing N N 99  
CYS CB  HB3  sing N N 100 
CYS SG  HG   sing N N 101 
CYS OXT HXT  sing N N 102 
DMS S   O    doub N N 103 
DMS S   C1   sing N N 104 
DMS S   C2   sing N N 105 
DMS C1  H11  sing N N 106 
DMS C1  H12  sing N N 107 
DMS C1  H13  sing N N 108 
DMS C2  H21  sing N N 109 
DMS C2  H22  sing N N 110 
DMS C2  H23  sing N N 111 
GLN N   CA   sing N N 112 
GLN N   H    sing N N 113 
GLN N   H2   sing N N 114 
GLN CA  C    sing N N 115 
GLN CA  CB   sing N N 116 
GLN CA  HA   sing N N 117 
GLN C   O    doub N N 118 
GLN C   OXT  sing N N 119 
GLN CB  CG   sing N N 120 
GLN CB  HB2  sing N N 121 
GLN CB  HB3  sing N N 122 
GLN CG  CD   sing N N 123 
GLN CG  HG2  sing N N 124 
GLN CG  HG3  sing N N 125 
GLN CD  OE1  doub N N 126 
GLN CD  NE2  sing N N 127 
GLN NE2 HE21 sing N N 128 
GLN NE2 HE22 sing N N 129 
GLN OXT HXT  sing N N 130 
GLU N   CA   sing N N 131 
GLU N   H    sing N N 132 
GLU N   H2   sing N N 133 
GLU CA  C    sing N N 134 
GLU CA  CB   sing N N 135 
GLU CA  HA   sing N N 136 
GLU C   O    doub N N 137 
GLU C   OXT  sing N N 138 
GLU CB  CG   sing N N 139 
GLU CB  HB2  sing N N 140 
GLU CB  HB3  sing N N 141 
GLU CG  CD   sing N N 142 
GLU CG  HG2  sing N N 143 
GLU CG  HG3  sing N N 144 
GLU CD  OE1  doub N N 145 
GLU CD  OE2  sing N N 146 
GLU OE2 HE2  sing N N 147 
GLU OXT HXT  sing N N 148 
GLY N   CA   sing N N 149 
GLY N   H    sing N N 150 
GLY N   H2   sing N N 151 
GLY CA  C    sing N N 152 
GLY CA  HA2  sing N N 153 
GLY CA  HA3  sing N N 154 
GLY C   O    doub N N 155 
GLY C   OXT  sing N N 156 
GLY OXT HXT  sing N N 157 
H2G C9  C6   sing N N 158 
H2G C6  C7   doub Y N 159 
H2G C6  S1   sing Y N 160 
H2G C7  C8   sing Y N 161 
H2G S1  C5   sing Y N 162 
H2G C8  C5   doub Y N 163 
H2G C5  C4   sing N N 164 
H2G C4  N1   sing N N 165 
H2G N1  C3   sing N N 166 
H2G C3  C2   sing N N 167 
H2G C2  C1   sing N N 168 
H2G C2  O1   sing N N 169 
H2G N1  H1   sing N N 170 
H2G C4  H3   sing N N 171 
H2G C4  H4   sing N N 172 
H2G C7  H5   sing N N 173 
H2G C8  H6   sing N N 174 
H2G C1  H7   sing N N 175 
H2G C1  H8   sing N N 176 
H2G C1  H9   sing N N 177 
H2G C2  H10  sing N N 178 
H2G C3  H11  sing N N 179 
H2G C3  H12  sing N N 180 
H2G O1  H13  sing N N 181 
H2G C9  H14  sing N N 182 
H2G C9  H15  sing N N 183 
H2G C9  H16  sing N N 184 
HIS N   CA   sing N N 185 
HIS N   H    sing N N 186 
HIS N   H2   sing N N 187 
HIS CA  C    sing N N 188 
HIS CA  CB   sing N N 189 
HIS CA  HA   sing N N 190 
HIS C   O    doub N N 191 
HIS C   OXT  sing N N 192 
HIS CB  CG   sing N N 193 
HIS CB  HB2  sing N N 194 
HIS CB  HB3  sing N N 195 
HIS CG  ND1  sing Y N 196 
HIS CG  CD2  doub Y N 197 
HIS ND1 CE1  doub Y N 198 
HIS ND1 HD1  sing N N 199 
HIS CD2 NE2  sing Y N 200 
HIS CD2 HD2  sing N N 201 
HIS CE1 NE2  sing Y N 202 
HIS CE1 HE1  sing N N 203 
HIS NE2 HE2  sing N N 204 
HIS OXT HXT  sing N N 205 
HOH O   H1   sing N N 206 
HOH O   H2   sing N N 207 
HYP N   CA   sing N N 208 
HYP N   CD   sing N N 209 
HYP N   H    sing N N 210 
HYP CA  C    sing N N 211 
HYP CA  CB   sing N N 212 
HYP CA  HA   sing N N 213 
HYP C   O    doub N N 214 
HYP C   OXT  sing N N 215 
HYP CB  CG   sing N N 216 
HYP CB  HB2  sing N N 217 
HYP CB  HB3  sing N N 218 
HYP CG  CD   sing N N 219 
HYP CG  OD1  sing N N 220 
HYP CG  HG   sing N N 221 
HYP CD  HD22 sing N N 222 
HYP CD  HD23 sing N N 223 
HYP OD1 HD1  sing N N 224 
HYP OXT HXT  sing N N 225 
ILE N   CA   sing N N 226 
ILE N   H    sing N N 227 
ILE N   H2   sing N N 228 
ILE CA  C    sing N N 229 
ILE CA  CB   sing N N 230 
ILE CA  HA   sing N N 231 
ILE C   O    doub N N 232 
ILE C   OXT  sing N N 233 
ILE CB  CG1  sing N N 234 
ILE CB  CG2  sing N N 235 
ILE CB  HB   sing N N 236 
ILE CG1 CD1  sing N N 237 
ILE CG1 HG12 sing N N 238 
ILE CG1 HG13 sing N N 239 
ILE CG2 HG21 sing N N 240 
ILE CG2 HG22 sing N N 241 
ILE CG2 HG23 sing N N 242 
ILE CD1 HD11 sing N N 243 
ILE CD1 HD12 sing N N 244 
ILE CD1 HD13 sing N N 245 
ILE OXT HXT  sing N N 246 
LEU N   CA   sing N N 247 
LEU N   H    sing N N 248 
LEU N   H2   sing N N 249 
LEU CA  C    sing N N 250 
LEU CA  CB   sing N N 251 
LEU CA  HA   sing N N 252 
LEU C   O    doub N N 253 
LEU C   OXT  sing N N 254 
LEU CB  CG   sing N N 255 
LEU CB  HB2  sing N N 256 
LEU CB  HB3  sing N N 257 
LEU CG  CD1  sing N N 258 
LEU CG  CD2  sing N N 259 
LEU CG  HG   sing N N 260 
LEU CD1 HD11 sing N N 261 
LEU CD1 HD12 sing N N 262 
LEU CD1 HD13 sing N N 263 
LEU CD2 HD21 sing N N 264 
LEU CD2 HD22 sing N N 265 
LEU CD2 HD23 sing N N 266 
LEU OXT HXT  sing N N 267 
LYS N   CA   sing N N 268 
LYS N   H    sing N N 269 
LYS N   H2   sing N N 270 
LYS CA  C    sing N N 271 
LYS CA  CB   sing N N 272 
LYS CA  HA   sing N N 273 
LYS C   O    doub N N 274 
LYS C   OXT  sing N N 275 
LYS CB  CG   sing N N 276 
LYS CB  HB2  sing N N 277 
LYS CB  HB3  sing N N 278 
LYS CG  CD   sing N N 279 
LYS CG  HG2  sing N N 280 
LYS CG  HG3  sing N N 281 
LYS CD  CE   sing N N 282 
LYS CD  HD2  sing N N 283 
LYS CD  HD3  sing N N 284 
LYS CE  NZ   sing N N 285 
LYS CE  HE2  sing N N 286 
LYS CE  HE3  sing N N 287 
LYS NZ  HZ1  sing N N 288 
LYS NZ  HZ2  sing N N 289 
LYS NZ  HZ3  sing N N 290 
LYS OXT HXT  sing N N 291 
MET N   CA   sing N N 292 
MET N   H    sing N N 293 
MET N   H2   sing N N 294 
MET CA  C    sing N N 295 
MET CA  CB   sing N N 296 
MET CA  HA   sing N N 297 
MET C   O    doub N N 298 
MET C   OXT  sing N N 299 
MET CB  CG   sing N N 300 
MET CB  HB2  sing N N 301 
MET CB  HB3  sing N N 302 
MET CG  SD   sing N N 303 
MET CG  HG2  sing N N 304 
MET CG  HG3  sing N N 305 
MET SD  CE   sing N N 306 
MET CE  HE1  sing N N 307 
MET CE  HE2  sing N N 308 
MET CE  HE3  sing N N 309 
MET OXT HXT  sing N N 310 
PHE N   CA   sing N N 311 
PHE N   H    sing N N 312 
PHE N   H2   sing N N 313 
PHE CA  C    sing N N 314 
PHE CA  CB   sing N N 315 
PHE CA  HA   sing N N 316 
PHE C   O    doub N N 317 
PHE C   OXT  sing N N 318 
PHE CB  CG   sing N N 319 
PHE CB  HB2  sing N N 320 
PHE CB  HB3  sing N N 321 
PHE CG  CD1  doub Y N 322 
PHE CG  CD2  sing Y N 323 
PHE CD1 CE1  sing Y N 324 
PHE CD1 HD1  sing N N 325 
PHE CD2 CE2  doub Y N 326 
PHE CD2 HD2  sing N N 327 
PHE CE1 CZ   doub Y N 328 
PHE CE1 HE1  sing N N 329 
PHE CE2 CZ   sing Y N 330 
PHE CE2 HE2  sing N N 331 
PHE CZ  HZ   sing N N 332 
PHE OXT HXT  sing N N 333 
PRO N   CA   sing N N 334 
PRO N   CD   sing N N 335 
PRO N   H    sing N N 336 
PRO CA  C    sing N N 337 
PRO CA  CB   sing N N 338 
PRO CA  HA   sing N N 339 
PRO C   O    doub N N 340 
PRO C   OXT  sing N N 341 
PRO CB  CG   sing N N 342 
PRO CB  HB2  sing N N 343 
PRO CB  HB3  sing N N 344 
PRO CG  CD   sing N N 345 
PRO CG  HG2  sing N N 346 
PRO CG  HG3  sing N N 347 
PRO CD  HD2  sing N N 348 
PRO CD  HD3  sing N N 349 
PRO OXT HXT  sing N N 350 
SER N   CA   sing N N 351 
SER N   H    sing N N 352 
SER N   H2   sing N N 353 
SER CA  C    sing N N 354 
SER CA  CB   sing N N 355 
SER CA  HA   sing N N 356 
SER C   O    doub N N 357 
SER C   OXT  sing N N 358 
SER CB  OG   sing N N 359 
SER CB  HB2  sing N N 360 
SER CB  HB3  sing N N 361 
SER OG  HG   sing N N 362 
SER OXT HXT  sing N N 363 
THR N   CA   sing N N 364 
THR N   H    sing N N 365 
THR N   H2   sing N N 366 
THR CA  C    sing N N 367 
THR CA  CB   sing N N 368 
THR CA  HA   sing N N 369 
THR C   O    doub N N 370 
THR C   OXT  sing N N 371 
THR CB  OG1  sing N N 372 
THR CB  CG2  sing N N 373 
THR CB  HB   sing N N 374 
THR OG1 HG1  sing N N 375 
THR CG2 HG21 sing N N 376 
THR CG2 HG22 sing N N 377 
THR CG2 HG23 sing N N 378 
THR OXT HXT  sing N N 379 
TYR N   CA   sing N N 380 
TYR N   H    sing N N 381 
TYR N   H2   sing N N 382 
TYR CA  C    sing N N 383 
TYR CA  CB   sing N N 384 
TYR CA  HA   sing N N 385 
TYR C   O    doub N N 386 
TYR C   OXT  sing N N 387 
TYR CB  CG   sing N N 388 
TYR CB  HB2  sing N N 389 
TYR CB  HB3  sing N N 390 
TYR CG  CD1  doub Y N 391 
TYR CG  CD2  sing Y N 392 
TYR CD1 CE1  sing Y N 393 
TYR CD1 HD1  sing N N 394 
TYR CD2 CE2  doub Y N 395 
TYR CD2 HD2  sing N N 396 
TYR CE1 CZ   doub Y N 397 
TYR CE1 HE1  sing N N 398 
TYR CE2 CZ   sing Y N 399 
TYR CE2 HE2  sing N N 400 
TYR CZ  OH   sing N N 401 
TYR OH  HH   sing N N 402 
TYR OXT HXT  sing N N 403 
VAL N   CA   sing N N 404 
VAL N   H    sing N N 405 
VAL N   H2   sing N N 406 
VAL CA  C    sing N N 407 
VAL CA  CB   sing N N 408 
VAL CA  HA   sing N N 409 
VAL C   O    doub N N 410 
VAL C   OXT  sing N N 411 
VAL CB  CG1  sing N N 412 
VAL CB  CG2  sing N N 413 
VAL CB  HB   sing N N 414 
VAL CG1 HG11 sing N N 415 
VAL CG1 HG12 sing N N 416 
VAL CG1 HG13 sing N N 417 
VAL CG2 HG21 sing N N 418 
VAL CG2 HG22 sing N N 419 
VAL CG2 HG23 sing N N 420 
VAL OXT HXT  sing N N 421 
# 
_pdbx_deposit_group.group_id            G_1002045 
_pdbx_deposit_group.group_description   
;human NUDT7 screened against the 3D-Fragment Consortium Library by X-ray Crystallography at the XChem facility of Diamond Light Source beamline I04-1
;
_pdbx_deposit_group.group_title         'PanDDA analysis group deposition of models with modelled events (e.g. bound ligands)' 
_pdbx_deposit_group.group_type          'changed state' 
# 
loop_
_pdbx_entity_nonpoly.entity_id 
_pdbx_entity_nonpoly.name 
_pdbx_entity_nonpoly.comp_id 
2 'ACETATE ION'                                              ACT 
3 'DIMETHYL SULFOXIDE'                                       DMS 
4 '(2S)-1-{[(5-methylthiophen-2-yl)methyl]amino}propan-2-ol' H2G 
5 water                                                      HOH 
# 
_pdbx_related_exp_data_set.ordinal              1 
_pdbx_related_exp_data_set.data_reference       10.5281/zenodo.1244111 
_pdbx_related_exp_data_set.metadata_reference   10.5281/zenodo.1244111 
_pdbx_related_exp_data_set.data_set_type        'other data' 
_pdbx_related_exp_data_set.details              'Complete PanDDA analysis' 
# 
